data_1JUH
#
_entry.id   1JUH
#
_cell.length_a   108.550
_cell.length_b   55.780
_cell.length_c   123.680
_cell.angle_alpha   90.00
_cell.angle_beta   98.31
_cell.angle_gamma   90.00
#
_symmetry.space_group_name_H-M   'P 1 21 1'
#
loop_
_entity.id
_entity.type
_entity.pdbx_description
1 polymer 'quercetin 2,3-dioxygenase'
2 branched alpha-D-mannopyranose-(1-2)-alpha-D-mannopyranose-(1-3)-[alpha-D-mannopyranose-(1-3)-alpha-D-mannopyranose-(1-6)]beta-D-mannopyranose-(1-4)-2-acetamido-2-deoxy-beta-D-glucopyranose-(1-4)-2-acetamido-2-deoxy-beta-D-glucopyranose
3 branched alpha-D-mannopyranose-(1-3)-beta-D-mannopyranose-(1-4)-2-acetamido-2-deoxy-beta-D-glucopyranose-(1-4)-2-acetamido-2-deoxy-beta-D-glucopyranose
4 branched alpha-D-mannopyranose-(1-6)-beta-D-mannopyranose-(1-4)-2-acetamido-2-deoxy-beta-D-glucopyranose-(1-4)-2-acetamido-2-deoxy-beta-D-glucopyranose
5 branched 2-acetamido-2-deoxy-beta-D-glucopyranose-(1-4)-2-acetamido-2-deoxy-beta-D-glucopyranose
6 non-polymer 2-acetamido-2-deoxy-beta-D-glucopyranose
7 non-polymer 'COPPER (II) ION'
8 non-polymer 1,2-ETHANEDIOL
9 water water
#
_entity_poly.entity_id   1
_entity_poly.type   'polypeptide(L)'
_entity_poly.pdbx_seq_one_letter_code
;DTSSLIVEDAPDHVRPYVIRHYSHARAVTVDTQLYRFYVTGPSSGYAFTLMGTNAPHSDALGVLPHIHQKHYENFYCNKG
SFQLWAQSGNETQQTRVLSSGDYGSVPRNVTHTFQIQDPDTEMTGVIVPGGFEDLFYYLGTNATDTTHTPYIPSSSDSSS
TTGPDSSTISTLQSFDVYAELSFTPRTDTVNGTAPANTVWHTGANALASTAGDPYFIANGWGPKYLNSQYGYQIVAPFVT
ATQAQDTNYTLSTISMSTTPSTVTVPTWSFPGACAFQVQEGRVVVQIGDYAATELGSGDVAFIPGGVEFKYYSEAYFSKV
LFVSSGSDGLDQNLVNGGEEWSSVSFPADW
;
_entity_poly.pdbx_strand_id   A,B,C,D
#
# COMPACT_ATOMS: atom_id res chain seq x y z
N SER A 3 -15.24 -32.72 -30.24
CA SER A 3 -14.77 -31.52 -31.00
C SER A 3 -14.57 -30.31 -30.09
N SER A 4 -15.55 -30.04 -29.24
CA SER A 4 -15.53 -28.94 -28.27
C SER A 4 -14.17 -28.83 -27.55
N LEU A 5 -13.79 -27.63 -27.17
CA LEU A 5 -12.50 -27.40 -26.52
C LEU A 5 -12.33 -28.07 -25.16
N ILE A 6 -13.37 -28.01 -24.34
CA ILE A 6 -13.34 -28.55 -22.99
C ILE A 6 -13.68 -30.02 -22.99
N VAL A 7 -12.82 -30.81 -22.35
CA VAL A 7 -12.98 -32.26 -22.29
C VAL A 7 -13.00 -32.72 -20.83
N GLU A 8 -13.62 -33.88 -20.60
CA GLU A 8 -13.71 -34.41 -19.24
C GLU A 8 -12.56 -35.39 -18.92
N ASP A 9 -11.93 -35.92 -19.97
CA ASP A 9 -10.79 -36.83 -19.87
C ASP A 9 -9.85 -36.38 -20.97
N ALA A 10 -8.55 -36.46 -20.76
CA ALA A 10 -7.59 -36.05 -21.79
C ALA A 10 -7.83 -36.85 -23.08
N PRO A 11 -7.70 -36.21 -24.26
CA PRO A 11 -7.90 -36.90 -25.55
C PRO A 11 -6.90 -38.04 -25.79
N ASP A 12 -7.23 -38.96 -26.71
CA ASP A 12 -6.34 -40.06 -27.02
C ASP A 12 -5.37 -39.73 -28.16
N HIS A 13 -5.31 -38.46 -28.52
CA HIS A 13 -4.43 -37.95 -29.57
C HIS A 13 -4.15 -36.47 -29.33
N VAL A 14 -3.17 -35.92 -30.04
CA VAL A 14 -2.79 -34.52 -29.87
C VAL A 14 -3.78 -33.53 -30.48
N ARG A 15 -4.29 -32.62 -29.65
CA ARG A 15 -5.24 -31.61 -30.11
C ARG A 15 -5.36 -30.55 -29.01
N PRO A 16 -5.83 -29.35 -29.35
CA PRO A 16 -5.97 -28.31 -28.33
C PRO A 16 -7.12 -28.72 -27.40
N TYR A 17 -6.98 -28.47 -26.11
CA TYR A 17 -8.10 -28.74 -25.20
C TYR A 17 -7.91 -28.06 -23.86
N VAL A 18 -9.01 -27.99 -23.13
CA VAL A 18 -9.01 -27.44 -21.80
C VAL A 18 -9.71 -28.50 -20.96
N ILE A 19 -9.20 -28.75 -19.76
CA ILE A 19 -9.83 -29.73 -18.88
C ILE A 19 -9.90 -29.05 -17.51
N ARG A 20 -11.13 -28.96 -16.99
CA ARG A 20 -11.38 -28.30 -15.73
C ARG A 20 -10.85 -29.06 -14.51
N HIS A 21 -10.51 -28.31 -13.48
CA HIS A 21 -10.03 -28.89 -12.23
C HIS A 21 -11.02 -29.95 -11.74
N TYR A 22 -10.49 -31.08 -11.31
CA TYR A 22 -11.31 -32.18 -10.79
C TYR A 22 -12.21 -32.87 -11.81
N SER A 23 -11.92 -32.70 -13.10
CA SER A 23 -12.66 -33.43 -14.13
C SER A 23 -12.30 -34.90 -13.89
N HIS A 24 -13.05 -35.82 -14.48
CA HIS A 24 -12.76 -37.23 -14.28
C HIS A 24 -11.29 -37.56 -14.58
N ALA A 25 -10.81 -37.11 -15.73
CA ALA A 25 -9.41 -37.29 -16.10
C ALA A 25 -8.81 -38.67 -15.78
N ARG A 26 -9.50 -39.72 -16.23
CA ARG A 26 -9.08 -41.11 -16.03
C ARG A 26 -8.68 -41.38 -14.59
N ALA A 27 -9.51 -40.92 -13.66
CA ALA A 27 -9.20 -41.07 -12.25
C ALA A 27 -8.94 -42.49 -11.79
N VAL A 28 -8.00 -42.64 -10.87
CA VAL A 28 -7.72 -43.94 -10.26
C VAL A 28 -7.41 -43.62 -8.80
N THR A 29 -7.55 -44.60 -7.93
CA THR A 29 -7.21 -44.44 -6.54
C THR A 29 -6.17 -45.49 -6.19
N VAL A 30 -5.27 -45.13 -5.28
CA VAL A 30 -4.28 -46.05 -4.71
C VAL A 30 -4.46 -45.74 -3.23
N ASP A 31 -5.09 -46.67 -2.51
CA ASP A 31 -5.40 -46.48 -1.10
C ASP A 31 -6.21 -45.18 -0.97
N THR A 32 -5.77 -44.22 -0.16
CA THR A 32 -6.53 -42.98 0.01
C THR A 32 -6.25 -41.88 -1.02
N GLN A 33 -5.27 -42.11 -1.88
CA GLN A 33 -4.87 -41.13 -2.88
C GLN A 33 -5.69 -41.22 -4.17
N LEU A 34 -6.15 -40.07 -4.69
CA LEU A 34 -6.90 -40.07 -5.95
C LEU A 34 -6.06 -39.29 -6.97
N TYR A 35 -5.77 -39.97 -8.09
CA TYR A 35 -4.96 -39.41 -9.18
C TYR A 35 -5.79 -39.01 -10.40
N ARG A 36 -5.47 -37.85 -10.97
CA ARG A 36 -6.14 -37.35 -12.18
C ARG A 36 -5.06 -37.03 -13.20
N PHE A 37 -5.32 -37.38 -14.45
CA PHE A 37 -4.33 -37.17 -15.50
C PHE A 37 -4.85 -36.15 -16.50
N TYR A 38 -4.47 -34.89 -16.25
CA TYR A 38 -4.92 -33.77 -17.07
C TYR A 38 -4.23 -33.75 -18.45
N VAL A 39 -2.95 -34.09 -18.47
CA VAL A 39 -2.19 -34.21 -19.73
C VAL A 39 -1.50 -35.58 -19.65
N THR A 40 -1.67 -36.38 -20.70
CA THR A 40 -1.13 -37.73 -20.73
C THR A 40 -0.15 -37.89 -21.88
N GLY A 41 0.47 -39.06 -21.96
CA GLY A 41 1.39 -39.31 -23.07
C GLY A 41 0.62 -39.20 -24.38
N PRO A 42 -0.49 -39.93 -24.52
CA PRO A 42 -1.27 -39.86 -25.75
C PRO A 42 -1.76 -38.44 -26.09
N SER A 43 -2.24 -37.69 -25.10
CA SER A 43 -2.77 -36.36 -25.37
C SER A 43 -1.70 -35.34 -25.72
N SER A 44 -0.46 -35.59 -25.30
CA SER A 44 0.64 -34.65 -25.60
C SER A 44 1.66 -35.18 -26.60
N GLY A 45 1.39 -36.32 -27.24
CA GLY A 45 2.36 -36.88 -28.17
C GLY A 45 3.60 -37.29 -27.41
N TYR A 46 3.38 -37.72 -26.16
CA TYR A 46 4.42 -38.16 -25.23
C TYR A 46 5.42 -37.11 -24.78
N ALA A 47 5.07 -35.84 -24.94
CA ALA A 47 5.93 -34.73 -24.51
C ALA A 47 6.04 -34.71 -22.98
N PHE A 48 4.91 -34.84 -22.30
CA PHE A 48 4.92 -34.80 -20.83
C PHE A 48 3.58 -35.23 -20.25
N THR A 49 3.57 -35.43 -18.94
CA THR A 49 2.36 -35.78 -18.22
C THR A 49 2.14 -34.67 -17.17
N LEU A 50 0.88 -34.22 -17.01
CA LEU A 50 0.56 -33.21 -15.99
C LEU A 50 -0.60 -33.89 -15.24
N MET A 51 -0.36 -34.21 -13.99
CA MET A 51 -1.34 -34.93 -13.19
C MET A 51 -1.56 -34.27 -11.84
N GLY A 52 -2.69 -34.60 -11.22
CA GLY A 52 -2.98 -34.06 -9.91
C GLY A 52 -3.30 -35.20 -8.97
N THR A 53 -2.79 -35.11 -7.74
CA THR A 53 -3.02 -36.14 -6.71
C THR A 53 -3.67 -35.44 -5.52
N ASN A 54 -4.83 -35.92 -5.08
CA ASN A 54 -5.46 -35.33 -3.91
C ASN A 54 -5.48 -36.40 -2.86
N ALA A 55 -5.17 -36.03 -1.63
CA ALA A 55 -5.12 -37.02 -0.56
C ALA A 55 -5.20 -36.41 0.81
N PRO A 56 -5.67 -37.20 1.80
CA PRO A 56 -5.76 -36.72 3.18
C PRO A 56 -4.44 -36.96 3.91
N HIS A 57 -4.39 -36.48 5.14
CA HIS A 57 -3.21 -36.69 5.97
C HIS A 57 -2.95 -38.19 6.12
N SER A 58 -1.69 -38.59 6.08
CA SER A 58 -1.33 -39.99 6.29
C SER A 58 -0.17 -40.03 7.27
N ASP A 59 -0.13 -41.07 8.11
CA ASP A 59 0.97 -41.23 9.06
C ASP A 59 2.07 -42.07 8.42
N ALA A 60 1.82 -42.56 7.20
CA ALA A 60 2.81 -43.37 6.49
C ALA A 60 3.25 -42.74 5.17
N LEU A 61 4.38 -43.21 4.65
CA LEU A 61 4.88 -42.71 3.35
C LEU A 61 3.81 -42.96 2.27
N GLY A 62 3.74 -42.03 1.33
CA GLY A 62 2.77 -42.15 0.26
C GLY A 62 3.21 -43.06 -0.87
N VAL A 63 4.49 -43.44 -0.85
CA VAL A 63 5.04 -44.32 -1.87
C VAL A 63 6.36 -44.88 -1.33
N LEU A 64 6.75 -46.06 -1.77
CA LEU A 64 8.02 -46.57 -1.28
C LEU A 64 9.14 -45.84 -1.99
N PRO A 65 10.27 -45.61 -1.32
CA PRO A 65 11.42 -44.92 -1.95
C PRO A 65 11.76 -45.58 -3.29
N HIS A 66 12.03 -44.79 -4.33
CA HIS A 66 12.33 -45.37 -5.61
C HIS A 66 13.02 -44.35 -6.51
N ILE A 67 13.48 -44.81 -7.66
CA ILE A 67 14.07 -43.94 -8.68
C ILE A 67 13.42 -44.27 -10.02
N HIS A 68 13.51 -43.32 -10.95
CA HIS A 68 13.05 -43.49 -12.32
C HIS A 68 14.34 -43.27 -13.08
N GLN A 69 14.71 -44.19 -13.97
CA GLN A 69 15.94 -44.01 -14.75
C GLN A 69 15.73 -43.19 -16.02
N LYS A 70 14.48 -43.13 -16.48
CA LYS A 70 14.18 -42.43 -17.72
C LYS A 70 13.15 -41.30 -17.61
N HIS A 71 12.69 -41.01 -16.40
CA HIS A 71 11.72 -39.93 -16.24
C HIS A 71 12.12 -38.93 -15.19
N TYR A 72 11.87 -37.65 -15.49
CA TYR A 72 12.18 -36.54 -14.59
C TYR A 72 10.86 -36.22 -13.90
N GLU A 73 10.85 -36.28 -12.57
CA GLU A 73 9.65 -36.00 -11.80
C GLU A 73 9.72 -34.63 -11.19
N ASN A 74 8.57 -33.98 -11.09
CA ASN A 74 8.44 -32.64 -10.54
C ASN A 74 7.23 -32.58 -9.63
N PHE A 75 7.43 -32.11 -8.40
CA PHE A 75 6.37 -32.00 -7.40
C PHE A 75 6.03 -30.54 -7.12
N TYR A 76 4.76 -30.20 -7.32
CA TYR A 76 4.32 -28.84 -7.06
C TYR A 76 3.12 -28.93 -6.12
N CYS A 77 3.17 -28.19 -5.02
CA CYS A 77 2.09 -28.21 -4.05
C CYS A 77 1.01 -27.17 -4.39
N ASN A 78 -0.15 -27.66 -4.80
CA ASN A 78 -1.25 -26.75 -5.15
C ASN A 78 -1.91 -26.19 -3.88
N LYS A 79 -2.10 -27.06 -2.89
CA LYS A 79 -2.68 -26.68 -1.62
C LYS A 79 -2.35 -27.75 -0.58
N GLY A 80 -2.57 -27.45 0.70
CA GLY A 80 -2.23 -28.40 1.74
C GLY A 80 -0.72 -28.46 1.92
N SER A 81 -0.19 -29.63 2.26
CA SER A 81 1.23 -29.78 2.44
C SER A 81 1.66 -31.24 2.45
N PHE A 82 2.86 -31.48 1.95
CA PHE A 82 3.39 -32.84 1.97
C PHE A 82 4.90 -32.74 2.08
N GLN A 83 5.51 -33.77 2.64
CA GLN A 83 6.95 -33.76 2.76
C GLN A 83 7.53 -34.57 1.61
N LEU A 84 8.68 -34.12 1.11
CA LEU A 84 9.35 -34.79 -0.01
C LEU A 84 10.81 -35.02 0.42
N TRP A 85 11.31 -36.23 0.16
CA TRP A 85 12.70 -36.61 0.50
C TRP A 85 13.37 -36.97 -0.83
N ALA A 86 14.64 -36.58 -1.01
CA ALA A 86 15.31 -36.89 -2.24
C ALA A 86 16.81 -37.00 -2.00
N GLN A 87 17.48 -37.84 -2.80
CA GLN A 87 18.93 -38.00 -2.69
C GLN A 87 19.52 -38.47 -3.99
N SER A 88 20.63 -37.85 -4.37
CA SER A 88 21.33 -38.22 -5.61
C SER A 88 22.71 -38.77 -5.28
N GLY A 89 22.99 -39.97 -5.77
CA GLY A 89 24.30 -40.58 -5.56
C GLY A 89 24.91 -40.42 -4.18
N ASN A 90 26.11 -39.83 -4.13
CA ASN A 90 26.84 -39.62 -2.88
C ASN A 90 26.52 -38.32 -2.15
N GLU A 91 25.55 -37.57 -2.66
CA GLU A 91 25.20 -36.31 -2.02
C GLU A 91 24.34 -36.53 -0.78
N THR A 92 24.28 -35.52 0.09
CA THR A 92 23.51 -35.59 1.32
C THR A 92 22.02 -35.70 0.98
N GLN A 93 21.28 -36.49 1.77
CA GLN A 93 19.85 -36.63 1.56
C GLN A 93 19.18 -35.33 2.01
N GLN A 94 18.25 -34.83 1.18
CA GLN A 94 17.53 -33.58 1.44
C GLN A 94 16.04 -33.83 1.62
N THR A 95 15.40 -33.02 2.46
CA THR A 95 13.95 -33.14 2.63
C THR A 95 13.34 -31.78 2.98
N ARG A 96 12.14 -31.53 2.45
CA ARG A 96 11.45 -30.29 2.70
C ARG A 96 9.96 -30.59 2.83
N VAL A 97 9.29 -29.76 3.60
CA VAL A 97 7.85 -29.87 3.73
C VAL A 97 7.32 -28.77 2.79
N LEU A 98 6.67 -29.19 1.71
CA LEU A 98 6.13 -28.25 0.73
C LEU A 98 4.70 -27.82 1.08
N SER A 99 4.46 -26.52 1.10
CA SER A 99 3.13 -25.98 1.33
C SER A 99 2.74 -25.28 0.02
N SER A 100 1.57 -24.66 -0.03
CA SER A 100 1.05 -24.06 -1.27
C SER A 100 2.05 -23.24 -2.06
N GLY A 101 2.24 -23.60 -3.32
CA GLY A 101 3.16 -22.86 -4.18
C GLY A 101 4.60 -23.32 -4.15
N ASP A 102 4.93 -24.24 -3.25
CA ASP A 102 6.28 -24.77 -3.18
C ASP A 102 6.54 -25.81 -4.26
N TYR A 103 7.81 -25.97 -4.60
CA TYR A 103 8.24 -26.86 -5.66
C TYR A 103 9.45 -27.73 -5.30
N GLY A 104 9.44 -28.97 -5.78
CA GLY A 104 10.54 -29.91 -5.58
C GLY A 104 10.90 -30.57 -6.90
N SER A 105 12.18 -30.55 -7.27
CA SER A 105 12.63 -31.11 -8.54
C SER A 105 13.32 -32.45 -8.32
N VAL A 106 12.88 -33.49 -9.04
CA VAL A 106 13.47 -34.82 -8.86
C VAL A 106 13.96 -35.40 -10.19
N PRO A 107 15.20 -35.08 -10.57
CA PRO A 107 15.79 -35.58 -11.82
C PRO A 107 15.85 -37.11 -11.92
N ARG A 108 16.16 -37.62 -13.11
CA ARG A 108 16.32 -39.06 -13.30
C ARG A 108 17.40 -39.55 -12.35
N ASN A 109 17.24 -40.79 -11.89
CA ASN A 109 18.19 -41.44 -10.99
C ASN A 109 18.38 -40.82 -9.62
N VAL A 110 17.35 -40.13 -9.14
CA VAL A 110 17.37 -39.52 -7.82
C VAL A 110 16.35 -40.29 -6.96
N THR A 111 16.78 -40.81 -5.81
CA THR A 111 15.85 -41.56 -4.94
C THR A 111 14.91 -40.59 -4.25
N HIS A 112 13.63 -40.94 -4.17
CA HIS A 112 12.66 -40.05 -3.56
C HIS A 112 11.43 -40.77 -3.03
N THR A 113 10.72 -40.08 -2.14
CA THR A 113 9.45 -40.52 -1.57
C THR A 113 8.79 -39.26 -1.01
N PHE A 114 7.53 -39.38 -0.60
CA PHE A 114 6.79 -38.24 -0.08
C PHE A 114 5.79 -38.75 0.95
N GLN A 115 5.25 -37.83 1.75
CA GLN A 115 4.23 -38.16 2.76
C GLN A 115 3.27 -37.00 2.85
N ILE A 116 1.97 -37.28 2.76
CA ILE A 116 0.94 -36.24 2.82
C ILE A 116 0.70 -35.77 4.25
N GLN A 117 0.75 -34.47 4.48
CA GLN A 117 0.56 -33.92 5.83
C GLN A 117 -0.83 -33.33 6.12
N ASP A 118 -1.29 -32.41 5.28
CA ASP A 118 -2.58 -31.76 5.53
C ASP A 118 -3.81 -32.44 4.91
N PRO A 119 -4.99 -32.26 5.55
CA PRO A 119 -6.24 -32.85 5.09
C PRO A 119 -6.64 -32.56 3.65
N ASP A 120 -6.45 -31.32 3.22
CA ASP A 120 -6.83 -30.97 1.85
C ASP A 120 -5.57 -30.73 1.03
N THR A 121 -4.80 -31.79 0.82
CA THR A 121 -3.56 -31.67 0.06
C THR A 121 -3.71 -32.05 -1.42
N GLU A 122 -3.09 -31.24 -2.29
CA GLU A 122 -3.11 -31.51 -3.70
C GLU A 122 -1.71 -31.32 -4.25
N MET A 123 -1.22 -32.35 -4.92
CA MET A 123 0.12 -32.32 -5.53
C MET A 123 -0.07 -32.31 -7.03
N THR A 124 0.59 -31.41 -7.73
CA THR A 124 0.51 -31.42 -9.17
C THR A 124 1.84 -31.99 -9.60
N GLY A 125 1.78 -33.05 -10.39
CA GLY A 125 3.00 -33.69 -10.86
C GLY A 125 3.22 -33.45 -12.34
N VAL A 126 4.44 -33.10 -12.71
CA VAL A 126 4.80 -32.92 -14.13
C VAL A 126 5.93 -33.92 -14.36
N ILE A 127 5.69 -34.89 -15.24
CA ILE A 127 6.67 -35.94 -15.50
C ILE A 127 7.07 -35.88 -16.97
N VAL A 128 8.37 -35.93 -17.22
CA VAL A 128 8.89 -35.84 -18.56
C VAL A 128 9.87 -36.99 -18.81
N PRO A 129 9.74 -37.71 -19.94
CA PRO A 129 8.73 -37.50 -20.99
C PRO A 129 7.36 -38.02 -20.55
N GLY A 130 6.37 -37.86 -21.43
CA GLY A 130 5.02 -38.32 -21.11
C GLY A 130 4.84 -39.81 -21.21
N GLY A 131 3.74 -40.30 -20.61
CA GLY A 131 3.45 -41.72 -20.68
C GLY A 131 3.71 -42.56 -19.44
N PHE A 132 4.36 -41.98 -18.45
CA PHE A 132 4.68 -42.71 -17.22
C PHE A 132 3.40 -43.10 -16.49
N GLU A 133 2.33 -42.37 -16.73
CA GLU A 133 1.07 -42.60 -16.03
C GLU A 133 0.52 -44.02 -16.12
N ASP A 134 1.03 -44.81 -17.07
CA ASP A 134 0.62 -46.21 -17.18
C ASP A 134 0.84 -46.90 -15.83
N LEU A 135 1.86 -46.45 -15.11
CA LEU A 135 2.21 -47.02 -13.81
C LEU A 135 1.05 -46.81 -12.84
N PHE A 136 0.47 -45.61 -12.85
CA PHE A 136 -0.65 -45.34 -11.96
C PHE A 136 -1.90 -46.09 -12.39
N TYR A 137 -2.11 -46.23 -13.71
CA TYR A 137 -3.28 -47.03 -14.16
C TYR A 137 -3.11 -48.45 -13.61
N TYR A 138 -1.91 -48.99 -13.81
CA TYR A 138 -1.57 -50.36 -13.42
C TYR A 138 -1.79 -50.66 -11.93
N LEU A 139 -1.15 -49.87 -11.07
CA LEU A 139 -1.28 -50.06 -9.62
C LEU A 139 -2.59 -49.54 -9.05
N GLY A 140 -3.22 -48.60 -9.74
CA GLY A 140 -4.46 -48.04 -9.25
C GLY A 140 -5.72 -48.82 -9.59
N THR A 141 -6.81 -48.39 -8.95
CA THR A 141 -8.12 -48.96 -9.20
C THR A 141 -8.93 -47.83 -9.83
N ASN A 142 -9.58 -48.11 -10.94
CA ASN A 142 -10.38 -47.10 -11.59
C ASN A 142 -11.38 -46.50 -10.63
N ALA A 143 -11.60 -45.20 -10.76
CA ALA A 143 -12.55 -44.50 -9.90
C ALA A 143 -13.55 -43.73 -10.75
N THR A 144 -14.83 -43.93 -10.47
CA THR A 144 -15.87 -43.22 -11.21
C THR A 144 -16.06 -41.80 -10.65
N ASP A 145 -16.06 -41.68 -9.33
CA ASP A 145 -16.22 -40.40 -8.64
C ASP A 145 -17.26 -39.50 -9.31
N THR A 146 -18.51 -39.97 -9.26
CA THR A 146 -19.60 -39.25 -9.90
C THR A 146 -19.74 -37.79 -9.52
N THR A 147 -19.51 -37.47 -8.25
CA THR A 147 -19.66 -36.11 -7.77
C THR A 147 -18.44 -35.21 -7.99
N HIS A 148 -17.35 -35.81 -8.49
CA HIS A 148 -16.09 -35.08 -8.72
C HIS A 148 -15.48 -34.56 -7.41
N THR A 149 -15.69 -35.28 -6.29
CA THR A 149 -15.14 -34.85 -5.02
C THR A 149 -13.61 -35.00 -5.18
N PRO A 150 -12.83 -34.08 -4.58
CA PRO A 150 -11.36 -34.14 -4.72
C PRO A 150 -10.72 -35.50 -4.45
N TYR A 151 -11.06 -36.12 -3.33
CA TYR A 151 -10.59 -37.47 -3.04
C TYR A 151 -11.74 -38.15 -2.33
N ILE A 152 -11.72 -39.48 -2.31
CA ILE A 152 -12.82 -40.23 -1.68
C ILE A 152 -12.71 -40.15 -0.16
N PRO A 153 -13.73 -39.62 0.51
CA PRO A 153 -13.63 -39.52 1.97
C PRO A 153 -13.64 -40.87 2.70
N SER A 154 -13.07 -40.89 3.91
CA SER A 154 -13.05 -42.11 4.73
C SER A 154 -12.26 -41.93 6.04
N ILE A 169 9.50 -55.96 -6.96
CA ILE A 169 10.50 -54.95 -7.29
C ILE A 169 10.89 -55.03 -8.75
N SER A 170 11.33 -56.21 -9.18
CA SER A 170 11.72 -56.41 -10.57
C SER A 170 10.56 -56.01 -11.47
N THR A 171 9.36 -56.45 -11.11
CA THR A 171 8.17 -56.18 -11.89
C THR A 171 7.94 -54.73 -12.27
N LEU A 172 8.16 -53.80 -11.35
CA LEU A 172 7.91 -52.43 -11.74
C LEU A 172 8.99 -51.78 -12.59
N GLN A 173 10.11 -52.48 -12.81
CA GLN A 173 11.16 -51.91 -13.65
C GLN A 173 10.64 -51.62 -15.06
N SER A 174 9.65 -52.38 -15.50
CA SER A 174 9.08 -52.18 -16.84
C SER A 174 8.38 -50.83 -16.95
N PHE A 175 7.94 -50.29 -15.80
CA PHE A 175 7.25 -49.01 -15.77
C PHE A 175 8.23 -47.92 -15.33
N ASP A 176 9.52 -48.24 -15.36
CA ASP A 176 10.59 -47.32 -14.98
C ASP A 176 10.52 -46.91 -13.52
N VAL A 177 10.28 -47.90 -12.66
CA VAL A 177 10.25 -47.67 -11.22
C VAL A 177 11.24 -48.69 -10.63
N TYR A 178 12.26 -48.19 -9.96
CA TYR A 178 13.28 -49.05 -9.35
C TYR A 178 13.28 -48.84 -7.85
N ALA A 179 12.96 -49.89 -7.12
CA ALA A 179 12.90 -49.81 -5.67
C ALA A 179 14.26 -49.49 -5.07
N GLU A 180 14.25 -48.72 -3.98
CA GLU A 180 15.47 -48.35 -3.28
C GLU A 180 15.25 -48.67 -1.81
N LEU A 181 15.28 -49.97 -1.51
CA LEU A 181 15.07 -50.47 -0.15
C LEU A 181 16.10 -50.00 0.86
N SER A 182 17.26 -49.55 0.41
CA SER A 182 18.28 -49.10 1.35
C SER A 182 18.09 -47.65 1.77
N PHE A 183 17.12 -46.97 1.16
CA PHE A 183 16.88 -45.57 1.49
C PHE A 183 16.05 -45.43 2.74
N THR A 184 16.53 -44.64 3.69
CA THR A 184 15.78 -44.39 4.92
C THR A 184 15.53 -42.88 4.99
N PRO A 185 14.26 -42.45 4.86
CA PRO A 185 13.92 -41.02 4.91
C PRO A 185 14.39 -40.46 6.24
N ARG A 186 15.14 -39.36 6.19
CA ARG A 186 15.65 -38.77 7.43
C ARG A 186 14.51 -38.24 8.30
N THR A 187 14.73 -38.26 9.61
CA THR A 187 13.72 -37.86 10.56
C THR A 187 14.13 -36.75 11.51
N ASP A 188 15.02 -35.87 11.03
CA ASP A 188 15.47 -34.75 11.83
C ASP A 188 14.94 -33.43 11.28
N THR A 189 13.73 -33.50 10.73
CA THR A 189 13.07 -32.32 10.18
C THR A 189 12.76 -31.31 11.27
N VAL A 190 13.04 -30.04 11.01
CA VAL A 190 12.75 -28.95 11.92
C VAL A 190 12.40 -27.77 11.01
N ASN A 191 11.32 -27.08 11.33
CA ASN A 191 10.88 -25.95 10.52
C ASN A 191 10.75 -26.30 9.04
N GLY A 192 10.30 -27.51 8.76
CA GLY A 192 10.05 -27.92 7.39
C GLY A 192 11.23 -28.32 6.55
N THR A 193 12.41 -28.48 7.15
CA THR A 193 13.56 -28.88 6.36
C THR A 193 14.60 -29.68 7.14
N ALA A 194 15.43 -30.40 6.38
CA ALA A 194 16.58 -31.16 6.91
C ALA A 194 17.49 -31.42 5.70
N PRO A 195 18.83 -31.37 5.90
CA PRO A 195 19.54 -31.11 7.15
C PRO A 195 19.38 -29.65 7.59
N ALA A 196 19.89 -29.33 8.78
CA ALA A 196 19.74 -28.00 9.34
C ALA A 196 20.36 -26.85 8.58
N ASN A 197 21.40 -27.14 7.81
CA ASN A 197 22.09 -26.10 7.05
C ASN A 197 21.49 -25.83 5.68
N THR A 198 20.16 -25.75 5.61
CA THR A 198 19.49 -25.50 4.33
C THR A 198 18.62 -24.26 4.49
N VAL A 199 18.12 -23.76 3.38
CA VAL A 199 17.28 -22.56 3.39
C VAL A 199 15.90 -22.94 2.86
N TRP A 200 14.89 -22.78 3.71
CA TRP A 200 13.52 -23.13 3.33
C TRP A 200 12.54 -22.13 3.93
N HIS A 201 12.02 -21.24 3.08
CA HIS A 201 11.08 -20.18 3.47
C HIS A 201 11.75 -19.12 4.34
N THR A 202 13.09 -19.09 4.32
CA THR A 202 13.86 -18.13 5.11
C THR A 202 14.86 -17.37 4.26
N GLY A 203 14.90 -17.64 2.96
CA GLY A 203 15.86 -16.96 2.11
C GLY A 203 15.77 -17.46 0.69
N ALA A 204 16.55 -16.85 -0.20
CA ALA A 204 16.52 -17.23 -1.61
C ALA A 204 16.90 -18.68 -1.87
N ASN A 205 16.26 -19.29 -2.86
CA ASN A 205 16.56 -20.65 -3.30
C ASN A 205 17.06 -20.58 -4.75
N ALA A 206 18.10 -21.33 -5.07
CA ALA A 206 18.60 -21.37 -6.45
C ALA A 206 18.26 -22.73 -7.05
N LEU A 207 18.19 -22.79 -8.37
CA LEU A 207 17.98 -24.07 -9.05
C LEU A 207 19.34 -24.79 -8.93
N ALA A 208 19.35 -26.12 -9.07
CA ALA A 208 20.61 -26.88 -8.98
C ALA A 208 21.60 -26.36 -10.02
N SER A 209 22.88 -26.38 -9.66
CA SER A 209 23.94 -25.91 -10.56
C SER A 209 24.17 -26.81 -11.77
N THR A 210 23.71 -28.06 -11.70
CA THR A 210 23.86 -28.96 -12.81
C THR A 210 22.75 -30.01 -12.78
N ALA A 211 22.64 -30.76 -13.87
CA ALA A 211 21.62 -31.81 -14.00
C ALA A 211 21.92 -32.99 -13.08
N GLY A 212 20.85 -33.66 -12.66
CA GLY A 212 21.00 -34.85 -11.84
C GLY A 212 20.82 -34.67 -10.35
N ASP A 213 20.82 -33.43 -9.86
CA ASP A 213 20.69 -33.16 -8.43
C ASP A 213 19.29 -32.62 -8.08
N PRO A 214 18.67 -33.12 -7.01
CA PRO A 214 17.34 -32.60 -6.69
C PRO A 214 17.51 -31.19 -6.10
N TYR A 215 16.45 -30.40 -6.14
CA TYR A 215 16.47 -29.07 -5.53
C TYR A 215 15.04 -28.66 -5.23
N PHE A 216 14.90 -27.67 -4.37
CA PHE A 216 13.57 -27.23 -3.96
C PHE A 216 13.52 -25.71 -3.96
N ILE A 217 12.37 -25.18 -4.38
CA ILE A 217 12.18 -23.74 -4.43
C ILE A 217 10.91 -23.44 -3.65
N ALA A 218 11.03 -22.64 -2.60
CA ALA A 218 9.88 -22.27 -1.79
C ALA A 218 9.16 -21.15 -2.53
N ASN A 219 7.85 -21.10 -2.38
CA ASN A 219 7.03 -20.12 -3.07
C ASN A 219 7.54 -18.68 -2.99
N GLY A 220 7.95 -18.14 -4.14
CA GLY A 220 8.41 -16.76 -4.21
C GLY A 220 9.88 -16.50 -3.91
N TRP A 221 10.62 -17.54 -3.52
CA TRP A 221 12.03 -17.39 -3.14
C TRP A 221 13.06 -17.72 -4.21
N GLY A 222 12.60 -18.23 -5.35
CA GLY A 222 13.54 -18.57 -6.41
C GLY A 222 13.83 -17.40 -7.34
N PRO A 223 14.68 -17.60 -8.36
CA PRO A 223 15.00 -16.53 -9.31
C PRO A 223 13.77 -16.13 -10.11
N LYS A 224 13.68 -14.85 -10.44
CA LYS A 224 12.54 -14.34 -11.19
C LYS A 224 12.98 -13.38 -12.29
N TYR A 225 12.16 -13.27 -13.34
CA TYR A 225 12.44 -12.35 -14.44
C TYR A 225 11.18 -11.59 -14.78
N LEU A 226 11.31 -10.31 -15.08
CA LEU A 226 10.17 -9.49 -15.44
C LEU A 226 10.17 -9.22 -16.93
N ASN A 227 9.08 -9.56 -17.60
CA ASN A 227 8.96 -9.26 -19.01
C ASN A 227 7.91 -8.15 -19.12
N SER A 228 8.22 -7.07 -19.82
CA SER A 228 7.30 -5.94 -19.90
C SER A 228 6.75 -5.69 -21.30
N GLN A 229 6.87 -6.66 -22.18
CA GLN A 229 6.43 -6.48 -23.56
C GLN A 229 4.91 -6.47 -23.80
N TYR A 230 4.17 -7.26 -23.04
CA TYR A 230 2.73 -7.40 -23.25
C TYR A 230 1.95 -7.14 -21.97
N GLY A 231 2.38 -6.19 -21.18
CA GLY A 231 1.79 -6.00 -19.88
C GLY A 231 2.94 -6.54 -19.05
N TYR A 232 2.77 -6.79 -17.75
CA TYR A 232 3.88 -7.31 -16.95
C TYR A 232 3.72 -8.79 -16.66
N GLN A 233 4.76 -9.56 -16.90
CA GLN A 233 4.71 -10.99 -16.59
C GLN A 233 6.00 -11.34 -15.87
N ILE A 234 5.86 -12.09 -14.78
CA ILE A 234 7.03 -12.50 -14.02
C ILE A 234 7.19 -14.00 -14.14
N VAL A 235 8.33 -14.42 -14.66
CA VAL A 235 8.59 -15.84 -14.83
C VAL A 235 9.49 -16.32 -13.69
N ALA A 236 9.08 -17.38 -12.98
CA ALA A 236 9.91 -17.94 -11.90
C ALA A 236 10.31 -19.33 -12.42
N PRO A 237 11.50 -19.45 -13.03
CA PRO A 237 11.93 -20.74 -13.55
C PRO A 237 12.04 -21.83 -12.48
N PHE A 238 11.66 -23.05 -12.85
CA PHE A 238 11.78 -24.20 -11.96
C PHE A 238 12.76 -25.17 -12.63
N VAL A 239 12.61 -25.38 -13.94
CA VAL A 239 13.51 -26.24 -14.72
C VAL A 239 13.92 -25.49 -15.98
N THR A 240 15.24 -25.43 -16.22
CA THR A 240 15.77 -24.80 -17.43
C THR A 240 16.60 -25.85 -18.17
N ALA A 241 17.15 -25.48 -19.31
CA ALA A 241 17.97 -26.44 -20.06
C ALA A 241 19.08 -27.06 -19.21
N THR A 242 19.64 -26.29 -18.29
CA THR A 242 20.72 -26.78 -17.45
C THR A 242 20.32 -28.03 -16.70
N GLN A 243 19.11 -28.02 -16.15
CA GLN A 243 18.63 -29.16 -15.42
C GLN A 243 17.95 -30.24 -16.27
N ALA A 244 17.28 -29.83 -17.35
CA ALA A 244 16.57 -30.76 -18.20
C ALA A 244 17.48 -31.62 -19.08
N GLN A 245 18.51 -30.99 -19.62
CA GLN A 245 19.41 -31.68 -20.55
C GLN A 245 18.60 -32.38 -21.64
N ASP A 246 18.88 -33.65 -21.93
CA ASP A 246 18.14 -34.29 -23.01
C ASP A 246 16.64 -34.51 -22.77
N THR A 247 16.15 -34.31 -21.55
CA THR A 247 14.70 -34.48 -21.35
C THR A 247 14.02 -33.33 -22.07
N ASN A 248 14.78 -32.27 -22.37
CA ASN A 248 14.29 -31.22 -23.27
C ASN A 248 12.93 -30.56 -23.00
N TYR A 249 12.85 -29.85 -21.89
CA TYR A 249 11.64 -29.15 -21.52
C TYR A 249 11.98 -28.03 -20.56
N THR A 250 10.99 -27.17 -20.29
CA THR A 250 11.16 -26.11 -19.30
C THR A 250 9.92 -26.15 -18.42
N LEU A 251 10.08 -25.64 -17.20
CA LEU A 251 8.98 -25.63 -16.23
C LEU A 251 9.16 -24.37 -15.39
N SER A 252 8.06 -23.70 -15.05
CA SER A 252 8.15 -22.48 -14.27
C SER A 252 6.75 -22.04 -13.87
N THR A 253 6.67 -20.93 -13.14
CA THR A 253 5.36 -20.34 -12.97
C THR A 253 5.45 -19.03 -13.74
N ILE A 254 4.31 -18.59 -14.24
CA ILE A 254 4.25 -17.31 -14.93
C ILE A 254 3.16 -16.52 -14.24
N SER A 255 3.53 -15.34 -13.72
CA SER A 255 2.60 -14.43 -13.04
C SER A 255 2.28 -13.35 -14.07
N MET A 256 1.04 -12.90 -14.08
CA MET A 256 0.59 -11.97 -15.10
C MET A 256 -0.29 -10.83 -14.63
N SER A 257 -0.05 -9.65 -15.21
CA SER A 257 -0.91 -8.49 -14.96
C SER A 257 -1.94 -8.54 -16.10
N THR A 258 -2.88 -7.60 -16.11
CA THR A 258 -3.83 -7.52 -17.20
C THR A 258 -3.04 -6.94 -18.37
N THR A 259 -3.64 -6.97 -19.55
CA THR A 259 -3.00 -6.43 -20.73
C THR A 259 -3.42 -4.96 -20.89
N PRO A 260 -2.45 -4.04 -20.99
CA PRO A 260 -2.76 -2.63 -21.14
C PRO A 260 -3.61 -2.44 -22.43
N SER A 261 -4.52 -1.47 -22.41
CA SER A 261 -5.41 -1.23 -23.54
C SER A 261 -4.68 -0.88 -24.83
N THR A 262 -3.43 -0.42 -24.70
CA THR A 262 -2.62 -0.04 -25.83
C THR A 262 -1.78 -1.18 -26.39
N VAL A 263 -1.82 -2.33 -25.72
CA VAL A 263 -1.06 -3.49 -26.12
C VAL A 263 -1.88 -4.54 -26.86
N THR A 264 -1.33 -5.08 -27.94
CA THR A 264 -2.02 -6.12 -28.69
C THR A 264 -1.60 -7.44 -28.03
N VAL A 265 -2.57 -8.26 -27.63
CA VAL A 265 -2.25 -9.55 -27.01
C VAL A 265 -1.50 -10.37 -28.06
N PRO A 266 -0.28 -10.83 -27.74
CA PRO A 266 0.48 -11.61 -28.74
C PRO A 266 -0.04 -12.99 -29.06
N THR A 267 0.27 -13.45 -30.28
CA THR A 267 -0.07 -14.79 -30.70
C THR A 267 1.24 -15.57 -30.66
N TRP A 268 1.16 -16.82 -30.22
CA TRP A 268 2.31 -17.70 -30.10
C TRP A 268 2.11 -19.00 -30.86
N SER A 269 3.19 -19.53 -31.42
CA SER A 269 3.15 -20.83 -32.08
C SER A 269 4.52 -21.41 -31.86
N PHE A 270 4.62 -22.44 -31.03
CA PHE A 270 5.90 -23.03 -30.67
C PHE A 270 6.19 -24.38 -31.32
N PRO A 271 7.46 -24.76 -31.41
CA PRO A 271 7.77 -26.07 -32.01
C PRO A 271 7.20 -27.22 -31.17
N GLY A 272 7.26 -27.06 -29.85
CA GLY A 272 6.77 -28.12 -28.98
C GLY A 272 5.49 -27.81 -28.22
N ALA A 273 4.86 -28.88 -27.78
CA ALA A 273 3.64 -28.76 -27.00
C ALA A 273 3.91 -28.02 -25.68
N CYS A 274 2.89 -27.38 -25.14
CA CYS A 274 3.04 -26.73 -23.85
C CYS A 274 1.68 -26.78 -23.16
N ALA A 275 1.67 -26.49 -21.88
CA ALA A 275 0.43 -26.53 -21.11
C ALA A 275 0.60 -25.70 -19.86
N PHE A 276 -0.51 -25.34 -19.23
CA PHE A 276 -0.39 -24.65 -17.96
C PHE A 276 -1.61 -24.95 -17.13
N GLN A 277 -1.43 -24.86 -15.82
CA GLN A 277 -2.51 -25.06 -14.87
C GLN A 277 -2.58 -23.79 -14.05
N VAL A 278 -3.74 -23.16 -14.06
CA VAL A 278 -3.93 -21.93 -13.28
C VAL A 278 -3.83 -22.25 -11.79
N GLN A 279 -3.06 -21.45 -11.05
CA GLN A 279 -2.96 -21.64 -9.60
C GLN A 279 -3.82 -20.57 -8.91
N GLU A 280 -3.69 -19.33 -9.37
CA GLU A 280 -4.45 -18.22 -8.82
C GLU A 280 -4.89 -17.34 -9.98
N GLY A 281 -6.12 -16.85 -9.92
CA GLY A 281 -6.56 -15.94 -10.97
C GLY A 281 -7.47 -16.47 -12.04
N ARG A 282 -7.55 -15.72 -13.13
CA ARG A 282 -8.46 -16.05 -14.23
C ARG A 282 -7.72 -15.75 -15.51
N VAL A 283 -7.47 -16.79 -16.28
CA VAL A 283 -6.68 -16.63 -17.50
C VAL A 283 -7.49 -17.10 -18.68
N VAL A 284 -7.58 -16.24 -19.69
CA VAL A 284 -8.31 -16.57 -20.91
C VAL A 284 -7.35 -17.13 -21.95
N VAL A 285 -7.71 -18.25 -22.56
CA VAL A 285 -6.90 -18.83 -23.61
C VAL A 285 -7.72 -18.95 -24.87
N GLN A 286 -7.10 -18.57 -25.98
CA GLN A 286 -7.76 -18.66 -27.28
C GLN A 286 -6.82 -19.49 -28.12
N ILE A 287 -7.19 -20.75 -28.34
CA ILE A 287 -6.35 -21.69 -29.07
C ILE A 287 -6.91 -22.05 -30.43
N GLY A 288 -6.10 -21.88 -31.48
CA GLY A 288 -6.54 -22.21 -32.82
C GLY A 288 -7.85 -21.53 -33.19
N ASP A 289 -8.82 -22.32 -33.63
CA ASP A 289 -10.11 -21.76 -34.01
C ASP A 289 -11.17 -21.94 -32.92
N TYR A 290 -10.74 -22.30 -31.72
CA TYR A 290 -11.68 -22.47 -30.61
C TYR A 290 -12.01 -21.15 -29.94
N ALA A 291 -13.14 -21.12 -29.24
CA ALA A 291 -13.57 -19.93 -28.53
C ALA A 291 -12.65 -19.57 -27.37
N ALA A 292 -12.47 -18.27 -27.14
CA ALA A 292 -11.67 -17.80 -26.02
C ALA A 292 -12.37 -18.42 -24.79
N THR A 293 -11.59 -19.02 -23.89
CA THR A 293 -12.15 -19.71 -22.74
C THR A 293 -11.40 -19.29 -21.48
N GLU A 294 -12.14 -18.94 -20.44
CA GLU A 294 -11.52 -18.50 -19.18
C GLU A 294 -11.33 -19.66 -18.22
N LEU A 295 -10.11 -19.79 -17.73
CA LEU A 295 -9.72 -20.83 -16.78
C LEU A 295 -9.55 -20.28 -15.37
N GLY A 296 -10.03 -21.05 -14.40
CA GLY A 296 -9.94 -20.70 -13.00
C GLY A 296 -8.99 -21.66 -12.28
N SER A 297 -8.99 -21.65 -10.94
CA SER A 297 -8.03 -22.50 -10.25
C SER A 297 -8.05 -23.97 -10.57
N GLY A 298 -6.85 -24.49 -10.80
CA GLY A 298 -6.69 -25.89 -11.12
C GLY A 298 -7.00 -26.28 -12.56
N ASP A 299 -7.62 -25.39 -13.33
CA ASP A 299 -7.95 -25.69 -14.72
C ASP A 299 -6.68 -25.77 -15.56
N VAL A 300 -6.70 -26.64 -16.55
CA VAL A 300 -5.53 -26.87 -17.40
C VAL A 300 -5.79 -26.63 -18.88
N ALA A 301 -4.87 -25.95 -19.55
CA ALA A 301 -5.00 -25.74 -21.00
C ALA A 301 -3.84 -26.43 -21.64
N PHE A 302 -4.09 -27.12 -22.75
CA PHE A 302 -3.02 -27.83 -23.45
C PHE A 302 -2.98 -27.34 -24.89
N ILE A 303 -1.79 -26.98 -25.38
CA ILE A 303 -1.62 -26.47 -26.74
C ILE A 303 -0.57 -27.27 -27.51
N PRO A 304 -0.99 -27.98 -28.58
CA PRO A 304 -0.03 -28.76 -29.37
C PRO A 304 1.02 -27.85 -30.00
N GLY A 305 2.21 -28.40 -30.21
CA GLY A 305 3.24 -27.64 -30.88
C GLY A 305 2.68 -27.33 -32.27
N GLY A 306 3.02 -26.17 -32.80
CA GLY A 306 2.55 -25.81 -34.11
C GLY A 306 1.16 -25.22 -34.17
N VAL A 307 0.47 -25.13 -33.02
CA VAL A 307 -0.87 -24.56 -33.01
C VAL A 307 -0.80 -23.13 -32.43
N GLU A 308 -1.41 -22.17 -33.14
CA GLU A 308 -1.39 -20.77 -32.69
C GLU A 308 -2.28 -20.56 -31.48
N PHE A 309 -1.85 -19.73 -30.56
CA PHE A 309 -2.70 -19.41 -29.43
C PHE A 309 -2.38 -18.06 -28.78
N LYS A 310 -3.35 -17.55 -28.04
CA LYS A 310 -3.22 -16.30 -27.32
C LYS A 310 -3.72 -16.55 -25.92
N TYR A 311 -3.17 -15.81 -24.95
CA TYR A 311 -3.67 -15.91 -23.60
C TYR A 311 -3.49 -14.54 -22.95
N TYR A 312 -4.31 -14.26 -21.95
CA TYR A 312 -4.20 -13.01 -21.21
C TYR A 312 -4.92 -13.20 -19.91
N SER A 313 -4.52 -12.41 -18.92
CA SER A 313 -5.17 -12.49 -17.62
C SER A 313 -6.36 -11.53 -17.53
N GLU A 314 -7.51 -12.08 -17.15
CA GLU A 314 -8.71 -11.28 -16.93
C GLU A 314 -8.60 -10.75 -15.48
N ALA A 315 -8.02 -11.56 -14.59
CA ALA A 315 -7.83 -11.12 -13.19
C ALA A 315 -6.68 -10.10 -13.20
N TYR A 316 -6.67 -9.22 -12.19
CA TYR A 316 -5.61 -8.22 -12.09
C TYR A 316 -4.23 -8.84 -11.83
N PHE A 317 -4.22 -10.05 -11.28
CA PHE A 317 -3.00 -10.81 -11.05
C PHE A 317 -3.35 -12.29 -11.14
N SER A 318 -2.66 -13.03 -11.99
CA SER A 318 -2.87 -14.49 -12.09
C SER A 318 -1.51 -15.15 -12.06
N LYS A 319 -1.47 -16.39 -11.57
CA LYS A 319 -0.21 -17.14 -11.56
C LYS A 319 -0.53 -18.54 -12.06
N VAL A 320 0.23 -19.01 -13.03
CA VAL A 320 0.01 -20.35 -13.57
C VAL A 320 1.27 -21.19 -13.48
N LEU A 321 1.10 -22.51 -13.46
CA LEU A 321 2.24 -23.45 -13.48
C LEU A 321 2.35 -23.79 -14.96
N PHE A 322 3.53 -23.61 -15.55
CA PHE A 322 3.71 -23.77 -16.98
C PHE A 322 4.78 -24.79 -17.37
N VAL A 323 4.49 -25.63 -18.37
CA VAL A 323 5.45 -26.62 -18.83
C VAL A 323 5.50 -26.56 -20.34
N SER A 324 6.70 -26.74 -20.89
CA SER A 324 6.87 -26.71 -22.35
C SER A 324 7.88 -27.74 -22.83
N SER A 325 7.57 -28.39 -23.94
CA SER A 325 8.49 -29.35 -24.56
C SER A 325 9.40 -28.50 -25.45
N GLY A 326 10.71 -28.72 -25.33
CA GLY A 326 11.65 -27.93 -26.12
C GLY A 326 12.48 -27.04 -25.21
N SER A 327 13.46 -26.34 -25.76
CA SER A 327 14.28 -25.50 -24.92
C SER A 327 13.90 -24.02 -25.00
N ASP A 328 13.00 -23.70 -25.93
CA ASP A 328 12.62 -22.30 -26.11
C ASP A 328 11.14 -22.01 -26.13
N GLY A 329 10.43 -22.55 -25.15
CA GLY A 329 9.00 -22.32 -25.03
C GLY A 329 8.69 -20.94 -24.48
N LEU A 330 7.42 -20.73 -24.18
CA LEU A 330 6.93 -19.44 -23.70
C LEU A 330 7.73 -18.84 -22.54
N ASP A 331 7.99 -19.63 -21.51
CA ASP A 331 8.67 -19.08 -20.36
C ASP A 331 10.08 -18.62 -20.69
N GLN A 332 10.81 -19.43 -21.45
CA GLN A 332 12.16 -19.07 -21.85
C GLN A 332 12.13 -17.82 -22.77
N ASN A 333 11.12 -17.72 -23.63
CA ASN A 333 10.97 -16.55 -24.51
C ASN A 333 10.78 -15.27 -23.65
N LEU A 334 9.90 -15.35 -22.66
CA LEU A 334 9.62 -14.22 -21.79
C LEU A 334 10.87 -13.85 -20.97
N VAL A 335 11.62 -14.85 -20.55
CA VAL A 335 12.85 -14.59 -19.78
C VAL A 335 13.86 -13.90 -20.69
N ASN A 336 14.10 -14.46 -21.86
CA ASN A 336 15.09 -13.87 -22.77
C ASN A 336 14.79 -12.44 -23.19
N GLY A 337 13.52 -12.09 -23.26
CA GLY A 337 13.15 -10.74 -23.65
C GLY A 337 13.04 -9.79 -22.47
N GLY A 338 13.06 -10.33 -21.25
CA GLY A 338 12.89 -9.50 -20.08
C GLY A 338 14.16 -9.13 -19.34
N GLU A 339 14.04 -9.02 -18.02
CA GLU A 339 15.17 -8.66 -17.17
C GLU A 339 15.09 -9.38 -15.83
N GLU A 340 16.22 -9.47 -15.12
CA GLU A 340 16.22 -10.07 -13.80
C GLU A 340 15.30 -9.22 -12.90
N TRP A 341 14.59 -9.87 -11.99
CA TRP A 341 13.64 -9.15 -11.14
C TRP A 341 13.65 -9.77 -9.74
N SER A 342 13.54 -8.95 -8.72
CA SER A 342 13.60 -9.48 -7.37
C SER A 342 12.32 -9.40 -6.54
N SER A 343 11.18 -9.36 -7.23
CA SER A 343 9.90 -9.31 -6.50
C SER A 343 8.86 -10.21 -7.16
N VAL A 344 7.91 -10.70 -6.35
CA VAL A 344 6.81 -11.46 -6.88
C VAL A 344 5.74 -10.51 -7.44
N SER A 345 5.87 -9.20 -7.16
CA SER A 345 4.92 -8.21 -7.68
C SER A 345 5.61 -7.43 -8.80
N PHE A 346 4.81 -6.95 -9.76
CA PHE A 346 5.34 -6.17 -10.88
C PHE A 346 5.16 -4.68 -10.57
N PRO A 347 5.77 -3.79 -11.38
CA PRO A 347 5.63 -2.36 -11.12
C PRO A 347 4.20 -1.84 -11.07
N ALA A 348 3.99 -0.78 -10.28
CA ALA A 348 2.69 -0.13 -10.09
C ALA A 348 2.27 0.73 -11.30
N ASP A 349 3.23 1.09 -12.15
CA ASP A 349 2.97 1.92 -13.33
C ASP A 349 3.42 1.23 -14.61
N TRP A 350 2.71 1.49 -15.71
CA TRP A 350 3.07 0.91 -16.99
C TRP A 350 4.34 1.60 -17.53
N SER B 3 3.76 25.10 15.68
CA SER B 3 2.87 24.50 14.64
C SER B 3 1.52 25.23 14.59
N SER B 4 0.96 25.35 13.40
CA SER B 4 -0.31 26.02 13.18
C SER B 4 -1.47 25.06 13.32
N LEU B 5 -2.54 25.53 13.95
CA LEU B 5 -3.72 24.74 14.13
C LEU B 5 -4.56 24.65 12.88
N ILE B 6 -4.35 25.59 11.97
CA ILE B 6 -5.20 25.70 10.79
C ILE B 6 -5.13 24.57 9.77
N VAL B 7 -6.30 24.10 9.37
CA VAL B 7 -6.41 23.05 8.35
C VAL B 7 -7.50 23.50 7.40
N GLU B 8 -7.47 22.99 6.17
CA GLU B 8 -8.48 23.38 5.18
C GLU B 8 -9.60 22.34 5.06
N ASP B 9 -9.32 21.14 5.56
CA ASP B 9 -10.30 20.04 5.59
C ASP B 9 -10.10 19.40 6.96
N ALA B 10 -11.15 18.82 7.53
CA ALA B 10 -10.94 18.21 8.84
C ALA B 10 -9.97 17.04 8.69
N PRO B 11 -9.08 16.85 9.68
CA PRO B 11 -8.09 15.78 9.69
C PRO B 11 -8.73 14.39 9.66
N ASP B 12 -7.96 13.39 9.23
CA ASP B 12 -8.48 12.02 9.17
C ASP B 12 -8.20 11.26 10.48
N HIS B 13 -7.88 12.03 11.51
CA HIS B 13 -7.59 11.47 12.83
C HIS B 13 -7.77 12.58 13.87
N VAL B 14 -7.71 12.22 15.15
CA VAL B 14 -7.88 13.18 16.23
C VAL B 14 -6.62 13.99 16.54
N ARG B 15 -6.76 15.30 16.51
CA ARG B 15 -5.69 16.26 16.81
C ARG B 15 -6.33 17.62 16.98
N PRO B 16 -5.61 18.55 17.62
CA PRO B 16 -6.17 19.90 17.80
C PRO B 16 -6.18 20.56 16.41
N TYR B 17 -7.22 21.33 16.11
CA TYR B 17 -7.23 22.05 14.85
C TYR B 17 -8.26 23.15 14.83
N VAL B 18 -8.06 24.09 13.91
CA VAL B 18 -9.00 25.19 13.69
C VAL B 18 -9.28 25.13 12.20
N ILE B 19 -10.53 25.25 11.80
CA ILE B 19 -10.84 25.26 10.39
C ILE B 19 -11.68 26.51 10.16
N ARG B 20 -11.24 27.36 9.24
CA ARG B 20 -11.93 28.62 8.98
C ARG B 20 -13.30 28.48 8.31
N HIS B 21 -14.17 29.46 8.60
CA HIS B 21 -15.50 29.47 7.99
C HIS B 21 -15.35 29.34 6.47
N TYR B 22 -16.17 28.49 5.86
CA TYR B 22 -16.18 28.28 4.40
C TYR B 22 -14.92 27.60 3.83
N SER B 23 -14.11 27.00 4.69
CA SER B 23 -12.95 26.25 4.17
C SER B 23 -13.54 25.11 3.32
N HIS B 24 -12.72 24.48 2.48
CA HIS B 24 -13.23 23.40 1.62
C HIS B 24 -14.01 22.35 2.44
N ALA B 25 -13.40 21.86 3.52
CA ALA B 25 -14.08 20.92 4.41
C ALA B 25 -14.82 19.78 3.69
N ARG B 26 -14.13 19.13 2.75
CA ARG B 26 -14.66 18.00 1.99
C ARG B 26 -16.03 18.28 1.41
N ALA B 27 -16.21 19.50 0.95
CA ALA B 27 -17.48 19.98 0.43
C ALA B 27 -18.18 19.10 -0.59
N VAL B 28 -19.49 18.95 -0.44
CA VAL B 28 -20.30 18.24 -1.44
C VAL B 28 -21.55 19.08 -1.65
N THR B 29 -22.22 18.87 -2.77
CA THR B 29 -23.48 19.58 -3.03
C THR B 29 -24.57 18.54 -3.23
N VAL B 30 -25.78 18.88 -2.79
CA VAL B 30 -26.96 18.04 -2.99
C VAL B 30 -27.89 19.10 -3.58
N ASP B 31 -28.04 19.06 -4.90
CA ASP B 31 -28.84 20.04 -5.62
C ASP B 31 -28.27 21.43 -5.32
N THR B 32 -29.06 22.34 -4.76
CA THR B 32 -28.57 23.70 -4.46
C THR B 32 -27.83 23.86 -3.14
N GLN B 33 -27.90 22.85 -2.28
CA GLN B 33 -27.27 22.93 -0.96
C GLN B 33 -25.81 22.54 -0.96
N LEU B 34 -24.99 23.31 -0.26
CA LEU B 34 -23.56 22.97 -0.16
C LEU B 34 -23.23 22.63 1.30
N TYR B 35 -22.74 21.41 1.51
CA TYR B 35 -22.39 20.90 2.83
C TYR B 35 -20.89 20.91 3.08
N ARG B 36 -20.50 21.38 4.26
CA ARG B 36 -19.09 21.42 4.67
C ARG B 36 -19.00 20.66 5.97
N PHE B 37 -17.98 19.81 6.09
CA PHE B 37 -17.82 18.98 7.28
C PHE B 37 -16.67 19.46 8.12
N TYR B 38 -16.98 20.38 9.04
CA TYR B 38 -15.96 20.98 9.92
C TYR B 38 -15.40 19.99 10.93
N VAL B 39 -16.26 19.15 11.49
CA VAL B 39 -15.82 18.09 12.42
C VAL B 39 -16.50 16.80 11.94
N THR B 40 -15.70 15.74 11.78
CA THR B 40 -16.21 14.45 11.27
C THR B 40 -16.02 13.32 12.27
N GLY B 41 -16.41 12.11 11.89
CA GLY B 41 -16.22 10.97 12.78
C GLY B 41 -14.73 10.79 12.99
N PRO B 42 -13.95 10.67 11.91
CA PRO B 42 -12.50 10.49 12.05
C PRO B 42 -11.80 11.62 12.82
N SER B 43 -12.15 12.87 12.53
CA SER B 43 -11.49 13.98 13.21
C SER B 43 -11.85 14.13 14.68
N SER B 44 -12.99 13.57 15.09
CA SER B 44 -13.41 13.70 16.49
C SER B 44 -13.39 12.38 17.26
N GLY B 45 -12.86 11.32 16.66
CA GLY B 45 -12.85 10.03 17.33
C GLY B 45 -14.27 9.53 17.49
N TYR B 46 -15.11 9.92 16.53
CA TYR B 46 -16.51 9.54 16.44
C TYR B 46 -17.42 10.10 17.53
N ALA B 47 -16.93 11.14 18.20
CA ALA B 47 -17.70 11.79 19.26
C ALA B 47 -18.90 12.53 18.67
N PHE B 48 -18.68 13.30 17.61
CA PHE B 48 -19.77 14.07 16.99
C PHE B 48 -19.39 14.59 15.61
N THR B 49 -20.41 15.03 14.89
CA THR B 49 -20.22 15.62 13.55
C THR B 49 -20.73 17.06 13.65
N LEU B 50 -19.95 18.01 13.11
CA LEU B 50 -20.38 19.40 13.11
C LEU B 50 -20.23 19.82 11.67
N MET B 51 -21.36 20.13 11.04
CA MET B 51 -21.33 20.49 9.64
C MET B 51 -22.06 21.81 9.37
N GLY B 52 -21.70 22.44 8.26
CA GLY B 52 -22.36 23.67 7.88
C GLY B 52 -23.01 23.47 6.54
N THR B 53 -24.26 23.91 6.38
CA THR B 53 -24.96 23.79 5.11
C THR B 53 -25.38 25.19 4.67
N ASN B 54 -24.97 25.59 3.47
CA ASN B 54 -25.36 26.91 2.96
C ASN B 54 -26.25 26.64 1.75
N ALA B 55 -27.35 27.38 1.64
CA ALA B 55 -28.27 27.13 0.56
C ALA B 55 -29.20 28.29 0.32
N PRO B 56 -29.75 28.39 -0.90
CA PRO B 56 -30.68 29.45 -1.27
C PRO B 56 -32.10 29.05 -0.94
N HIS B 57 -33.02 29.98 -1.17
CA HIS B 57 -34.45 29.70 -0.94
C HIS B 57 -34.89 28.50 -1.78
N SER B 58 -35.80 27.68 -1.26
CA SER B 58 -36.34 26.58 -2.02
C SER B 58 -37.83 26.48 -1.73
N ASP B 59 -38.61 26.14 -2.75
CA ASP B 59 -40.06 25.99 -2.59
C ASP B 59 -40.38 24.55 -2.21
N ALA B 60 -39.36 23.72 -2.05
CA ALA B 60 -39.56 22.32 -1.69
C ALA B 60 -38.75 21.92 -0.46
N LEU B 61 -39.11 20.81 0.16
CA LEU B 61 -38.39 20.33 1.33
C LEU B 61 -36.91 20.11 1.01
N GLY B 62 -36.06 20.29 2.00
CA GLY B 62 -34.63 20.11 1.79
C GLY B 62 -34.17 18.67 1.97
N VAL B 63 -35.03 17.83 2.54
CA VAL B 63 -34.73 16.42 2.78
C VAL B 63 -36.06 15.69 2.98
N LEU B 64 -36.11 14.41 2.62
CA LEU B 64 -37.36 13.68 2.79
C LEU B 64 -37.59 13.52 4.29
N PRO B 65 -38.87 13.50 4.73
CA PRO B 65 -39.14 13.34 6.16
C PRO B 65 -38.52 12.02 6.62
N HIS B 66 -37.90 12.03 7.80
CA HIS B 66 -37.25 10.81 8.27
C HIS B 66 -37.01 10.82 9.75
N ILE B 67 -36.50 9.68 10.21
CA ILE B 67 -36.16 9.44 11.59
C ILE B 67 -34.72 8.88 11.69
N HIS B 68 -34.04 9.16 12.80
CA HIS B 68 -32.73 8.56 13.06
C HIS B 68 -32.98 7.78 14.34
N GLN B 69 -32.73 6.47 14.35
CA GLN B 69 -32.95 5.72 15.57
C GLN B 69 -31.75 5.75 16.51
N LYS B 70 -30.57 6.10 15.98
CA LYS B 70 -29.37 6.11 16.80
C LYS B 70 -28.57 7.39 16.81
N HIS B 71 -29.11 8.44 16.20
CA HIS B 71 -28.41 9.72 16.21
C HIS B 71 -29.32 10.84 16.68
N TYR B 72 -28.74 11.76 17.44
CA TYR B 72 -29.46 12.92 17.96
C TYR B 72 -29.05 14.07 17.02
N GLU B 73 -30.03 14.68 16.36
CA GLU B 73 -29.77 15.78 15.43
C GLU B 73 -30.04 17.13 16.09
N ASN B 74 -29.25 18.13 15.72
CA ASN B 74 -29.38 19.47 16.28
C ASN B 74 -29.26 20.48 15.14
N PHE B 75 -30.25 21.36 15.04
CA PHE B 75 -30.29 22.38 13.99
C PHE B 75 -30.05 23.74 14.57
N TYR B 76 -29.03 24.42 14.06
CA TYR B 76 -28.73 25.75 14.55
C TYR B 76 -28.68 26.68 13.35
N CYS B 77 -29.40 27.80 13.43
CA CYS B 77 -29.38 28.71 12.29
C CYS B 77 -28.32 29.80 12.46
N ASN B 78 -27.28 29.79 11.64
CA ASN B 78 -26.26 30.84 11.76
C ASN B 78 -26.72 32.15 11.15
N LYS B 79 -27.41 32.05 10.02
CA LYS B 79 -27.93 33.23 9.32
C LYS B 79 -29.01 32.79 8.35
N GLY B 80 -29.77 33.76 7.83
CA GLY B 80 -30.84 33.42 6.92
C GLY B 80 -31.97 32.79 7.72
N SER B 81 -32.68 31.84 7.14
CA SER B 81 -33.78 31.22 7.87
C SER B 81 -34.25 29.96 7.18
N PHE B 82 -34.76 29.03 7.98
CA PHE B 82 -35.27 27.78 7.45
C PHE B 82 -36.34 27.26 8.41
N GLN B 83 -37.31 26.53 7.86
CA GLN B 83 -38.37 25.98 8.69
C GLN B 83 -37.97 24.55 9.05
N LEU B 84 -38.32 24.14 10.27
CA LEU B 84 -38.02 22.79 10.73
C LEU B 84 -39.34 22.21 11.26
N TRP B 85 -39.63 20.96 10.88
CA TRP B 85 -40.84 20.26 11.36
C TRP B 85 -40.33 19.07 12.17
N ALA B 86 -41.03 18.74 13.26
CA ALA B 86 -40.63 17.62 14.11
C ALA B 86 -41.80 17.00 14.84
N GLN B 87 -41.78 15.67 14.98
CA GLN B 87 -42.85 14.99 15.69
C GLN B 87 -42.37 13.72 16.37
N SER B 88 -42.74 13.57 17.65
CA SER B 88 -42.39 12.38 18.41
C SER B 88 -43.64 11.54 18.55
N GLY B 89 -43.63 10.33 17.99
CA GLY B 89 -44.77 9.45 18.09
C GLY B 89 -46.06 10.09 17.62
N ASN B 90 -47.08 10.01 18.46
CA ASN B 90 -48.37 10.60 18.09
C ASN B 90 -48.61 11.94 18.79
N GLU B 91 -47.53 12.53 19.33
CA GLU B 91 -47.62 13.83 19.97
C GLU B 91 -47.88 14.83 18.84
N THR B 92 -48.43 15.98 19.18
CA THR B 92 -48.75 16.99 18.18
C THR B 92 -47.52 17.37 17.38
N GLN B 93 -47.64 17.39 16.07
CA GLN B 93 -46.50 17.78 15.22
C GLN B 93 -46.15 19.25 15.48
N GLN B 94 -44.85 19.54 15.57
CA GLN B 94 -44.41 20.90 15.85
C GLN B 94 -43.62 21.48 14.69
N THR B 95 -43.73 22.79 14.47
CA THR B 95 -42.91 23.41 13.43
C THR B 95 -42.52 24.84 13.83
N ARG B 96 -41.30 25.25 13.44
CA ARG B 96 -40.80 26.59 13.74
C ARG B 96 -39.96 27.06 12.57
N VAL B 97 -39.97 28.38 12.33
CA VAL B 97 -39.14 28.98 11.30
C VAL B 97 -37.99 29.56 12.10
N LEU B 98 -36.79 28.99 11.92
CA LEU B 98 -35.61 29.44 12.65
C LEU B 98 -34.87 30.54 11.90
N SER B 99 -34.55 31.62 12.61
CA SER B 99 -33.75 32.71 12.04
C SER B 99 -32.44 32.74 12.83
N SER B 100 -31.57 33.71 12.55
CA SER B 100 -30.26 33.77 13.18
C SER B 100 -30.21 33.55 14.69
N GLY B 101 -29.47 32.53 15.09
CA GLY B 101 -29.31 32.24 16.50
C GLY B 101 -30.34 31.29 17.09
N ASP B 102 -31.35 30.91 16.31
CA ASP B 102 -32.39 29.99 16.77
C ASP B 102 -31.88 28.55 16.73
N TYR B 103 -32.51 27.70 17.55
CA TYR B 103 -32.08 26.32 17.70
C TYR B 103 -33.24 25.33 17.73
N GLY B 104 -33.06 24.17 17.09
CA GLY B 104 -34.07 23.12 17.07
C GLY B 104 -33.42 21.81 17.51
N SER B 105 -34.03 21.12 18.48
CA SER B 105 -33.48 19.87 19.00
C SER B 105 -34.30 18.68 18.50
N VAL B 106 -33.61 17.71 17.90
CA VAL B 106 -34.29 16.52 17.34
C VAL B 106 -33.71 15.20 17.89
N PRO B 107 -34.25 14.73 19.03
CA PRO B 107 -33.81 13.48 19.66
C PRO B 107 -34.01 12.28 18.74
N ARG B 108 -33.43 11.16 19.11
CA ARG B 108 -33.59 9.92 18.34
C ARG B 108 -35.09 9.63 18.27
N ASN B 109 -35.49 9.00 17.18
CA ASN B 109 -36.88 8.60 16.94
C ASN B 109 -37.89 9.73 16.84
N VAL B 110 -37.46 10.85 16.27
CA VAL B 110 -38.33 11.98 16.07
C VAL B 110 -38.35 12.22 14.57
N THR B 111 -39.54 12.20 13.98
CA THR B 111 -39.66 12.42 12.54
C THR B 111 -39.42 13.89 12.27
N HIS B 112 -38.64 14.21 11.23
CA HIS B 112 -38.35 15.61 10.94
C HIS B 112 -37.95 15.86 9.50
N THR B 113 -38.01 17.14 9.14
CA THR B 113 -37.60 17.62 7.82
C THR B 113 -37.42 19.13 7.92
N PHE B 114 -36.87 19.77 6.90
CA PHE B 114 -36.65 21.22 6.94
C PHE B 114 -36.80 21.78 5.53
N GLN B 115 -36.95 23.10 5.45
CA GLN B 115 -37.07 23.80 4.16
C GLN B 115 -36.35 25.14 4.27
N ILE B 116 -35.46 25.42 3.32
CA ILE B 116 -34.69 26.66 3.33
C ILE B 116 -35.56 27.83 2.86
N GLN B 117 -35.61 28.91 3.64
CA GLN B 117 -36.45 30.04 3.29
C GLN B 117 -35.71 31.23 2.69
N ASP B 118 -34.68 31.73 3.37
CA ASP B 118 -33.98 32.92 2.86
C ASP B 118 -32.78 32.66 1.94
N PRO B 119 -32.45 33.65 1.10
CA PRO B 119 -31.33 33.52 0.16
C PRO B 119 -29.96 33.20 0.75
N ASP B 120 -29.61 33.82 1.88
CA ASP B 120 -28.29 33.57 2.47
C ASP B 120 -28.48 32.76 3.75
N THR B 121 -28.94 31.54 3.60
CA THR B 121 -29.17 30.70 4.77
C THR B 121 -28.01 29.77 5.07
N GLU B 122 -27.69 29.66 6.36
CA GLU B 122 -26.64 28.78 6.82
C GLU B 122 -27.19 28.04 8.03
N MET B 123 -27.07 26.72 7.96
CA MET B 123 -27.56 25.80 8.97
C MET B 123 -26.36 25.01 9.50
N THR B 124 -26.15 25.04 10.81
CA THR B 124 -25.06 24.29 11.40
C THR B 124 -25.72 23.09 12.05
N GLY B 125 -25.28 21.91 11.66
CA GLY B 125 -25.85 20.73 12.28
C GLY B 125 -24.84 20.09 13.21
N VAL B 126 -25.31 19.65 14.38
CA VAL B 126 -24.44 18.95 15.32
C VAL B 126 -25.15 17.63 15.51
N ILE B 127 -24.48 16.54 15.10
CA ILE B 127 -25.09 15.22 15.18
C ILE B 127 -24.21 14.33 16.05
N VAL B 128 -24.86 13.56 16.92
CA VAL B 128 -24.17 12.72 17.87
C VAL B 128 -24.76 11.31 17.81
N PRO B 129 -23.92 10.29 17.70
CA PRO B 129 -22.46 10.33 17.62
C PRO B 129 -21.97 10.76 16.23
N GLY B 130 -20.66 10.90 16.11
CA GLY B 130 -20.05 11.31 14.87
C GLY B 130 -19.95 10.20 13.82
N GLY B 131 -19.65 10.60 12.58
CA GLY B 131 -19.54 9.62 11.51
C GLY B 131 -20.75 9.71 10.61
N PHE B 132 -21.74 10.46 11.08
CA PHE B 132 -23.01 10.67 10.37
C PHE B 132 -22.80 11.24 8.95
N GLU B 133 -21.73 12.00 8.76
CA GLU B 133 -21.41 12.61 7.47
C GLU B 133 -21.32 11.64 6.28
N ASP B 134 -21.14 10.35 6.56
CA ASP B 134 -21.07 9.35 5.48
C ASP B 134 -22.32 9.44 4.61
N LEU B 135 -23.44 9.75 5.23
CA LEU B 135 -24.71 9.88 4.49
C LEU B 135 -24.61 10.90 3.36
N PHE B 136 -23.97 12.04 3.64
CA PHE B 136 -23.85 13.11 2.68
C PHE B 136 -22.80 12.85 1.60
N TYR B 137 -21.81 12.03 1.91
CA TYR B 137 -20.82 11.68 0.89
C TYR B 137 -21.56 10.89 -0.19
N TYR B 138 -22.52 10.08 0.24
CA TYR B 138 -23.34 9.25 -0.64
C TYR B 138 -24.35 10.11 -1.43
N LEU B 139 -25.10 10.94 -0.71
CA LEU B 139 -26.11 11.78 -1.35
C LEU B 139 -25.52 12.90 -2.18
N GLY B 140 -24.34 13.38 -1.79
CA GLY B 140 -23.74 14.51 -2.49
C GLY B 140 -22.72 14.24 -3.57
N THR B 141 -22.41 15.30 -4.31
CA THR B 141 -21.42 15.25 -5.38
C THR B 141 -20.29 16.16 -4.92
N ASN B 142 -19.06 15.66 -4.87
CA ASN B 142 -17.93 16.46 -4.43
C ASN B 142 -17.86 17.79 -5.16
N ALA B 143 -17.59 18.86 -4.41
CA ALA B 143 -17.48 20.19 -4.99
C ALA B 143 -16.08 20.75 -4.75
N THR B 144 -15.45 21.27 -5.80
CA THR B 144 -14.13 21.84 -5.66
C THR B 144 -14.22 23.25 -5.04
N ASP B 145 -15.25 24.00 -5.44
CA ASP B 145 -15.49 25.37 -4.97
C ASP B 145 -14.20 26.14 -4.72
N THR B 146 -13.48 26.39 -5.81
CA THR B 146 -12.21 27.08 -5.76
C THR B 146 -12.21 28.42 -5.04
N THR B 147 -13.25 29.21 -5.27
CA THR B 147 -13.34 30.55 -4.67
C THR B 147 -13.91 30.55 -3.24
N HIS B 148 -14.27 29.37 -2.75
CA HIS B 148 -14.85 29.24 -1.41
C HIS B 148 -16.15 30.02 -1.23
N THR B 149 -16.93 30.15 -2.30
CA THR B 149 -18.19 30.85 -2.21
C THR B 149 -19.10 29.98 -1.29
N PRO B 150 -19.94 30.63 -0.44
CA PRO B 150 -20.83 29.92 0.50
C PRO B 150 -21.57 28.75 -0.14
N TYR B 151 -22.25 29.02 -1.26
CA TYR B 151 -22.91 27.97 -2.04
C TYR B 151 -22.82 28.32 -3.52
N ILE B 152 -23.04 27.33 -4.39
CA ILE B 152 -22.93 27.52 -5.83
C ILE B 152 -24.13 28.27 -6.39
N PRO B 153 -23.89 29.49 -6.93
CA PRO B 153 -24.99 30.28 -7.48
C PRO B 153 -25.61 29.66 -8.73
N SER B 154 -26.90 29.88 -8.92
CA SER B 154 -27.59 29.34 -10.07
C SER B 154 -27.41 27.85 -10.24
N PRO B 164 -38.28 8.08 -3.98
CA PRO B 164 -37.21 7.10 -3.86
C PRO B 164 -37.75 5.67 -3.87
N ASP B 165 -37.12 4.80 -4.64
CA ASP B 165 -37.55 3.41 -4.73
C ASP B 165 -37.23 2.67 -3.43
N SER B 166 -37.77 1.46 -3.28
CA SER B 166 -37.55 0.65 -2.09
C SER B 166 -36.07 0.42 -1.78
N SER B 167 -35.24 0.42 -2.81
CA SER B 167 -33.80 0.21 -2.64
C SER B 167 -33.10 1.44 -2.04
N THR B 168 -33.47 2.63 -2.51
CA THR B 168 -32.89 3.85 -1.97
C THR B 168 -33.34 3.98 -0.51
N ILE B 169 -34.59 3.61 -0.25
CA ILE B 169 -35.14 3.67 1.10
C ILE B 169 -34.36 2.72 2.00
N SER B 170 -34.05 1.53 1.47
CA SER B 170 -33.31 0.55 2.27
C SER B 170 -31.88 0.99 2.45
N THR B 171 -31.30 1.57 1.41
CA THR B 171 -29.93 2.05 1.49
C THR B 171 -29.83 3.12 2.58
N LEU B 172 -30.79 4.04 2.59
CA LEU B 172 -30.79 5.10 3.60
C LEU B 172 -30.85 4.53 5.01
N GLN B 173 -31.60 3.44 5.20
CA GLN B 173 -31.70 2.85 6.54
C GLN B 173 -30.34 2.47 7.11
N SER B 174 -29.41 2.06 6.25
CA SER B 174 -28.07 1.67 6.72
C SER B 174 -27.26 2.89 7.20
N PHE B 175 -27.73 4.09 6.84
CA PHE B 175 -27.10 5.33 7.29
C PHE B 175 -27.89 5.89 8.46
N ASP B 176 -28.79 5.06 9.00
CA ASP B 176 -29.65 5.43 10.12
C ASP B 176 -30.61 6.53 9.70
N VAL B 177 -31.11 6.41 8.48
CA VAL B 177 -32.09 7.37 7.97
C VAL B 177 -33.31 6.53 7.58
N TYR B 178 -34.37 6.65 8.39
CA TYR B 178 -35.60 5.91 8.15
C TYR B 178 -36.67 6.82 7.58
N ALA B 179 -36.97 6.62 6.30
CA ALA B 179 -37.96 7.45 5.64
C ALA B 179 -39.35 7.30 6.24
N GLU B 180 -40.04 8.44 6.36
CA GLU B 180 -41.40 8.49 6.88
C GLU B 180 -42.22 9.06 5.73
N LEU B 181 -42.59 8.17 4.81
CA LEU B 181 -43.34 8.52 3.62
C LEU B 181 -44.72 9.10 3.82
N SER B 182 -45.38 8.77 4.93
CA SER B 182 -46.71 9.29 5.18
C SER B 182 -46.72 10.57 6.02
N PHE B 183 -45.54 11.08 6.38
CA PHE B 183 -45.47 12.29 7.17
C PHE B 183 -45.86 13.49 6.33
N THR B 184 -46.80 14.31 6.81
CA THR B 184 -47.22 15.49 6.07
C THR B 184 -46.86 16.72 6.90
N PRO B 185 -45.82 17.47 6.49
CA PRO B 185 -45.43 18.67 7.25
C PRO B 185 -46.66 19.57 7.40
N ARG B 186 -46.92 20.06 8.61
CA ARG B 186 -48.11 20.92 8.76
C ARG B 186 -47.95 22.22 7.96
N THR B 187 -49.09 22.71 7.48
CA THR B 187 -49.13 23.88 6.63
C THR B 187 -49.99 25.03 7.18
N ASP B 188 -50.07 25.12 8.51
CA ASP B 188 -50.83 26.16 9.19
C ASP B 188 -49.89 27.06 10.01
N THR B 189 -48.68 27.28 9.49
CA THR B 189 -47.70 28.12 10.17
C THR B 189 -48.18 29.58 10.22
N VAL B 190 -48.00 30.23 11.37
CA VAL B 190 -48.34 31.65 11.53
C VAL B 190 -47.28 32.25 12.43
N ASN B 191 -46.69 33.37 12.00
CA ASN B 191 -45.63 34.03 12.78
C ASN B 191 -44.49 33.06 13.08
N GLY B 192 -44.17 32.22 12.12
CA GLY B 192 -43.06 31.31 12.28
C GLY B 192 -43.29 30.09 13.15
N THR B 193 -44.54 29.83 13.54
CA THR B 193 -44.77 28.66 14.36
C THR B 193 -46.15 28.03 14.18
N ALA B 194 -46.24 26.75 14.53
CA ALA B 194 -47.49 25.98 14.54
C ALA B 194 -47.21 24.77 15.41
N PRO B 195 -48.21 24.33 16.20
CA PRO B 195 -49.57 24.84 16.35
C PRO B 195 -49.62 26.19 17.08
N ALA B 196 -50.83 26.73 17.20
CA ALA B 196 -51.05 28.04 17.82
C ALA B 196 -50.66 28.17 19.30
N ASN B 197 -50.73 27.07 20.05
CA ASN B 197 -50.40 27.14 21.47
C ASN B 197 -48.93 26.84 21.71
N THR B 198 -48.07 27.62 21.06
CA THR B 198 -46.63 27.46 21.20
C THR B 198 -46.01 28.83 21.44
N VAL B 199 -44.77 28.85 21.91
CA VAL B 199 -44.08 30.09 22.22
C VAL B 199 -42.86 30.20 21.29
N TRP B 200 -42.86 31.20 20.42
CA TRP B 200 -41.74 31.34 19.49
C TRP B 200 -41.42 32.82 19.26
N HIS B 201 -40.31 33.26 19.87
CA HIS B 201 -39.85 34.64 19.82
C HIS B 201 -40.78 35.60 20.57
N THR B 202 -41.66 35.02 21.39
CA THR B 202 -42.63 35.80 22.16
C THR B 202 -42.57 35.51 23.66
N GLY B 203 -41.64 34.66 24.06
CA GLY B 203 -41.55 34.32 25.46
C GLY B 203 -40.49 33.25 25.70
N ALA B 204 -40.27 32.92 26.96
CA ALA B 204 -39.26 31.93 27.32
C ALA B 204 -39.49 30.53 26.79
N ASN B 205 -38.40 29.89 26.37
CA ASN B 205 -38.45 28.50 25.87
C ASN B 205 -37.65 27.63 26.84
N ALA B 206 -38.25 26.56 27.36
CA ALA B 206 -37.48 25.68 28.24
C ALA B 206 -36.99 24.46 27.44
N LEU B 207 -35.94 23.78 27.92
CA LEU B 207 -35.51 22.55 27.27
C LEU B 207 -36.59 21.50 27.67
N ALA B 208 -36.90 20.55 26.80
CA ALA B 208 -37.90 19.53 27.16
C ALA B 208 -37.42 18.71 28.36
N SER B 209 -38.30 18.45 29.33
CA SER B 209 -37.85 17.64 30.47
C SER B 209 -38.01 16.16 30.14
N THR B 210 -38.81 15.87 29.13
CA THR B 210 -39.05 14.49 28.71
C THR B 210 -38.10 14.05 27.60
N ALA B 211 -37.33 12.99 27.85
CA ALA B 211 -36.40 12.48 26.87
C ALA B 211 -37.18 12.03 25.64
N GLY B 212 -36.63 12.31 24.45
CA GLY B 212 -37.30 11.89 23.24
C GLY B 212 -38.18 12.93 22.60
N ASP B 213 -38.49 14.00 23.33
CA ASP B 213 -39.35 15.04 22.78
C ASP B 213 -38.53 16.14 22.11
N PRO B 214 -38.94 16.57 20.92
CA PRO B 214 -38.22 17.65 20.24
C PRO B 214 -38.59 18.96 20.96
N TYR B 215 -37.74 19.97 20.84
CA TYR B 215 -38.02 21.27 21.45
C TYR B 215 -37.20 22.30 20.67
N PHE B 216 -37.59 23.56 20.80
CA PHE B 216 -36.93 24.63 20.06
C PHE B 216 -36.65 25.79 21.00
N ILE B 217 -35.53 26.48 20.77
CA ILE B 217 -35.16 27.61 21.61
C ILE B 217 -34.86 28.78 20.69
N ALA B 218 -35.65 29.85 20.81
CA ALA B 218 -35.44 31.04 20.00
C ALA B 218 -34.28 31.80 20.61
N ASN B 219 -33.48 32.43 19.76
CA ASN B 219 -32.30 33.17 20.20
C ASN B 219 -32.51 34.06 21.43
N GLY B 220 -31.82 33.74 22.52
CA GLY B 220 -31.90 34.54 23.73
C GLY B 220 -33.05 34.25 24.69
N TRP B 221 -33.97 33.38 24.27
CA TRP B 221 -35.16 33.05 25.08
C TRP B 221 -35.08 31.82 25.96
N GLY B 222 -33.99 31.06 25.87
CA GLY B 222 -33.86 29.87 26.69
C GLY B 222 -33.19 30.13 28.03
N PRO B 223 -33.00 29.08 28.84
CA PRO B 223 -32.36 29.20 30.16
C PRO B 223 -30.91 29.66 30.02
N LYS B 224 -30.51 30.56 30.90
CA LYS B 224 -29.15 31.10 30.89
C LYS B 224 -28.54 31.07 32.29
N TYR B 225 -27.22 30.98 32.33
CA TYR B 225 -26.48 30.92 33.59
C TYR B 225 -25.27 31.80 33.49
N LEU B 226 -25.05 32.59 34.53
CA LEU B 226 -23.90 33.49 34.59
C LEU B 226 -22.79 32.88 35.42
N ASN B 227 -21.61 32.79 34.83
CA ASN B 227 -20.45 32.30 35.56
C ASN B 227 -19.53 33.51 35.68
N SER B 228 -19.06 33.80 36.89
CA SER B 228 -18.22 34.97 37.12
C SER B 228 -16.81 34.64 37.57
N GLN B 229 -16.36 33.41 37.34
CA GLN B 229 -15.04 32.97 37.79
C GLN B 229 -13.88 33.54 36.95
N TYR B 230 -14.04 33.64 35.63
CA TYR B 230 -12.96 34.14 34.77
C TYR B 230 -13.54 35.17 33.84
N GLY B 231 -13.88 36.33 34.39
CA GLY B 231 -14.54 37.34 33.59
C GLY B 231 -15.98 36.83 33.63
N TYR B 232 -16.87 37.39 32.83
CA TYR B 232 -18.26 36.94 32.82
C TYR B 232 -18.49 36.06 31.61
N GLN B 233 -19.17 34.94 31.82
CA GLN B 233 -19.49 34.03 30.73
C GLN B 233 -20.93 33.60 30.96
N ILE B 234 -21.74 33.67 29.91
CA ILE B 234 -23.15 33.28 30.05
C ILE B 234 -23.35 32.04 29.22
N VAL B 235 -23.70 30.93 29.88
CA VAL B 235 -23.96 29.70 29.16
C VAL B 235 -25.48 29.61 28.93
N ALA B 236 -25.86 29.30 27.69
CA ALA B 236 -27.27 29.10 27.33
C ALA B 236 -27.34 27.64 26.85
N PRO B 237 -27.73 26.72 27.75
CA PRO B 237 -27.81 25.31 27.36
C PRO B 237 -28.83 25.02 26.28
N PHE B 238 -28.46 24.11 25.38
CA PHE B 238 -29.37 23.64 24.31
C PHE B 238 -29.67 22.16 24.60
N VAL B 239 -28.65 21.42 25.06
CA VAL B 239 -28.80 20.00 25.41
C VAL B 239 -28.03 19.72 26.68
N THR B 240 -28.68 19.06 27.65
CA THR B 240 -28.03 18.66 28.90
C THR B 240 -28.23 17.16 29.03
N ALA B 241 -27.71 16.58 30.10
CA ALA B 241 -27.84 15.14 30.30
C ALA B 241 -29.29 14.67 30.25
N THR B 242 -30.20 15.48 30.76
CA THR B 242 -31.61 15.12 30.76
C THR B 242 -32.13 14.81 29.37
N GLN B 243 -31.71 15.60 28.38
CA GLN B 243 -32.17 15.39 27.01
C GLN B 243 -31.29 14.40 26.22
N ALA B 244 -29.99 14.44 26.46
CA ALA B 244 -29.06 13.58 25.73
C ALA B 244 -29.14 12.10 26.15
N GLN B 245 -29.36 11.87 27.44
CA GLN B 245 -29.38 10.49 27.96
C GLN B 245 -28.11 9.78 27.53
N ASP B 246 -28.23 8.54 27.03
CA ASP B 246 -27.04 7.81 26.66
C ASP B 246 -26.25 8.34 25.46
N THR B 247 -26.78 9.34 24.74
CA THR B 247 -25.97 9.89 23.63
C THR B 247 -24.80 10.65 24.25
N ASN B 248 -24.91 10.94 25.54
CA ASN B 248 -23.78 11.46 26.31
C ASN B 248 -22.99 12.66 25.76
N TYR B 249 -23.63 13.82 25.70
CA TYR B 249 -22.99 15.04 25.22
C TYR B 249 -23.79 16.25 25.70
N THR B 250 -23.19 17.43 25.55
CA THR B 250 -23.87 18.67 25.89
C THR B 250 -23.68 19.64 24.73
N LEU B 251 -24.61 20.57 24.60
CA LEU B 251 -24.56 21.55 23.54
C LEU B 251 -25.10 22.86 24.12
N SER B 252 -24.52 24.00 23.72
CA SER B 252 -24.98 25.28 24.27
C SER B 252 -24.29 26.40 23.52
N THR B 253 -24.60 27.64 23.89
CA THR B 253 -23.83 28.76 23.38
C THR B 253 -23.16 29.29 24.66
N ILE B 254 -21.99 29.84 24.51
CA ILE B 254 -21.29 30.43 25.64
C ILE B 254 -20.97 31.84 25.18
N SER B 255 -21.45 32.84 25.93
CA SER B 255 -21.17 34.26 25.61
C SER B 255 -20.08 34.69 26.56
N MET B 256 -19.19 35.57 26.12
CA MET B 256 -18.04 35.91 26.96
C MET B 256 -17.69 37.39 26.98
N SER B 257 -17.24 37.88 28.14
CA SER B 257 -16.75 39.24 28.27
C SER B 257 -15.23 39.11 28.09
N THR B 258 -14.52 40.22 28.23
CA THR B 258 -13.05 40.15 28.18
C THR B 258 -12.59 39.71 29.58
N THR B 259 -11.29 39.48 29.75
CA THR B 259 -10.72 39.06 31.04
C THR B 259 -10.29 40.31 31.81
N PRO B 260 -10.86 40.54 33.00
CA PRO B 260 -10.52 41.73 33.81
C PRO B 260 -9.19 41.71 34.57
N SER B 261 -8.85 42.87 35.13
CA SER B 261 -7.61 43.07 35.90
C SER B 261 -7.46 42.02 37.00
N THR B 262 -6.24 41.49 37.10
CA THR B 262 -5.81 40.45 38.07
C THR B 262 -6.19 39.02 37.69
N VAL B 263 -7.12 38.88 36.73
CA VAL B 263 -7.57 37.55 36.30
C VAL B 263 -6.71 36.95 35.20
N THR B 264 -6.30 35.70 35.37
CA THR B 264 -5.49 35.04 34.34
C THR B 264 -6.39 34.03 33.62
N VAL B 265 -6.23 33.94 32.31
CA VAL B 265 -7.00 32.99 31.52
C VAL B 265 -6.61 31.58 32.00
N PRO B 266 -7.58 30.79 32.47
CA PRO B 266 -7.32 29.44 32.97
C PRO B 266 -7.05 28.41 31.90
N THR B 267 -6.44 27.30 32.30
CA THR B 267 -6.18 26.21 31.38
C THR B 267 -7.18 25.11 31.74
N TRP B 268 -7.83 24.56 30.71
CA TRP B 268 -8.85 23.53 30.90
C TRP B 268 -8.43 22.19 30.31
N SER B 269 -9.06 21.12 30.81
CA SER B 269 -8.82 19.77 30.27
C SER B 269 -10.02 18.92 30.64
N PHE B 270 -10.64 18.27 29.68
CA PHE B 270 -11.80 17.43 29.95
C PHE B 270 -11.61 16.08 29.28
N PRO B 271 -12.29 15.03 29.79
CA PRO B 271 -12.15 13.69 29.22
C PRO B 271 -12.64 13.54 27.78
N GLY B 272 -13.74 14.21 27.43
CA GLY B 272 -14.28 14.10 26.09
C GLY B 272 -13.91 15.23 25.17
N ALA B 273 -13.88 14.95 23.87
CA ALA B 273 -13.57 15.95 22.86
C ALA B 273 -14.63 17.05 22.96
N CYS B 274 -14.27 18.25 22.53
CA CYS B 274 -15.23 19.35 22.47
C CYS B 274 -14.83 20.25 21.32
N ALA B 275 -15.74 21.14 20.94
CA ALA B 275 -15.47 22.06 19.82
C ALA B 275 -16.40 23.24 19.91
N PHE B 276 -16.06 24.32 19.22
CA PHE B 276 -16.98 25.45 19.18
C PHE B 276 -16.80 26.19 17.88
N GLN B 277 -17.88 26.86 17.50
CA GLN B 277 -17.88 27.68 16.30
C GLN B 277 -18.24 29.10 16.76
N VAL B 278 -17.43 30.06 16.39
CA VAL B 278 -17.71 31.43 16.78
C VAL B 278 -18.93 31.91 16.00
N GLN B 279 -19.86 32.54 16.70
CA GLN B 279 -21.03 33.10 16.05
C GLN B 279 -20.88 34.61 15.92
N GLU B 280 -20.42 35.24 16.99
CA GLU B 280 -20.21 36.69 17.03
C GLU B 280 -18.93 36.96 17.82
N GLY B 281 -18.13 37.93 17.38
CA GLY B 281 -16.94 38.23 18.16
C GLY B 281 -15.62 37.71 17.65
N ARG B 282 -14.64 37.73 18.55
CA ARG B 282 -13.29 37.33 18.24
C ARG B 282 -12.76 36.58 19.44
N VAL B 283 -12.47 35.31 19.24
CA VAL B 283 -12.02 34.47 20.34
C VAL B 283 -10.66 33.85 20.03
N VAL B 284 -9.74 33.97 20.96
CA VAL B 284 -8.42 33.38 20.77
C VAL B 284 -8.44 32.01 21.45
N VAL B 285 -7.91 31.00 20.78
CA VAL B 285 -7.87 29.66 21.37
C VAL B 285 -6.42 29.19 21.31
N GLN B 286 -6.00 28.48 22.35
CA GLN B 286 -4.63 27.95 22.38
C GLN B 286 -4.82 26.51 22.83
N ILE B 287 -4.41 25.59 21.98
CA ILE B 287 -4.60 24.18 22.28
C ILE B 287 -3.29 23.41 22.24
N GLY B 288 -3.05 22.62 23.28
CA GLY B 288 -1.84 21.83 23.32
C GLY B 288 -0.60 22.66 23.11
N ASP B 289 0.30 22.17 22.26
CA ASP B 289 1.55 22.87 21.99
C ASP B 289 1.49 23.71 20.73
N TYR B 290 0.30 23.90 20.18
CA TYR B 290 0.16 24.71 18.98
C TYR B 290 0.11 26.20 19.26
N ALA B 291 0.43 26.97 18.23
CA ALA B 291 0.40 28.44 18.34
C ALA B 291 -1.05 28.87 18.50
N ALA B 292 -1.28 29.90 19.31
CA ALA B 292 -2.62 30.43 19.53
C ALA B 292 -3.17 31.00 18.22
N THR B 293 -4.49 30.91 18.05
CA THR B 293 -5.16 31.42 16.85
C THR B 293 -6.39 32.21 17.26
N GLU B 294 -6.63 33.33 16.58
CA GLU B 294 -7.82 34.14 16.84
C GLU B 294 -8.87 33.75 15.79
N LEU B 295 -10.03 33.34 16.28
CA LEU B 295 -11.15 32.93 15.45
C LEU B 295 -12.17 34.05 15.28
N GLY B 296 -12.80 34.09 14.09
CA GLY B 296 -13.82 35.05 13.76
C GLY B 296 -15.10 34.32 13.37
N SER B 297 -16.08 35.03 12.82
CA SER B 297 -17.39 34.43 12.46
C SER B 297 -17.33 33.10 11.72
N GLY B 298 -18.00 32.10 12.27
CA GLY B 298 -18.06 30.80 11.62
C GLY B 298 -16.85 29.92 11.73
N ASP B 299 -15.73 30.44 12.26
CA ASP B 299 -14.54 29.62 12.43
C ASP B 299 -14.78 28.56 13.52
N VAL B 300 -14.20 27.38 13.34
CA VAL B 300 -14.40 26.25 14.26
C VAL B 300 -13.11 25.78 14.91
N ALA B 301 -13.14 25.56 16.22
CA ALA B 301 -11.97 25.04 16.95
C ALA B 301 -12.33 23.68 17.48
N PHE B 302 -11.42 22.71 17.33
CA PHE B 302 -11.66 21.37 17.84
C PHE B 302 -10.56 20.99 18.84
N ILE B 303 -10.99 20.53 20.01
CA ILE B 303 -10.07 20.16 21.09
C ILE B 303 -10.24 18.69 21.51
N PRO B 304 -9.23 17.85 21.24
CA PRO B 304 -9.31 16.43 21.61
C PRO B 304 -9.51 16.28 23.11
N GLY B 305 -10.22 15.25 23.54
CA GLY B 305 -10.37 15.05 24.96
C GLY B 305 -9.00 14.78 25.56
N GLY B 306 -8.77 15.25 26.78
CA GLY B 306 -7.50 15.04 27.42
C GLY B 306 -6.42 16.04 27.04
N VAL B 307 -6.71 16.92 26.09
CA VAL B 307 -5.73 17.92 25.67
C VAL B 307 -6.03 19.24 26.35
N GLU B 308 -4.99 19.89 26.89
CA GLU B 308 -5.16 21.17 27.56
C GLU B 308 -5.44 22.32 26.58
N PHE B 309 -6.25 23.27 27.03
CA PHE B 309 -6.57 24.42 26.19
C PHE B 309 -6.97 25.65 27.01
N LYS B 310 -6.85 26.81 26.38
CA LYS B 310 -7.21 28.09 26.97
C LYS B 310 -7.93 28.88 25.88
N TYR B 311 -8.89 29.70 26.27
CA TYR B 311 -9.59 30.55 25.32
C TYR B 311 -10.00 31.84 26.03
N TYR B 312 -10.05 32.91 25.28
CA TYR B 312 -10.50 34.18 25.83
C TYR B 312 -11.03 35.02 24.69
N SER B 313 -11.86 36.00 25.04
CA SER B 313 -12.45 36.86 24.03
C SER B 313 -11.62 38.13 23.87
N GLU B 314 -11.23 38.42 22.64
CA GLU B 314 -10.52 39.65 22.32
C GLU B 314 -11.60 40.72 22.11
N ALA B 315 -12.77 40.31 21.60
CA ALA B 315 -13.86 41.27 21.44
C ALA B 315 -14.48 41.52 22.82
N TYR B 316 -15.13 42.67 22.98
CA TYR B 316 -15.75 43.02 24.25
C TYR B 316 -16.86 42.05 24.62
N PHE B 317 -17.45 41.43 23.59
CA PHE B 317 -18.50 40.41 23.73
C PHE B 317 -18.39 39.45 22.56
N SER B 318 -18.33 38.16 22.86
CA SER B 318 -18.30 37.11 21.83
C SER B 318 -19.31 36.04 22.23
N LYS B 319 -19.83 35.33 21.23
CA LYS B 319 -20.78 34.26 21.47
C LYS B 319 -20.37 33.08 20.60
N VAL B 320 -20.22 31.89 21.18
CA VAL B 320 -19.85 30.72 20.39
C VAL B 320 -20.87 29.59 20.61
N LEU B 321 -20.97 28.72 19.62
CA LEU B 321 -21.84 27.52 19.69
C LEU B 321 -20.85 26.44 20.16
N PHE B 322 -21.19 25.77 21.25
CA PHE B 322 -20.28 24.81 21.88
C PHE B 322 -20.85 23.41 22.02
N VAL B 323 -20.05 22.41 21.68
CA VAL B 323 -20.48 21.01 21.81
C VAL B 323 -19.40 20.21 22.53
N SER B 324 -19.83 19.32 23.42
CA SER B 324 -18.89 18.51 24.18
C SER B 324 -19.36 17.07 24.39
N SER B 325 -18.41 16.14 24.26
CA SER B 325 -18.69 14.72 24.48
C SER B 325 -18.58 14.50 25.99
N GLY B 326 -19.56 13.80 26.56
CA GLY B 326 -19.55 13.58 28.00
C GLY B 326 -20.65 14.41 28.64
N SER B 327 -20.89 14.21 29.94
CA SER B 327 -21.95 14.98 30.59
C SER B 327 -21.43 16.21 31.34
N ASP B 328 -20.11 16.32 31.49
CA ASP B 328 -19.57 17.44 32.26
C ASP B 328 -18.42 18.20 31.63
N GLY B 329 -18.61 18.57 30.38
CA GLY B 329 -17.61 19.35 29.70
C GLY B 329 -17.64 20.81 30.14
N LEU B 330 -16.92 21.65 29.40
CA LEU B 330 -16.82 23.08 29.75
C LEU B 330 -18.12 23.80 30.08
N ASP B 331 -19.12 23.67 29.23
CA ASP B 331 -20.37 24.38 29.49
C ASP B 331 -21.07 23.95 30.76
N GLN B 332 -21.15 22.65 31.01
CA GLN B 332 -21.80 22.19 32.24
C GLN B 332 -20.95 22.63 33.44
N ASN B 333 -19.64 22.68 33.26
CA ASN B 333 -18.76 23.10 34.34
C ASN B 333 -19.02 24.56 34.72
N LEU B 334 -19.13 25.41 33.70
CA LEU B 334 -19.39 26.83 33.94
C LEU B 334 -20.77 27.01 34.56
N VAL B 335 -21.74 26.23 34.09
CA VAL B 335 -23.10 26.29 34.64
C VAL B 335 -23.05 25.93 36.13
N ASN B 336 -22.42 24.80 36.44
CA ASN B 336 -22.36 24.36 37.84
C ASN B 336 -21.64 25.34 38.77
N GLY B 337 -20.67 26.07 38.24
CA GLY B 337 -19.98 27.05 39.07
C GLY B 337 -20.60 28.44 39.03
N GLY B 338 -21.71 28.57 38.32
CA GLY B 338 -22.39 29.87 38.20
C GLY B 338 -23.77 29.87 38.80
N GLU B 339 -24.64 30.76 38.33
CA GLU B 339 -26.01 30.85 38.85
C GLU B 339 -27.00 31.18 37.73
N GLU B 340 -28.26 30.82 37.93
CA GLU B 340 -29.27 31.16 36.92
C GLU B 340 -29.25 32.67 36.71
N TRP B 341 -29.40 33.06 35.45
CA TRP B 341 -29.31 34.46 35.04
C TRP B 341 -30.38 34.74 33.99
N SER B 342 -31.01 35.91 34.05
CA SER B 342 -32.09 36.19 33.12
C SER B 342 -31.80 37.17 31.99
N SER B 343 -30.54 37.33 31.62
CA SER B 343 -30.26 38.26 30.52
C SER B 343 -29.19 37.72 29.60
N VAL B 344 -29.21 38.15 28.34
CA VAL B 344 -28.17 37.74 27.40
C VAL B 344 -26.94 38.62 27.63
N SER B 345 -27.10 39.70 28.40
CA SER B 345 -25.98 40.60 28.72
C SER B 345 -25.46 40.31 30.12
N PHE B 346 -24.16 40.51 30.34
CA PHE B 346 -23.60 40.27 31.67
C PHE B 346 -23.59 41.60 32.44
N PRO B 347 -23.30 41.56 33.75
CA PRO B 347 -23.27 42.80 34.54
C PRO B 347 -22.37 43.89 33.98
N ALA B 348 -22.74 45.13 34.26
CA ALA B 348 -21.99 46.29 33.79
C ALA B 348 -20.76 46.57 34.63
N ASP B 349 -20.67 45.96 35.81
CA ASP B 349 -19.53 46.14 36.71
C ASP B 349 -18.90 44.78 37.02
N TRP B 350 -17.60 44.79 37.27
CA TRP B 350 -16.90 43.57 37.61
C TRP B 350 -17.24 43.17 39.06
N LEU C 5 -23.06 -4.61 -11.47
CA LEU C 5 -22.77 -5.38 -10.18
C LEU C 5 -21.31 -5.29 -9.76
N ILE C 6 -20.43 -5.28 -10.75
CA ILE C 6 -19.01 -5.22 -10.47
C ILE C 6 -18.59 -3.78 -10.28
N VAL C 7 -17.81 -3.55 -9.22
CA VAL C 7 -17.31 -2.23 -8.88
C VAL C 7 -15.80 -2.30 -8.63
N GLU C 8 -15.11 -1.17 -8.80
CA GLU C 8 -13.65 -1.09 -8.62
C GLU C 8 -13.21 -0.68 -7.20
N ASP C 9 -14.12 -0.04 -6.46
CA ASP C 9 -13.91 0.36 -5.08
C ASP C 9 -15.23 0.01 -4.40
N ALA C 10 -15.18 -0.34 -3.12
CA ALA C 10 -16.43 -0.67 -2.40
C ALA C 10 -17.34 0.57 -2.50
N PRO C 11 -18.64 0.38 -2.74
CA PRO C 11 -19.59 1.51 -2.84
C PRO C 11 -19.58 2.36 -1.58
N ASP C 12 -20.04 3.60 -1.68
CA ASP C 12 -20.08 4.46 -0.50
C ASP C 12 -21.43 4.33 0.22
N HIS C 13 -22.16 3.27 -0.11
CA HIS C 13 -23.46 2.99 0.49
C HIS C 13 -23.74 1.50 0.28
N VAL C 14 -24.77 1.00 0.95
CA VAL C 14 -25.16 -0.40 0.87
C VAL C 14 -25.90 -0.75 -0.41
N ARG C 15 -25.42 -1.78 -1.10
CA ARG C 15 -26.02 -2.26 -2.35
C ARG C 15 -25.33 -3.57 -2.71
N PRO C 16 -25.97 -4.40 -3.54
CA PRO C 16 -25.33 -5.66 -3.93
C PRO C 16 -24.11 -5.28 -4.78
N TYR C 17 -23.00 -6.00 -4.63
CA TYR C 17 -21.84 -5.74 -5.49
C TYR C 17 -20.84 -6.89 -5.43
N VAL C 18 -19.93 -6.89 -6.40
CA VAL C 18 -18.87 -7.88 -6.48
C VAL C 18 -17.66 -7.01 -6.75
N ILE C 19 -16.57 -7.26 -6.05
CA ILE C 19 -15.35 -6.50 -6.31
C ILE C 19 -14.29 -7.57 -6.59
N ARG C 20 -13.64 -7.45 -7.75
CA ARG C 20 -12.63 -8.44 -8.15
C ARG C 20 -11.35 -8.35 -7.31
N HIS C 21 -10.67 -9.48 -7.20
CA HIS C 21 -9.43 -9.54 -6.45
C HIS C 21 -8.46 -8.46 -6.98
N TYR C 22 -7.81 -7.74 -6.07
CA TYR C 22 -6.83 -6.70 -6.43
C TYR C 22 -7.40 -5.48 -7.12
N SER C 23 -8.70 -5.28 -7.02
CA SER C 23 -9.31 -4.05 -7.56
C SER C 23 -8.71 -2.92 -6.70
N HIS C 24 -8.79 -1.69 -7.17
CA HIS C 24 -8.22 -0.58 -6.41
C HIS C 24 -8.65 -0.60 -4.94
N ALA C 25 -9.96 -0.71 -4.70
CA ALA C 25 -10.47 -0.82 -3.34
C ALA C 25 -9.87 0.16 -2.33
N ARG C 26 -9.86 1.44 -2.69
CA ARG C 26 -9.32 2.52 -1.85
C ARG C 26 -7.95 2.21 -1.28
N ALA C 27 -7.11 1.55 -2.09
CA ALA C 27 -5.78 1.13 -1.65
C ALA C 27 -4.91 2.16 -0.97
N VAL C 28 -4.25 1.75 0.11
CA VAL C 28 -3.28 2.59 0.80
C VAL C 28 -2.10 1.68 1.12
N THR C 29 -0.92 2.29 1.29
CA THR C 29 0.25 1.54 1.66
C THR C 29 0.75 2.05 3.00
N VAL C 30 1.31 1.14 3.80
CA VAL C 30 1.97 1.49 5.04
C VAL C 30 3.31 0.79 4.86
N ASP C 31 4.34 1.57 4.58
CA ASP C 31 5.67 1.01 4.34
C ASP C 31 5.57 0.02 3.16
N THR C 32 5.92 -1.25 3.36
CA THR C 32 5.83 -2.21 2.25
C THR C 32 4.48 -2.87 2.07
N GLN C 33 3.57 -2.66 3.03
CA GLN C 33 2.26 -3.30 2.99
C GLN C 33 1.23 -2.53 2.17
N LEU C 34 0.43 -3.24 1.39
CA LEU C 34 -0.62 -2.59 0.59
C LEU C 34 -1.96 -3.18 1.06
N TYR C 35 -2.84 -2.29 1.53
CA TYR C 35 -4.15 -2.66 2.05
C TYR C 35 -5.26 -2.31 1.05
N ARG C 36 -6.21 -3.22 0.88
CA ARG C 36 -7.36 -3.03 -0.01
C ARG C 36 -8.61 -3.25 0.85
N PHE C 37 -9.61 -2.40 0.66
CA PHE C 37 -10.83 -2.49 1.47
C PHE C 37 -12.00 -2.95 0.60
N TYR C 38 -12.18 -4.28 0.54
CA TYR C 38 -13.23 -4.88 -0.27
C TYR C 38 -14.63 -4.65 0.28
N VAL C 39 -14.76 -4.63 1.61
CA VAL C 39 -16.04 -4.34 2.28
C VAL C 39 -15.68 -3.32 3.38
N THR C 40 -16.39 -2.21 3.40
CA THR C 40 -16.13 -1.13 4.36
C THR C 40 -17.34 -0.86 5.23
N GLY C 41 -17.20 0.11 6.13
CA GLY C 41 -18.35 0.46 6.97
C GLY C 41 -19.45 1.01 6.08
N PRO C 42 -19.16 2.01 5.22
CA PRO C 42 -20.20 2.55 4.36
C PRO C 42 -20.81 1.51 3.41
N SER C 43 -20.00 0.58 2.91
CA SER C 43 -20.55 -0.40 1.98
C SER C 43 -21.34 -1.52 2.64
N SER C 44 -21.17 -1.71 3.95
CA SER C 44 -21.89 -2.77 4.65
C SER C 44 -22.84 -2.27 5.71
N GLY C 45 -23.06 -0.96 5.76
CA GLY C 45 -23.96 -0.44 6.79
C GLY C 45 -23.33 -0.69 8.15
N TYR C 46 -22.00 -0.67 8.15
CA TYR C 46 -21.17 -0.85 9.35
C TYR C 46 -21.21 -2.23 9.98
N ALA C 47 -21.69 -3.21 9.23
CA ALA C 47 -21.78 -4.59 9.72
C ALA C 47 -20.38 -5.19 9.90
N PHE C 48 -19.50 -5.00 8.91
CA PHE C 48 -18.15 -5.54 9.03
C PHE C 48 -17.22 -4.97 7.98
N THR C 49 -15.93 -5.15 8.19
CA THR C 49 -14.89 -4.70 7.26
C THR C 49 -14.19 -5.96 6.74
N LEU C 50 -14.02 -6.08 5.43
CA LEU C 50 -13.31 -7.23 4.86
C LEU C 50 -12.19 -6.61 4.02
N MET C 51 -10.95 -6.81 4.46
CA MET C 51 -9.81 -6.21 3.78
C MET C 51 -8.75 -7.23 3.39
N GLY C 52 -7.93 -6.87 2.43
CA GLY C 52 -6.87 -7.75 2.01
C GLY C 52 -5.58 -6.98 2.15
N THR C 53 -4.56 -7.63 2.72
CA THR C 53 -3.25 -7.00 2.86
C THR C 53 -2.23 -7.87 2.12
N ASN C 54 -1.49 -7.26 1.20
CA ASN C 54 -0.47 -7.98 0.47
C ASN C 54 0.86 -7.37 0.86
N ALA C 55 1.85 -8.21 1.11
CA ALA C 55 3.13 -7.70 1.55
C ALA C 55 4.25 -8.69 1.41
N PRO C 56 5.49 -8.19 1.33
CA PRO C 56 6.67 -9.04 1.19
C PRO C 56 7.17 -9.46 2.57
N HIS C 57 8.19 -10.31 2.58
CA HIS C 57 8.81 -10.74 3.83
C HIS C 57 9.33 -9.50 4.58
N SER C 58 9.19 -9.49 5.91
CA SER C 58 9.73 -8.41 6.73
C SER C 58 10.44 -9.04 7.93
N ASP C 59 11.55 -8.42 8.34
CA ASP C 59 12.25 -8.91 9.51
C ASP C 59 11.70 -8.23 10.76
N ALA C 60 10.73 -7.33 10.57
CA ALA C 60 10.11 -6.59 11.70
C ALA C 60 8.63 -6.91 11.82
N LEU C 61 8.06 -6.63 12.99
CA LEU C 61 6.64 -6.85 13.20
C LEU C 61 5.89 -5.97 12.21
N GLY C 62 4.73 -6.42 11.77
CA GLY C 62 3.92 -5.67 10.83
C GLY C 62 3.07 -4.60 11.47
N VAL C 63 2.92 -4.67 12.79
CA VAL C 63 2.13 -3.70 13.55
C VAL C 63 2.56 -3.78 15.01
N LEU C 64 2.47 -2.67 15.74
CA LEU C 64 2.87 -2.73 17.15
C LEU C 64 1.84 -3.56 17.91
N PRO C 65 2.26 -4.30 18.95
CA PRO C 65 1.32 -5.11 19.74
C PRO C 65 0.20 -4.19 20.25
N HIS C 66 -1.04 -4.67 20.19
CA HIS C 66 -2.17 -3.85 20.60
C HIS C 66 -3.42 -4.68 20.88
N ILE C 67 -4.42 -3.97 21.36
CA ILE C 67 -5.73 -4.54 21.68
C ILE C 67 -6.81 -3.68 21.04
N HIS C 68 -7.96 -4.30 20.78
CA HIS C 68 -9.15 -3.59 20.28
C HIS C 68 -10.16 -3.89 21.36
N GLN C 69 -10.73 -2.88 21.98
CA GLN C 69 -11.74 -3.13 23.01
C GLN C 69 -13.13 -3.36 22.46
N LYS C 70 -13.37 -2.87 21.24
CA LYS C 70 -14.70 -2.95 20.63
C LYS C 70 -14.77 -3.63 19.27
N HIS C 71 -13.67 -4.22 18.84
CA HIS C 71 -13.64 -4.91 17.55
C HIS C 71 -13.08 -6.31 17.71
N TYR C 72 -13.66 -7.26 16.98
CA TYR C 72 -13.22 -8.66 16.94
C TYR C 72 -12.45 -8.76 15.62
N GLU C 73 -11.19 -9.14 15.70
CA GLU C 73 -10.34 -9.27 14.52
C GLU C 73 -10.19 -10.73 14.12
N ASN C 74 -10.12 -10.96 12.82
CA ASN C 74 -9.99 -12.31 12.26
C ASN C 74 -8.93 -12.29 11.17
N PHE C 75 -7.95 -13.18 11.28
CA PHE C 75 -6.85 -13.27 10.33
C PHE C 75 -6.96 -14.54 9.51
N TYR C 76 -7.01 -14.40 8.19
CA TYR C 76 -7.11 -15.54 7.30
C TYR C 76 -5.98 -15.42 6.29
N CYS C 77 -5.19 -16.49 6.13
CA CYS C 77 -4.06 -16.44 5.19
C CYS C 77 -4.49 -16.97 3.82
N ASN C 78 -4.57 -16.09 2.82
CA ASN C 78 -4.94 -16.53 1.49
C ASN C 78 -3.79 -17.24 0.80
N LYS C 79 -2.58 -16.70 0.99
CA LYS C 79 -1.38 -17.30 0.39
C LYS C 79 -0.15 -16.76 1.12
N GLY C 80 1.00 -17.39 0.89
CA GLY C 80 2.22 -16.98 1.55
C GLY C 80 2.14 -17.42 3.00
N SER C 81 2.65 -16.60 3.91
CA SER C 81 2.60 -16.97 5.33
C SER C 81 3.00 -15.80 6.22
N PHE C 82 2.39 -15.76 7.40
CA PHE C 82 2.68 -14.72 8.39
C PHE C 82 2.49 -15.32 9.77
N GLN C 83 3.26 -14.81 10.73
CA GLN C 83 3.13 -15.30 12.10
C GLN C 83 2.15 -14.38 12.84
N LEU C 84 1.35 -14.97 13.73
CA LEU C 84 0.38 -14.22 14.53
C LEU C 84 0.63 -14.57 15.99
N TRP C 85 0.69 -13.55 16.85
CA TRP C 85 0.88 -13.71 18.29
C TRP C 85 -0.38 -13.20 18.98
N ALA C 86 -0.87 -13.90 20.00
CA ALA C 86 -2.08 -13.46 20.67
C ALA C 86 -2.12 -13.89 22.14
N GLN C 87 -2.65 -13.03 22.99
CA GLN C 87 -2.77 -13.38 24.40
C GLN C 87 -3.96 -12.71 25.07
N SER C 88 -4.75 -13.50 25.79
CA SER C 88 -5.88 -13.01 26.56
C SER C 88 -5.48 -12.99 28.04
N GLY C 89 -5.59 -11.83 28.68
CA GLY C 89 -5.25 -11.69 30.09
C GLY C 89 -3.97 -12.37 30.54
N ASN C 90 -4.06 -13.25 31.53
CA ASN C 90 -2.87 -13.96 32.00
C ASN C 90 -2.78 -15.37 31.42
N GLU C 91 -3.58 -15.65 30.40
CA GLU C 91 -3.50 -16.96 29.76
C GLU C 91 -2.17 -17.00 29.03
N THR C 92 -1.65 -18.21 28.80
CA THR C 92 -0.38 -18.36 28.13
C THR C 92 -0.42 -17.71 26.75
N GLN C 93 0.64 -16.97 26.41
CA GLN C 93 0.72 -16.32 25.10
C GLN C 93 0.85 -17.42 24.02
N GLN C 94 0.07 -17.28 22.95
CA GLN C 94 0.09 -18.26 21.86
C GLN C 94 0.59 -17.61 20.58
N THR C 95 1.22 -18.41 19.72
CA THR C 95 1.66 -17.92 18.41
C THR C 95 1.68 -19.05 17.39
N ARG C 96 1.26 -18.74 16.16
CA ARG C 96 1.25 -19.73 15.09
C ARG C 96 1.70 -19.04 13.80
N VAL C 97 2.29 -19.82 12.91
CA VAL C 97 2.67 -19.31 11.61
C VAL C 97 1.56 -19.83 10.70
N LEU C 98 0.76 -18.90 10.18
CA LEU C 98 -0.35 -19.27 9.29
C LEU C 98 0.13 -19.34 7.85
N SER C 99 -0.24 -20.42 7.16
CA SER C 99 0.08 -20.53 5.73
C SER C 99 -1.28 -20.58 5.04
N SER C 100 -1.28 -20.83 3.73
CA SER C 100 -2.53 -20.81 2.94
C SER C 100 -3.70 -21.58 3.56
N GLY C 101 -4.80 -20.86 3.77
CA GLY C 101 -6.01 -21.47 4.33
C GLY C 101 -6.07 -21.54 5.85
N ASP C 102 -5.03 -21.08 6.53
CA ASP C 102 -5.01 -21.09 8.01
C ASP C 102 -5.75 -19.87 8.54
N TYR C 103 -6.23 -20.00 9.78
CA TYR C 103 -7.04 -18.98 10.41
C TYR C 103 -6.66 -18.70 11.86
N GLY C 104 -6.74 -17.43 12.24
CA GLY C 104 -6.46 -16.98 13.59
C GLY C 104 -7.57 -16.07 14.09
N SER C 105 -8.14 -16.38 15.25
CA SER C 105 -9.25 -15.61 15.83
C SER C 105 -8.77 -14.73 17.00
N VAL C 106 -9.10 -13.44 16.95
CA VAL C 106 -8.66 -12.50 17.97
C VAL C 106 -9.84 -11.70 18.55
N PRO C 107 -10.47 -12.25 19.58
CA PRO C 107 -11.62 -11.54 20.21
C PRO C 107 -11.20 -10.18 20.80
N ARG C 108 -12.17 -9.38 21.21
CA ARG C 108 -11.90 -8.09 21.83
C ARG C 108 -11.02 -8.31 23.07
N ASN C 109 -10.20 -7.30 23.37
CA ASN C 109 -9.30 -7.31 24.52
C ASN C 109 -8.24 -8.41 24.50
N VAL C 110 -7.80 -8.78 23.30
CA VAL C 110 -6.76 -9.80 23.16
C VAL C 110 -5.58 -9.07 22.53
N THR C 111 -4.43 -9.10 23.19
CA THR C 111 -3.24 -8.43 22.66
C THR C 111 -2.74 -9.24 21.48
N HIS C 112 -2.33 -8.57 20.41
CA HIS C 112 -1.84 -9.27 19.23
C HIS C 112 -0.94 -8.45 18.32
N THR C 113 -0.25 -9.16 17.45
CA THR C 113 0.61 -8.56 16.44
C THR C 113 0.91 -9.66 15.43
N PHE C 114 1.50 -9.30 14.31
CA PHE C 114 1.81 -10.29 13.29
C PHE C 114 3.09 -9.86 12.60
N GLN C 115 3.68 -10.79 11.83
CA GLN C 115 4.89 -10.50 11.07
C GLN C 115 4.81 -11.28 9.76
N ILE C 116 5.03 -10.59 8.64
CA ILE C 116 4.96 -11.24 7.32
C ILE C 116 6.22 -12.06 7.03
N GLN C 117 6.04 -13.33 6.67
CA GLN C 117 7.17 -14.22 6.41
C GLN C 117 7.52 -14.48 4.95
N ASP C 118 6.54 -14.84 4.14
CA ASP C 118 6.83 -15.17 2.73
C ASP C 118 6.69 -14.01 1.76
N PRO C 119 7.42 -14.08 0.62
CA PRO C 119 7.37 -13.02 -0.39
C PRO C 119 6.01 -12.68 -0.98
N ASP C 120 5.18 -13.69 -1.24
CA ASP C 120 3.85 -13.43 -1.83
C ASP C 120 2.77 -13.69 -0.79
N THR C 121 2.79 -12.91 0.28
CA THR C 121 1.84 -13.10 1.35
C THR C 121 0.59 -12.25 1.24
N GLU C 122 -0.57 -12.88 1.48
CA GLU C 122 -1.82 -12.16 1.46
C GLU C 122 -2.58 -12.56 2.70
N MET C 123 -3.01 -11.54 3.43
CA MET C 123 -3.73 -11.71 4.68
C MET C 123 -5.09 -11.06 4.51
N THR C 124 -6.17 -11.82 4.72
CA THR C 124 -7.50 -11.25 4.60
C THR C 124 -7.99 -11.04 6.02
N GLY C 125 -8.44 -9.82 6.31
CA GLY C 125 -8.92 -9.53 7.64
C GLY C 125 -10.41 -9.32 7.63
N VAL C 126 -11.10 -9.92 8.60
CA VAL C 126 -12.54 -9.71 8.72
C VAL C 126 -12.68 -9.11 10.13
N ILE C 127 -13.12 -7.86 10.19
CA ILE C 127 -13.24 -7.17 11.48
C ILE C 127 -14.69 -6.80 11.72
N VAL C 128 -15.17 -7.05 12.93
CA VAL C 128 -16.56 -6.78 13.27
C VAL C 128 -16.57 -5.91 14.54
N PRO C 129 -17.33 -4.80 14.54
CA PRO C 129 -18.17 -4.27 13.46
C PRO C 129 -17.33 -3.55 12.38
N GLY C 130 -18.01 -3.08 11.35
CA GLY C 130 -17.32 -2.41 10.24
C GLY C 130 -16.93 -0.96 10.52
N GLY C 131 -16.18 -0.39 9.59
CA GLY C 131 -15.73 0.98 9.75
C GLY C 131 -14.30 1.03 10.24
N PHE C 132 -13.74 -0.14 10.50
CA PHE C 132 -12.37 -0.32 10.99
C PHE C 132 -11.32 0.24 10.02
N GLU C 133 -11.66 0.30 8.73
CA GLU C 133 -10.74 0.80 7.73
C GLU C 133 -10.26 2.24 7.94
N ASP C 134 -11.01 3.07 8.68
CA ASP C 134 -10.61 4.46 8.91
C ASP C 134 -9.20 4.52 9.50
N LEU C 135 -8.88 3.53 10.33
CA LEU C 135 -7.57 3.46 10.94
C LEU C 135 -6.46 3.45 9.88
N PHE C 136 -6.67 2.65 8.84
CA PHE C 136 -5.66 2.55 7.78
C PHE C 136 -5.58 3.76 6.85
N TYR C 137 -6.68 4.50 6.73
CA TYR C 137 -6.64 5.71 5.90
C TYR C 137 -5.70 6.69 6.62
N TYR C 138 -5.73 6.67 7.96
CA TYR C 138 -4.86 7.53 8.75
C TYR C 138 -3.41 7.08 8.67
N LEU C 139 -3.15 5.81 8.97
CA LEU C 139 -1.79 5.29 8.95
C LEU C 139 -1.19 5.21 7.56
N GLY C 140 -2.04 4.98 6.57
CA GLY C 140 -1.58 4.78 5.21
C GLY C 140 -1.52 5.97 4.28
N THR C 141 -0.89 5.75 3.13
CA THR C 141 -0.75 6.75 2.10
C THR C 141 -1.49 6.22 0.89
N ASN C 142 -2.42 7.02 0.36
CA ASN C 142 -3.18 6.56 -0.80
C ASN C 142 -2.26 6.07 -1.90
N ALA C 143 -2.69 5.01 -2.57
CA ALA C 143 -1.92 4.40 -3.66
C ALA C 143 -2.80 4.32 -4.89
N THR C 144 -2.32 4.88 -5.99
CA THR C 144 -3.06 4.82 -7.23
C THR C 144 -2.97 3.40 -7.82
N ASP C 145 -1.79 2.79 -7.71
CA ASP C 145 -1.51 1.43 -8.21
C ASP C 145 -2.22 1.15 -9.53
N THR C 146 -1.83 1.89 -10.56
CA THR C 146 -2.43 1.78 -11.88
C THR C 146 -2.47 0.37 -12.47
N THR C 147 -1.41 -0.41 -12.26
CA THR C 147 -1.33 -1.75 -12.81
C THR C 147 -2.01 -2.83 -11.98
N HIS C 148 -2.51 -2.43 -10.81
CA HIS C 148 -3.16 -3.34 -9.88
C HIS C 148 -2.19 -4.43 -9.36
N THR C 149 -0.91 -4.08 -9.23
CA THR C 149 0.04 -5.05 -8.71
C THR C 149 -0.33 -5.33 -7.26
N PRO C 150 -0.23 -6.60 -6.81
CA PRO C 150 -0.59 -6.94 -5.42
C PRO C 150 -0.02 -6.00 -4.36
N TYR C 151 1.29 -5.74 -4.41
CA TYR C 151 1.92 -4.78 -3.52
C TYR C 151 3.01 -4.10 -4.33
N ILE C 152 3.45 -2.93 -3.88
CA ILE C 152 4.47 -2.16 -4.61
C ILE C 152 5.86 -2.74 -4.39
N PRO C 153 6.52 -3.18 -5.47
CA PRO C 153 7.86 -3.75 -5.27
C PRO C 153 8.88 -2.69 -4.87
N SER C 154 9.95 -3.10 -4.20
CA SER C 154 10.98 -2.13 -3.78
C SER C 154 12.33 -2.78 -3.48
N SER C 167 1.41 11.11 21.57
CA SER C 167 0.22 11.60 20.91
C SER C 167 -0.33 10.58 19.93
N THR C 168 0.56 9.89 19.21
CA THR C 168 0.15 8.87 18.26
C THR C 168 -0.59 7.74 18.96
N ILE C 169 -0.10 7.34 20.13
CA ILE C 169 -0.74 6.27 20.88
C ILE C 169 -2.12 6.76 21.29
N SER C 170 -2.22 8.04 21.62
CA SER C 170 -3.49 8.63 22.01
C SER C 170 -4.41 8.65 20.79
N THR C 171 -3.86 9.09 19.66
CA THR C 171 -4.62 9.17 18.41
C THR C 171 -5.16 7.79 18.02
N LEU C 172 -4.32 6.76 18.17
CA LEU C 172 -4.74 5.41 17.83
C LEU C 172 -5.91 4.93 18.69
N GLN C 173 -5.98 5.38 19.95
CA GLN C 173 -7.08 4.94 20.80
C GLN C 173 -8.46 5.33 20.25
N SER C 174 -8.54 6.46 19.55
CA SER C 174 -9.80 6.89 18.98
C SER C 174 -10.22 5.99 17.82
N PHE C 175 -9.29 5.14 17.37
CA PHE C 175 -9.58 4.17 16.31
C PHE C 175 -9.71 2.77 16.95
N ASP C 176 -9.88 2.75 18.26
CA ASP C 176 -9.97 1.52 19.03
C ASP C 176 -8.71 0.67 18.90
N VAL C 177 -7.55 1.32 18.93
CA VAL C 177 -6.27 0.63 18.90
C VAL C 177 -5.53 1.05 20.16
N TYR C 178 -5.39 0.12 21.09
CA TYR C 178 -4.72 0.39 22.35
C TYR C 178 -3.37 -0.31 22.39
N ALA C 179 -2.31 0.47 22.33
CA ALA C 179 -0.97 -0.09 22.34
C ALA C 179 -0.64 -0.85 23.61
N GLU C 180 0.05 -1.98 23.45
CA GLU C 180 0.47 -2.81 24.58
C GLU C 180 2.00 -2.80 24.47
N LEU C 181 2.60 -1.70 24.92
CA LEU C 181 4.03 -1.49 24.84
C LEU C 181 4.93 -2.46 25.62
N SER C 182 4.39 -3.15 26.61
CA SER C 182 5.22 -4.08 27.36
C SER C 182 5.15 -5.51 26.81
N PHE C 183 4.22 -5.78 25.89
CA PHE C 183 4.06 -7.11 25.30
C PHE C 183 5.30 -7.52 24.51
N THR C 184 5.87 -8.68 24.82
CA THR C 184 7.02 -9.16 24.08
C THR C 184 6.61 -10.44 23.38
N PRO C 185 6.50 -10.40 22.04
CA PRO C 185 6.12 -11.59 21.27
C PRO C 185 7.09 -12.72 21.58
N ARG C 186 6.58 -13.89 21.93
CA ARG C 186 7.47 -14.99 22.28
C ARG C 186 8.36 -15.40 21.11
N THR C 187 9.56 -15.87 21.43
CA THR C 187 10.53 -16.19 20.41
C THR C 187 11.05 -17.63 20.44
N ASP C 188 10.22 -18.54 20.93
CA ASP C 188 10.59 -19.95 21.02
C ASP C 188 9.73 -20.78 20.06
N THR C 189 9.43 -20.20 18.90
CA THR C 189 8.63 -20.88 17.90
C THR C 189 9.42 -22.04 17.29
N VAL C 190 8.75 -23.16 17.11
CA VAL C 190 9.33 -24.36 16.50
C VAL C 190 8.23 -24.98 15.64
N ASN C 191 8.52 -25.36 14.39
CA ASN C 191 7.50 -25.96 13.53
C ASN C 191 6.23 -25.11 13.44
N GLY C 192 6.41 -23.80 13.38
CA GLY C 192 5.28 -22.88 13.23
C GLY C 192 4.37 -22.64 14.42
N THR C 193 4.83 -23.00 15.62
CA THR C 193 3.98 -22.80 16.79
C THR C 193 4.77 -22.73 18.10
N ALA C 194 4.15 -22.07 19.08
CA ALA C 194 4.68 -21.95 20.44
C ALA C 194 3.48 -21.57 21.31
N PRO C 195 3.42 -22.06 22.57
CA PRO C 195 4.42 -22.92 23.22
C PRO C 195 4.40 -24.36 22.76
N ALA C 196 5.27 -25.17 23.35
CA ALA C 196 5.34 -26.58 22.99
C ALA C 196 4.07 -27.28 23.41
N ASN C 197 3.74 -28.39 22.76
CA ASN C 197 2.54 -29.10 23.16
C ASN C 197 1.26 -28.53 22.59
N THR C 198 1.38 -27.58 21.67
CA THR C 198 0.22 -27.02 21.01
C THR C 198 0.07 -27.84 19.73
N VAL C 199 -1.10 -27.79 19.12
CA VAL C 199 -1.35 -28.58 17.90
C VAL C 199 -1.47 -27.66 16.69
N TRP C 200 -0.56 -27.80 15.74
CA TRP C 200 -0.60 -26.92 14.56
C TRP C 200 -0.21 -27.72 13.32
N HIS C 201 -1.21 -28.07 12.51
CA HIS C 201 -1.02 -28.84 11.29
C HIS C 201 -0.64 -30.29 11.57
N THR C 202 -0.89 -30.74 12.81
CA THR C 202 -0.55 -32.10 13.24
C THR C 202 -1.72 -32.78 13.95
N GLY C 203 -2.88 -32.13 13.96
CA GLY C 203 -4.02 -32.72 14.63
C GLY C 203 -5.17 -31.75 14.62
N ALA C 204 -6.31 -32.19 15.13
CA ALA C 204 -7.52 -31.37 15.15
C ALA C 204 -7.43 -30.11 16.00
N ASN C 205 -8.07 -29.04 15.52
CA ASN C 205 -8.14 -27.78 16.26
C ASN C 205 -9.60 -27.52 16.60
N ALA C 206 -9.86 -27.09 17.82
CA ALA C 206 -11.22 -26.78 18.23
C ALA C 206 -11.34 -25.26 18.36
N LEU C 207 -12.56 -24.74 18.21
CA LEU C 207 -12.77 -23.31 18.41
C LEU C 207 -12.74 -23.14 19.93
N ALA C 208 -12.32 -21.97 20.41
CA ALA C 208 -12.27 -21.74 21.87
C ALA C 208 -13.67 -21.88 22.47
N SER C 209 -13.79 -22.66 23.55
CA SER C 209 -15.09 -22.83 24.18
C SER C 209 -15.44 -21.66 25.11
N THR C 210 -14.44 -20.85 25.43
CA THR C 210 -14.62 -19.69 26.30
C THR C 210 -14.50 -18.38 25.54
N ALA C 211 -15.53 -17.55 25.65
CA ALA C 211 -15.55 -16.25 24.98
C ALA C 211 -14.37 -15.41 25.46
N GLY C 212 -13.74 -14.69 24.54
CA GLY C 212 -12.62 -13.85 24.90
C GLY C 212 -11.25 -14.44 24.66
N ASP C 213 -11.18 -15.76 24.45
CA ASP C 213 -9.89 -16.42 24.23
C ASP C 213 -9.53 -16.53 22.75
N PRO C 214 -8.26 -16.27 22.41
CA PRO C 214 -7.93 -16.40 20.99
C PRO C 214 -7.80 -17.89 20.66
N TYR C 215 -7.87 -18.23 19.38
CA TYR C 215 -7.70 -19.62 18.97
C TYR C 215 -7.29 -19.63 17.50
N PHE C 216 -6.76 -20.76 17.04
CA PHE C 216 -6.26 -20.87 15.68
C PHE C 216 -6.71 -22.17 15.06
N ILE C 217 -7.02 -22.14 13.78
CA ILE C 217 -7.48 -23.34 13.10
C ILE C 217 -6.63 -23.52 11.84
N ALA C 218 -5.88 -24.60 11.79
CA ALA C 218 -5.06 -24.89 10.62
C ALA C 218 -5.98 -25.41 9.49
N ASN C 219 -5.63 -25.08 8.26
CA ASN C 219 -6.44 -25.48 7.11
C ASN C 219 -6.88 -26.95 7.09
N GLY C 220 -8.19 -27.16 7.21
CA GLY C 220 -8.76 -28.49 7.16
C GLY C 220 -8.81 -29.26 8.47
N TRP C 221 -8.26 -28.69 9.53
CA TRP C 221 -8.18 -29.40 10.81
C TRP C 221 -9.25 -29.07 11.85
N GLY C 222 -10.13 -28.14 11.52
CA GLY C 222 -11.18 -27.78 12.46
C GLY C 222 -12.44 -28.60 12.26
N PRO C 223 -13.48 -28.33 13.06
CA PRO C 223 -14.74 -29.07 12.93
C PRO C 223 -15.43 -28.74 11.60
N LYS C 224 -16.11 -29.73 11.04
CA LYS C 224 -16.79 -29.54 9.77
C LYS C 224 -18.17 -30.16 9.81
N TYR C 225 -19.05 -29.68 8.94
CA TYR C 225 -20.41 -30.18 8.82
C TYR C 225 -20.75 -30.31 7.36
N LEU C 226 -21.40 -31.42 7.00
CA LEU C 226 -21.81 -31.64 5.62
C LEU C 226 -23.29 -31.38 5.50
N ASN C 227 -23.67 -30.54 4.54
CA ASN C 227 -25.08 -30.26 4.28
C ASN C 227 -25.37 -30.85 2.91
N SER C 228 -26.41 -31.66 2.81
CA SER C 228 -26.72 -32.30 1.53
C SER C 228 -28.06 -31.90 0.91
N GLN C 229 -28.61 -30.78 1.36
CA GLN C 229 -29.90 -30.32 0.85
C GLN C 229 -29.92 -29.76 -0.56
N TYR C 230 -28.84 -29.11 -0.97
CA TYR C 230 -28.78 -28.46 -2.27
C TYR C 230 -27.48 -28.80 -2.99
N GLY C 231 -27.09 -30.07 -2.93
CA GLY C 231 -25.81 -30.48 -3.48
C GLY C 231 -25.04 -30.70 -2.19
N TYR C 232 -23.73 -30.87 -2.25
CA TYR C 232 -22.93 -31.07 -1.05
C TYR C 232 -22.17 -29.82 -0.68
N GLN C 233 -22.37 -29.34 0.53
CA GLN C 233 -21.63 -28.18 0.99
C GLN C 233 -21.04 -28.50 2.36
N ILE C 234 -19.75 -28.22 2.53
CA ILE C 234 -19.09 -28.48 3.79
C ILE C 234 -18.77 -27.16 4.47
N VAL C 235 -19.33 -26.96 5.66
CA VAL C 235 -19.09 -25.74 6.40
C VAL C 235 -18.05 -26.02 7.47
N ALA C 236 -17.01 -25.19 7.50
CA ALA C 236 -15.95 -25.30 8.50
C ALA C 236 -16.07 -24.03 9.33
N PRO C 237 -16.79 -24.09 10.45
CA PRO C 237 -16.96 -22.90 11.28
C PRO C 237 -15.66 -22.33 11.82
N PHE C 238 -15.58 -21.00 11.86
CA PHE C 238 -14.43 -20.29 12.42
C PHE C 238 -14.92 -19.51 13.64
N VAL C 239 -16.09 -18.88 13.52
CA VAL C 239 -16.68 -18.12 14.63
C VAL C 239 -18.18 -18.43 14.68
N THR C 240 -18.66 -18.76 15.89
CA THR C 240 -20.06 -19.06 16.10
C THR C 240 -20.53 -18.17 17.24
N ALA C 241 -21.82 -18.28 17.61
CA ALA C 241 -22.37 -17.45 18.68
C ALA C 241 -21.52 -17.55 19.96
N THR C 242 -21.02 -18.75 20.25
CA THR C 242 -20.22 -18.98 21.45
C THR C 242 -19.06 -17.99 21.55
N GLN C 243 -18.38 -17.77 20.42
CA GLN C 243 -17.24 -16.87 20.41
C GLN C 243 -17.61 -15.42 20.08
N ALA C 244 -18.59 -15.21 19.22
CA ALA C 244 -18.98 -13.84 18.86
C ALA C 244 -19.63 -13.07 19.99
N GLN C 245 -20.47 -13.76 20.76
CA GLN C 245 -21.25 -13.15 21.83
C GLN C 245 -21.99 -11.95 21.21
N ASP C 246 -21.98 -10.79 21.87
CA ASP C 246 -22.72 -9.66 21.32
C ASP C 246 -22.18 -9.03 20.04
N THR C 247 -21.01 -9.46 19.55
CA THR C 247 -20.51 -8.90 18.30
C THR C 247 -21.42 -9.43 17.20
N ASN C 248 -22.21 -10.46 17.55
CA ASN C 248 -23.27 -10.97 16.70
C ASN C 248 -22.98 -11.22 15.20
N TYR C 249 -22.17 -12.24 14.92
CA TYR C 249 -21.86 -12.59 13.53
C TYR C 249 -21.35 -14.02 13.51
N THR C 250 -21.17 -14.57 12.30
CA THR C 250 -20.60 -15.90 12.12
C THR C 250 -19.57 -15.77 11.01
N LEU C 251 -18.59 -16.68 11.02
CA LEU C 251 -17.52 -16.70 10.04
C LEU C 251 -17.14 -18.15 9.83
N SER C 252 -16.83 -18.52 8.59
CA SER C 252 -16.47 -19.91 8.28
C SER C 252 -16.03 -20.01 6.83
N THR C 253 -15.65 -21.22 6.41
CA THR C 253 -15.43 -21.43 5.00
C THR C 253 -16.57 -22.37 4.60
N ILE C 254 -17.00 -22.27 3.36
CA ILE C 254 -18.04 -23.13 2.83
C ILE C 254 -17.44 -23.74 1.57
N SER C 255 -17.34 -25.07 1.53
CA SER C 255 -16.83 -25.79 0.37
C SER C 255 -18.06 -26.32 -0.35
N MET C 256 -18.03 -26.31 -1.68
CA MET C 256 -19.19 -26.69 -2.48
C MET C 256 -18.96 -27.62 -3.66
N SER C 257 -19.90 -28.55 -3.87
CA SER C 257 -19.88 -29.43 -5.03
C SER C 257 -20.72 -28.67 -6.05
N THR C 258 -20.87 -29.23 -7.25
CA THR C 258 -21.73 -28.62 -8.25
C THR C 258 -23.16 -28.92 -7.75
N THR C 259 -24.15 -28.29 -8.36
CA THR C 259 -25.53 -28.55 -7.96
C THR C 259 -26.06 -29.65 -8.88
N PRO C 260 -26.48 -30.79 -8.32
CA PRO C 260 -26.99 -31.88 -9.16
C PRO C 260 -28.28 -31.51 -9.91
N SER C 261 -28.53 -32.17 -11.03
CA SER C 261 -29.70 -31.88 -11.87
C SER C 261 -31.02 -32.04 -11.11
N THR C 262 -31.01 -32.84 -10.06
CA THR C 262 -32.19 -33.11 -9.25
C THR C 262 -32.50 -32.05 -8.22
N VAL C 263 -31.63 -31.05 -8.12
CA VAL C 263 -31.81 -30.00 -7.13
C VAL C 263 -32.09 -28.64 -7.77
N THR C 264 -33.01 -27.89 -7.17
CA THR C 264 -33.31 -26.55 -7.65
C THR C 264 -32.41 -25.62 -6.82
N VAL C 265 -31.63 -24.76 -7.47
CA VAL C 265 -30.77 -23.85 -6.72
C VAL C 265 -31.67 -23.00 -5.84
N PRO C 266 -31.45 -23.02 -4.51
CA PRO C 266 -32.29 -22.22 -3.61
C PRO C 266 -32.07 -20.72 -3.66
N THR C 267 -33.09 -19.98 -3.23
CA THR C 267 -33.01 -18.53 -3.14
C THR C 267 -32.97 -18.23 -1.64
N TRP C 268 -31.98 -17.43 -1.24
CA TRP C 268 -31.78 -17.08 0.15
C TRP C 268 -32.06 -15.62 0.45
N SER C 269 -32.33 -15.34 1.71
CA SER C 269 -32.55 -13.99 2.19
C SER C 269 -32.37 -14.06 3.70
N PHE C 270 -31.52 -13.17 4.22
CA PHE C 270 -31.24 -13.11 5.66
C PHE C 270 -31.32 -11.66 6.14
N PRO C 271 -31.63 -11.46 7.42
CA PRO C 271 -31.74 -10.10 7.95
C PRO C 271 -30.44 -9.31 7.95
N GLY C 272 -29.33 -10.01 8.20
CA GLY C 272 -28.04 -9.34 8.23
C GLY C 272 -27.28 -9.45 6.91
N ALA C 273 -26.43 -8.47 6.68
CA ALA C 273 -25.60 -8.46 5.49
C ALA C 273 -24.63 -9.64 5.58
N CYS C 274 -24.17 -10.14 4.43
CA CYS C 274 -23.20 -11.21 4.44
C CYS C 274 -22.31 -11.03 3.21
N ALA C 275 -21.19 -11.74 3.16
CA ALA C 275 -20.27 -11.62 2.04
C ALA C 275 -19.38 -12.83 2.03
N PHE C 276 -18.74 -13.07 0.88
CA PHE C 276 -17.80 -14.16 0.81
C PHE C 276 -16.70 -13.82 -0.18
N GLN C 277 -15.53 -14.39 0.05
CA GLN C 277 -14.41 -14.23 -0.87
C GLN C 277 -14.06 -15.62 -1.37
N VAL C 278 -14.03 -15.82 -2.68
CA VAL C 278 -13.67 -17.11 -3.23
C VAL C 278 -12.18 -17.40 -2.93
N GLN C 279 -11.89 -18.60 -2.40
CA GLN C 279 -10.50 -18.97 -2.15
C GLN C 279 -10.05 -19.92 -3.26
N GLU C 280 -10.90 -20.88 -3.60
CA GLU C 280 -10.60 -21.82 -4.66
C GLU C 280 -11.88 -22.06 -5.47
N GLY C 281 -11.73 -22.24 -6.77
CA GLY C 281 -12.88 -22.53 -7.61
C GLY C 281 -13.57 -21.38 -8.32
N ARG C 282 -14.78 -21.66 -8.76
CA ARG C 282 -15.54 -20.69 -9.54
C ARG C 282 -16.98 -20.76 -9.05
N VAL C 283 -17.47 -19.63 -8.55
CA VAL C 283 -18.81 -19.57 -7.96
C VAL C 283 -19.66 -18.50 -8.65
N VAL C 284 -20.86 -18.89 -9.08
CA VAL C 284 -21.75 -17.94 -9.72
C VAL C 284 -22.68 -17.39 -8.65
N VAL C 285 -22.87 -16.08 -8.64
CA VAL C 285 -23.72 -15.46 -7.63
C VAL C 285 -24.74 -14.60 -8.34
N GLN C 286 -25.98 -14.62 -7.84
CA GLN C 286 -27.03 -13.78 -8.43
C GLN C 286 -27.61 -13.05 -7.23
N ILE C 287 -27.48 -11.73 -7.21
CA ILE C 287 -27.95 -10.95 -6.06
C ILE C 287 -28.93 -9.87 -6.49
N GLY C 288 -30.13 -9.88 -5.91
CA GLY C 288 -31.09 -8.85 -6.26
C GLY C 288 -31.39 -8.75 -7.74
N ASP C 289 -31.54 -7.52 -8.23
CA ASP C 289 -31.85 -7.26 -9.62
C ASP C 289 -30.60 -7.03 -10.44
N TYR C 290 -29.63 -7.92 -10.31
CA TYR C 290 -28.40 -7.80 -11.07
C TYR C 290 -28.17 -9.09 -11.86
N ALA C 291 -27.46 -9.02 -12.98
CA ALA C 291 -27.18 -10.22 -13.77
C ALA C 291 -26.23 -11.11 -12.97
N ALA C 292 -26.35 -12.42 -13.14
CA ALA C 292 -25.49 -13.40 -12.46
C ALA C 292 -24.05 -13.14 -12.90
N THR C 293 -23.11 -13.38 -11.99
CA THR C 293 -21.72 -13.14 -12.30
C THR C 293 -20.90 -14.28 -11.69
N GLU C 294 -19.84 -14.68 -12.38
CA GLU C 294 -19.00 -15.75 -11.87
C GLU C 294 -17.75 -15.19 -11.21
N LEU C 295 -17.46 -15.63 -10.00
CA LEU C 295 -16.29 -15.17 -9.25
C LEU C 295 -15.18 -16.21 -9.24
N GLY C 296 -13.94 -15.71 -9.27
CA GLY C 296 -12.75 -16.55 -9.21
C GLY C 296 -11.90 -16.17 -7.99
N SER C 297 -10.65 -16.65 -7.94
CA SER C 297 -9.75 -16.45 -6.80
C SER C 297 -9.74 -15.04 -6.22
N GLY C 298 -10.05 -14.92 -4.93
CA GLY C 298 -10.00 -13.63 -4.27
C GLY C 298 -11.09 -12.60 -4.54
N ASP C 299 -12.01 -12.91 -5.46
CA ASP C 299 -13.13 -12.01 -5.76
C ASP C 299 -14.09 -12.09 -4.56
N VAL C 300 -14.73 -10.95 -4.26
CA VAL C 300 -15.64 -10.81 -3.12
C VAL C 300 -17.05 -10.43 -3.56
N ALA C 301 -18.04 -11.11 -2.98
CA ALA C 301 -19.46 -10.79 -3.26
C ALA C 301 -20.04 -10.24 -1.96
N PHE C 302 -20.79 -9.16 -2.06
CA PHE C 302 -21.42 -8.59 -0.87
C PHE C 302 -22.93 -8.57 -1.07
N ILE C 303 -23.66 -9.13 -0.09
CA ILE C 303 -25.11 -9.19 -0.15
C ILE C 303 -25.74 -8.42 1.02
N PRO C 304 -26.48 -7.33 0.72
CA PRO C 304 -27.12 -6.55 1.78
C PRO C 304 -28.16 -7.39 2.51
N GLY C 305 -28.33 -7.12 3.81
CA GLY C 305 -29.35 -7.83 4.56
C GLY C 305 -30.69 -7.55 3.89
N GLY C 306 -31.53 -8.58 3.82
CA GLY C 306 -32.84 -8.44 3.22
C GLY C 306 -32.90 -8.61 1.72
N VAL C 307 -31.76 -8.78 1.07
CA VAL C 307 -31.73 -8.94 -0.37
C VAL C 307 -31.63 -10.41 -0.72
N GLU C 308 -32.46 -10.84 -1.66
CA GLU C 308 -32.48 -12.23 -2.10
C GLU C 308 -31.28 -12.54 -2.96
N PHE C 309 -30.75 -13.76 -2.81
CA PHE C 309 -29.61 -14.18 -3.62
C PHE C 309 -29.59 -15.68 -3.85
N LYS C 310 -28.85 -16.07 -4.89
CA LYS C 310 -28.67 -17.47 -5.24
C LYS C 310 -27.21 -17.63 -5.60
N TYR C 311 -26.66 -18.81 -5.33
CA TYR C 311 -25.29 -19.09 -5.72
C TYR C 311 -25.11 -20.58 -5.98
N TYR C 312 -24.12 -20.90 -6.81
CA TYR C 312 -23.81 -22.29 -7.07
C TYR C 312 -22.38 -22.34 -7.57
N SER C 313 -21.76 -23.51 -7.42
CA SER C 313 -20.39 -23.68 -7.88
C SER C 313 -20.36 -24.19 -9.31
N GLU C 314 -19.63 -23.48 -10.19
CA GLU C 314 -19.48 -23.92 -11.57
C GLU C 314 -18.31 -24.91 -11.59
N ALA C 315 -17.33 -24.70 -10.70
CA ALA C 315 -16.19 -25.62 -10.60
C ALA C 315 -16.68 -26.87 -9.88
N TYR C 316 -16.00 -27.98 -10.08
CA TYR C 316 -16.40 -29.23 -9.41
C TYR C 316 -16.23 -29.15 -7.90
N PHE C 317 -15.35 -28.26 -7.45
CA PHE C 317 -15.12 -28.03 -6.03
C PHE C 317 -14.71 -26.56 -5.85
N SER C 318 -15.43 -25.83 -5.01
CA SER C 318 -15.08 -24.44 -4.72
C SER C 318 -15.06 -24.27 -3.22
N LYS C 319 -14.25 -23.33 -2.72
CA LYS C 319 -14.17 -23.06 -1.28
C LYS C 319 -14.18 -21.55 -1.11
N VAL C 320 -15.06 -21.04 -0.26
CA VAL C 320 -15.14 -19.60 0.00
C VAL C 320 -15.00 -19.27 1.47
N LEU C 321 -14.54 -18.06 1.78
CA LEU C 321 -14.44 -17.56 3.16
C LEU C 321 -15.75 -16.77 3.27
N PHE C 322 -16.58 -17.11 4.25
CA PHE C 322 -17.89 -16.51 4.41
C PHE C 322 -18.10 -15.79 5.75
N VAL C 323 -18.70 -14.60 5.73
CA VAL C 323 -18.99 -13.85 6.95
C VAL C 323 -20.44 -13.37 6.90
N SER C 324 -21.11 -13.41 8.04
CA SER C 324 -22.51 -12.99 8.10
C SER C 324 -22.81 -12.22 9.39
N SER C 325 -23.54 -11.12 9.25
CA SER C 325 -23.97 -10.34 10.41
C SER C 325 -25.22 -11.06 10.91
N GLY C 326 -25.28 -11.31 12.21
CA GLY C 326 -26.41 -12.02 12.78
C GLY C 326 -25.98 -13.39 13.30
N SER C 327 -26.87 -14.07 14.00
CA SER C 327 -26.56 -15.38 14.56
C SER C 327 -26.95 -16.53 13.65
N ASP C 328 -27.84 -16.26 12.69
CA ASP C 328 -28.31 -17.33 11.82
C ASP C 328 -28.28 -17.10 10.33
N GLY C 329 -27.11 -16.70 9.85
CA GLY C 329 -26.96 -16.49 8.42
C GLY C 329 -26.77 -17.81 7.69
N LEU C 330 -26.32 -17.73 6.44
CA LEU C 330 -26.15 -18.91 5.62
C LEU C 330 -25.34 -20.06 6.19
N ASP C 331 -24.14 -19.78 6.67
CA ASP C 331 -23.33 -20.87 7.20
C ASP C 331 -23.99 -21.58 8.35
N GLN C 332 -24.54 -20.82 9.30
CA GLN C 332 -25.20 -21.46 10.44
C GLN C 332 -26.43 -22.27 9.97
N ASN C 333 -27.13 -21.73 8.98
CA ASN C 333 -28.31 -22.41 8.42
C ASN C 333 -27.93 -23.76 7.82
N LEU C 334 -26.85 -23.78 7.03
CA LEU C 334 -26.41 -25.03 6.43
C LEU C 334 -25.94 -26.02 7.48
N VAL C 335 -25.27 -25.53 8.52
CA VAL C 335 -24.79 -26.40 9.59
C VAL C 335 -25.98 -27.05 10.31
N ASN C 336 -26.97 -26.24 10.66
CA ASN C 336 -28.16 -26.74 11.37
C ASN C 336 -28.90 -27.78 10.55
N GLY C 337 -28.93 -27.59 9.23
CA GLY C 337 -29.61 -28.52 8.36
C GLY C 337 -28.76 -29.68 7.88
N GLY C 338 -27.54 -29.79 8.41
CA GLY C 338 -26.63 -30.85 7.99
C GLY C 338 -26.21 -31.79 9.11
N GLU C 339 -25.05 -32.42 8.96
CA GLU C 339 -24.53 -33.38 9.96
C GLU C 339 -23.03 -33.22 10.17
N GLU C 340 -22.53 -33.70 11.31
CA GLU C 340 -21.10 -33.64 11.59
C GLU C 340 -20.39 -34.41 10.47
N TRP C 341 -19.23 -33.92 10.07
CA TRP C 341 -18.49 -34.54 8.98
C TRP C 341 -16.99 -34.47 9.28
N SER C 342 -16.25 -35.52 8.91
CA SER C 342 -14.82 -35.53 9.24
C SER C 342 -13.86 -35.48 8.06
N SER C 343 -14.33 -34.95 6.92
CA SER C 343 -13.46 -34.84 5.74
C SER C 343 -13.62 -33.50 5.04
N VAL C 344 -12.57 -33.05 4.35
CA VAL C 344 -12.65 -31.81 3.58
C VAL C 344 -13.29 -32.12 2.21
N SER C 345 -13.44 -33.41 1.90
CA SER C 345 -14.07 -33.83 0.64
C SER C 345 -15.48 -34.33 0.91
N PHE C 346 -16.39 -34.12 -0.03
CA PHE C 346 -17.77 -34.59 0.14
C PHE C 346 -17.90 -36.01 -0.47
N PRO C 347 -19.03 -36.68 -0.26
CA PRO C 347 -19.22 -38.04 -0.81
C PRO C 347 -19.03 -38.14 -2.32
N ALA C 348 -18.57 -39.31 -2.77
CA ALA C 348 -18.34 -39.56 -4.18
C ALA C 348 -19.63 -39.85 -4.98
N ASP C 349 -20.73 -40.12 -4.26
CA ASP C 349 -22.01 -40.38 -4.90
C ASP C 349 -23.07 -39.43 -4.35
N TRP C 350 -24.06 -39.13 -5.16
CA TRP C 350 -25.14 -38.23 -4.76
C TRP C 350 -26.12 -39.00 -3.87
N LEU D 5 34.88 11.03 10.49
CA LEU D 5 34.36 11.42 9.13
C LEU D 5 35.51 11.72 8.16
N ILE D 6 36.57 12.31 8.67
CA ILE D 6 37.74 12.67 7.86
C ILE D 6 38.61 11.48 7.45
N VAL D 7 38.99 11.41 6.17
CA VAL D 7 39.87 10.36 5.69
C VAL D 7 40.98 11.01 4.86
N GLU D 8 42.13 10.35 4.73
CA GLU D 8 43.27 10.88 3.98
C GLU D 8 43.29 10.36 2.53
N ASP D 9 42.58 9.27 2.28
CA ASP D 9 42.44 8.70 0.92
C ASP D 9 40.98 8.25 0.88
N ALA D 10 40.38 8.24 -0.30
CA ALA D 10 38.97 7.81 -0.39
C ALA D 10 38.85 6.34 0.03
N PRO D 11 37.76 6.00 0.75
CA PRO D 11 37.49 4.63 1.21
C PRO D 11 37.32 3.64 0.08
N ASP D 12 37.51 2.36 0.38
CA ASP D 12 37.36 1.32 -0.64
C ASP D 12 35.92 0.80 -0.71
N HIS D 13 35.04 1.45 0.04
CA HIS D 13 33.64 1.07 0.06
C HIS D 13 32.81 2.33 0.31
N VAL D 14 31.50 2.22 0.11
CA VAL D 14 30.62 3.36 0.32
C VAL D 14 30.38 3.71 1.80
N ARG D 15 30.62 4.97 2.15
CA ARG D 15 30.38 5.46 3.52
C ARG D 15 30.50 6.97 3.50
N PRO D 16 29.94 7.65 4.52
CA PRO D 16 30.03 9.10 4.56
C PRO D 16 31.47 9.49 4.86
N TYR D 17 31.98 10.53 4.21
CA TYR D 17 33.33 10.97 4.56
C TYR D 17 33.59 12.35 4.02
N VAL D 18 34.66 12.95 4.55
CA VAL D 18 35.12 14.25 4.13
C VAL D 18 36.60 14.06 3.91
N ILE D 19 37.12 14.63 2.82
CA ILE D 19 38.54 14.52 2.56
C ILE D 19 39.02 15.93 2.27
N ARG D 20 40.01 16.36 3.04
CA ARG D 20 40.55 17.70 2.93
C ARG D 20 41.30 17.94 1.63
N HIS D 21 41.29 19.19 1.19
CA HIS D 21 42.00 19.58 -0.03
C HIS D 21 43.47 19.14 0.12
N TYR D 22 44.05 18.62 -0.97
CA TYR D 22 45.43 18.16 -1.00
C TYR D 22 45.80 17.00 -0.10
N SER D 23 44.79 16.27 0.36
CA SER D 23 45.07 15.04 1.11
C SER D 23 45.75 14.11 0.12
N HIS D 24 46.42 13.06 0.62
CA HIS D 24 47.13 12.15 -0.28
C HIS D 24 46.24 11.68 -1.45
N ALA D 25 45.04 11.20 -1.13
CA ALA D 25 44.08 10.79 -2.14
C ALA D 25 44.66 9.97 -3.30
N ARG D 26 45.43 8.94 -2.95
CA ARG D 26 46.03 8.03 -3.92
C ARG D 26 46.78 8.80 -4.99
N ALA D 27 47.53 9.81 -4.55
CA ALA D 27 48.28 10.66 -5.47
C ALA D 27 49.14 9.93 -6.48
N VAL D 28 49.05 10.37 -7.73
CA VAL D 28 49.85 9.80 -8.78
C VAL D 28 50.29 10.95 -9.71
N THR D 29 51.44 10.79 -10.39
CA THR D 29 51.87 11.83 -11.32
C THR D 29 52.03 11.27 -12.71
N VAL D 30 51.78 12.12 -13.69
CA VAL D 30 52.01 11.79 -15.08
C VAL D 30 52.78 13.04 -15.54
N ASP D 31 54.06 12.84 -15.81
CA ASP D 31 54.94 13.94 -16.18
C ASP D 31 54.82 14.99 -15.07
N THR D 32 54.48 16.24 -15.39
CA THR D 32 54.41 17.25 -14.31
C THR D 32 53.07 17.38 -13.60
N GLN D 33 52.06 16.62 -14.04
CA GLN D 33 50.73 16.69 -13.45
C GLN D 33 50.57 15.78 -12.25
N LEU D 34 49.97 16.27 -11.17
CA LEU D 34 49.73 15.43 -10.01
C LEU D 34 48.21 15.28 -9.87
N TYR D 35 47.75 14.03 -9.83
CA TYR D 35 46.32 13.73 -9.72
C TYR D 35 45.96 13.21 -8.34
N ARG D 36 44.82 13.67 -7.83
CA ARG D 36 44.31 13.21 -6.53
C ARG D 36 42.88 12.75 -6.77
N PHE D 37 42.49 11.66 -6.10
CA PHE D 37 41.16 11.07 -6.29
C PHE D 37 40.33 11.18 -5.01
N TYR D 38 39.59 12.25 -4.93
CA TYR D 38 38.80 12.53 -3.75
C TYR D 38 37.60 11.62 -3.64
N VAL D 39 36.98 11.33 -4.77
CA VAL D 39 35.86 10.39 -4.83
C VAL D 39 36.22 9.44 -5.95
N THR D 40 36.15 8.15 -5.67
CA THR D 40 36.52 7.13 -6.65
C THR D 40 35.35 6.19 -6.95
N GLY D 41 35.58 5.25 -7.87
CA GLY D 41 34.54 4.29 -8.19
C GLY D 41 34.23 3.51 -6.92
N PRO D 42 35.25 2.94 -6.24
CA PRO D 42 34.97 2.19 -5.01
C PRO D 42 34.29 3.02 -3.91
N SER D 43 34.73 4.26 -3.72
CA SER D 43 34.18 5.12 -2.68
C SER D 43 32.75 5.59 -2.94
N SER D 44 32.34 5.59 -4.20
CA SER D 44 31.00 6.05 -4.53
C SER D 44 30.10 4.96 -5.07
N GLY D 45 30.53 3.71 -4.99
CA GLY D 45 29.71 2.64 -5.52
C GLY D 45 29.57 2.79 -7.03
N TYR D 46 30.63 3.33 -7.64
CA TYR D 46 30.75 3.57 -9.07
C TYR D 46 29.80 4.61 -9.67
N ALA D 47 29.26 5.47 -8.81
CA ALA D 47 28.37 6.54 -9.28
C ALA D 47 29.16 7.57 -10.08
N PHE D 48 30.31 7.97 -9.53
CA PHE D 48 31.13 9.00 -10.19
C PHE D 48 32.52 9.12 -9.58
N THR D 49 33.40 9.83 -10.29
CA THR D 49 34.74 10.09 -9.80
C THR D 49 34.88 11.61 -9.70
N LEU D 50 35.48 12.10 -8.62
CA LEU D 50 35.74 13.54 -8.44
C LEU D 50 37.22 13.57 -8.13
N MET D 51 37.99 14.14 -9.06
CA MET D 51 39.43 14.19 -8.90
C MET D 51 39.98 15.60 -9.08
N GLY D 52 41.18 15.83 -8.54
CA GLY D 52 41.82 17.12 -8.69
C GLY D 52 43.15 16.93 -9.38
N THR D 53 43.46 17.81 -10.34
CA THR D 53 44.74 17.75 -11.06
C THR D 53 45.44 19.08 -10.85
N ASN D 54 46.66 19.04 -10.29
CA ASN D 54 47.41 20.28 -10.09
C ASN D 54 48.60 20.17 -10.99
N ALA D 55 48.91 21.26 -11.68
CA ALA D 55 49.99 21.20 -12.65
C ALA D 55 50.48 22.56 -13.03
N PRO D 56 51.74 22.65 -13.48
CA PRO D 56 52.37 23.90 -13.90
C PRO D 56 52.11 24.16 -15.39
N HIS D 57 52.56 25.31 -15.86
CA HIS D 57 52.42 25.67 -17.27
C HIS D 57 53.11 24.61 -18.12
N SER D 58 52.52 24.28 -19.26
CA SER D 58 53.15 23.36 -20.19
C SER D 58 52.96 23.93 -21.58
N ASP D 59 53.97 23.77 -22.44
CA ASP D 59 53.88 24.24 -23.81
C ASP D 59 53.33 23.13 -24.71
N ALA D 60 53.02 21.97 -24.12
CA ALA D 60 52.48 20.84 -24.87
C ALA D 60 51.12 20.42 -24.34
N LEU D 61 50.36 19.68 -25.15
CA LEU D 61 49.06 19.20 -24.71
C LEU D 61 49.25 18.34 -23.46
N GLY D 62 48.27 18.40 -22.56
CA GLY D 62 48.35 17.60 -21.34
C GLY D 62 47.90 16.16 -21.54
N VAL D 63 47.31 15.87 -22.70
CA VAL D 63 46.85 14.52 -23.02
C VAL D 63 46.63 14.46 -24.53
N LEU D 64 46.86 13.30 -25.13
CA LEU D 64 46.62 13.18 -26.57
C LEU D 64 45.12 13.26 -26.80
N PRO D 65 44.68 13.84 -27.93
CA PRO D 65 43.23 13.93 -28.22
C PRO D 65 42.63 12.53 -28.14
N HIS D 66 41.46 12.42 -27.52
CA HIS D 66 40.82 11.12 -27.40
C HIS D 66 39.33 11.27 -27.14
N ILE D 67 38.66 10.12 -27.12
CA ILE D 67 37.24 10.01 -26.85
C ILE D 67 37.02 8.96 -25.78
N HIS D 68 35.90 9.08 -25.05
CA HIS D 68 35.52 8.06 -24.08
C HIS D 68 34.15 7.65 -24.62
N GLN D 69 33.93 6.36 -24.82
CA GLN D 69 32.63 5.93 -25.32
C GLN D 69 31.62 5.70 -24.19
N LYS D 70 32.12 5.49 -22.98
CA LYS D 70 31.25 5.18 -21.84
C LYS D 70 31.31 6.15 -20.67
N HIS D 71 32.17 7.16 -20.77
CA HIS D 71 32.29 8.13 -19.69
C HIS D 71 32.06 9.55 -20.16
N TYR D 72 31.33 10.30 -19.34
CA TYR D 72 31.02 11.72 -19.57
C TYR D 72 32.06 12.46 -18.72
N GLU D 73 32.86 13.31 -19.36
CA GLU D 73 33.89 14.05 -18.67
C GLU D 73 33.46 15.48 -18.40
N ASN D 74 33.90 16.01 -17.27
CA ASN D 74 33.55 17.37 -16.88
C ASN D 74 34.80 18.07 -16.34
N PHE D 75 35.09 19.22 -16.93
CA PHE D 75 36.25 20.02 -16.54
C PHE D 75 35.83 21.26 -15.79
N TYR D 76 36.39 21.47 -14.60
CA TYR D 76 36.06 22.66 -13.82
C TYR D 76 37.37 23.26 -13.33
N CYS D 77 37.57 24.54 -13.59
CA CYS D 77 38.81 25.17 -13.16
C CYS D 77 38.72 25.75 -11.75
N ASN D 78 39.49 25.18 -10.80
CA ASN D 78 39.46 25.71 -9.43
C ASN D 78 40.30 26.97 -9.33
N LYS D 79 41.46 26.96 -9.98
CA LYS D 79 42.36 28.09 -9.99
C LYS D 79 43.31 27.93 -11.17
N GLY D 80 44.05 28.97 -11.49
CA GLY D 80 44.94 28.90 -12.62
C GLY D 80 44.15 28.95 -13.92
N SER D 81 44.63 28.27 -14.95
CA SER D 81 43.91 28.30 -16.21
C SER D 81 44.45 27.21 -17.16
N PHE D 82 43.58 26.72 -18.02
CA PHE D 82 43.96 25.69 -18.97
C PHE D 82 43.02 25.79 -20.17
N GLN D 83 43.52 25.41 -21.33
CA GLN D 83 42.68 25.44 -22.53
C GLN D 83 42.10 24.04 -22.72
N LEU D 84 40.86 24.01 -23.21
CA LEU D 84 40.15 22.76 -23.45
C LEU D 84 39.64 22.80 -24.89
N TRP D 85 39.83 21.71 -25.64
CA TRP D 85 39.35 21.62 -27.03
C TRP D 85 38.35 20.48 -27.05
N ALA D 86 37.30 20.63 -27.87
CA ALA D 86 36.27 19.60 -27.95
C ALA D 86 35.56 19.62 -29.28
N GLN D 87 35.18 18.44 -29.76
CA GLN D 87 34.46 18.36 -31.02
C GLN D 87 33.59 17.12 -31.08
N SER D 88 32.34 17.32 -31.49
CA SER D 88 31.40 16.20 -31.64
C SER D 88 31.19 16.00 -33.13
N GLY D 89 31.37 14.77 -33.59
CA GLY D 89 31.19 14.47 -35.01
C GLY D 89 31.84 15.45 -35.96
N ASN D 90 31.06 16.00 -36.88
CA ASN D 90 31.58 16.95 -37.84
C ASN D 90 31.21 18.38 -37.51
N GLU D 91 30.79 18.59 -36.27
CA GLU D 91 30.44 19.93 -35.85
C GLU D 91 31.72 20.75 -35.74
N THR D 92 31.58 22.06 -35.77
CA THR D 92 32.74 22.93 -35.66
C THR D 92 33.49 22.63 -34.36
N GLN D 93 34.82 22.55 -34.43
CA GLN D 93 35.62 22.27 -33.24
C GLN D 93 35.60 23.52 -32.36
N GLN D 94 35.35 23.31 -31.07
CA GLN D 94 35.29 24.41 -30.10
C GLN D 94 36.46 24.39 -29.12
N THR D 95 36.91 25.57 -28.71
CA THR D 95 37.97 25.63 -27.69
C THR D 95 37.79 26.87 -26.83
N ARG D 96 38.10 26.72 -25.55
CA ARG D 96 38.00 27.83 -24.60
C ARG D 96 39.15 27.72 -23.62
N VAL D 97 39.56 28.87 -23.10
CA VAL D 97 40.60 28.92 -22.07
C VAL D 97 39.81 29.13 -20.79
N LEU D 98 39.83 28.10 -19.95
CA LEU D 98 39.10 28.18 -18.68
C LEU D 98 39.95 28.78 -17.59
N SER D 99 39.38 29.74 -16.88
CA SER D 99 40.05 30.34 -15.73
C SER D 99 39.19 30.01 -14.51
N SER D 100 39.56 30.50 -13.34
CA SER D 100 38.85 30.16 -12.12
C SER D 100 37.32 30.23 -12.20
N GLY D 101 36.67 29.10 -11.87
CA GLY D 101 35.22 29.06 -11.86
C GLY D 101 34.58 28.66 -13.18
N ASP D 102 35.37 28.55 -14.24
CA ASP D 102 34.87 28.17 -15.56
C ASP D 102 34.63 26.66 -15.67
N TYR D 103 33.73 26.29 -16.59
CA TYR D 103 33.34 24.90 -16.76
C TYR D 103 33.25 24.46 -18.23
N GLY D 104 33.67 23.22 -18.48
CA GLY D 104 33.62 22.65 -19.82
C GLY D 104 32.99 21.27 -19.75
N SER D 105 31.98 21.03 -20.60
CA SER D 105 31.24 19.77 -20.62
C SER D 105 31.64 18.90 -21.78
N VAL D 106 32.03 17.66 -21.51
CA VAL D 106 32.49 16.75 -22.56
C VAL D 106 31.73 15.41 -22.54
N PRO D 107 30.58 15.38 -23.24
CA PRO D 107 29.75 14.16 -23.32
C PRO D 107 30.49 12.97 -23.92
N ARG D 108 29.92 11.79 -23.80
CA ARG D 108 30.51 10.60 -24.41
C ARG D 108 30.67 10.84 -25.91
N ASN D 109 31.71 10.25 -26.48
CA ASN D 109 31.99 10.36 -27.91
C ASN D 109 32.30 11.74 -28.42
N VAL D 110 32.94 12.55 -27.59
CA VAL D 110 33.35 13.89 -27.98
C VAL D 110 34.86 13.90 -27.87
N THR D 111 35.54 14.24 -28.96
CA THR D 111 36.99 14.27 -28.98
C THR D 111 37.45 15.45 -28.17
N HIS D 112 38.50 15.27 -27.37
CA HIS D 112 38.98 16.38 -26.55
C HIS D 112 40.42 16.22 -26.07
N THR D 113 40.97 17.34 -25.60
CA THR D 113 42.31 17.42 -25.03
C THR D 113 42.37 18.74 -24.27
N PHE D 114 43.43 18.95 -23.50
CA PHE D 114 43.57 20.18 -22.74
C PHE D 114 45.05 20.52 -22.66
N GLN D 115 45.35 21.76 -22.27
CA GLN D 115 46.73 22.20 -22.11
C GLN D 115 46.79 23.16 -20.91
N ILE D 116 47.69 22.89 -19.98
CA ILE D 116 47.78 23.73 -18.77
C ILE D 116 48.51 25.04 -19.07
N GLN D 117 47.88 26.16 -18.71
CA GLN D 117 48.46 27.47 -18.98
C GLN D 117 49.21 28.14 -17.84
N ASP D 118 48.56 28.25 -16.68
CA ASP D 118 49.17 28.94 -15.55
C ASP D 118 49.96 28.07 -14.58
N PRO D 119 50.90 28.67 -13.85
CA PRO D 119 51.74 27.95 -12.89
C PRO D 119 51.00 27.25 -11.75
N ASP D 120 49.96 27.88 -11.22
CA ASP D 120 49.19 27.28 -10.11
C ASP D 120 47.80 26.88 -10.62
N THR D 121 47.78 25.96 -11.59
CA THR D 121 46.51 25.52 -12.15
C THR D 121 45.97 24.28 -11.44
N GLU D 122 44.67 24.30 -11.15
CA GLU D 122 44.01 23.15 -10.54
C GLU D 122 42.75 22.94 -11.35
N MET D 123 42.59 21.70 -11.82
CA MET D 123 41.48 21.27 -12.66
C MET D 123 40.77 20.18 -11.89
N THR D 124 39.49 20.38 -11.57
CA THR D 124 38.69 19.38 -10.89
C THR D 124 37.93 18.64 -11.99
N GLY D 125 38.03 17.32 -11.98
CA GLY D 125 37.34 16.54 -13.00
C GLY D 125 36.24 15.72 -12.35
N VAL D 126 35.08 15.70 -12.99
CA VAL D 126 33.97 14.88 -12.50
C VAL D 126 33.67 13.96 -13.68
N ILE D 127 33.89 12.67 -13.49
CA ILE D 127 33.68 11.68 -14.53
C ILE D 127 32.55 10.74 -14.11
N VAL D 128 31.64 10.48 -15.04
CA VAL D 128 30.49 9.63 -14.75
C VAL D 128 30.36 8.58 -15.85
N PRO D 129 30.23 7.31 -15.48
CA PRO D 129 30.18 6.75 -14.13
C PRO D 129 31.58 6.71 -13.48
N GLY D 130 31.63 6.24 -12.24
CA GLY D 130 32.90 6.16 -11.51
C GLY D 130 33.78 4.97 -11.87
N GLY D 131 35.07 5.06 -11.54
CA GLY D 131 36.00 3.97 -11.81
C GLY D 131 37.00 4.16 -12.94
N PHE D 132 36.86 5.24 -13.69
CA PHE D 132 37.76 5.51 -14.80
C PHE D 132 39.19 5.76 -14.31
N GLU D 133 39.33 6.18 -13.06
CA GLU D 133 40.64 6.53 -12.50
C GLU D 133 41.73 5.46 -12.60
N ASP D 134 41.35 4.21 -12.84
CA ASP D 134 42.32 3.12 -13.00
C ASP D 134 43.33 3.52 -14.08
N LEU D 135 42.87 4.27 -15.08
CA LEU D 135 43.76 4.72 -16.17
C LEU D 135 44.92 5.54 -15.62
N PHE D 136 44.63 6.44 -14.68
CA PHE D 136 45.71 7.27 -14.12
C PHE D 136 46.64 6.45 -13.23
N TYR D 137 46.10 5.48 -12.48
CA TYR D 137 46.99 4.64 -11.66
C TYR D 137 47.97 3.95 -12.61
N TYR D 138 47.44 3.40 -13.69
CA TYR D 138 48.21 2.63 -14.67
C TYR D 138 49.32 3.42 -15.35
N LEU D 139 48.93 4.50 -16.01
CA LEU D 139 49.91 5.35 -16.72
C LEU D 139 50.75 6.22 -15.77
N GLY D 140 50.26 6.44 -14.56
CA GLY D 140 50.99 7.28 -13.62
C GLY D 140 52.02 6.60 -12.73
N THR D 141 52.78 7.42 -12.01
CA THR D 141 53.76 6.93 -11.09
C THR D 141 53.29 7.35 -9.71
N ASN D 142 53.27 6.40 -8.77
CA ASN D 142 52.82 6.72 -7.44
C ASN D 142 53.59 7.91 -6.86
N ALA D 143 52.92 8.70 -6.02
CA ALA D 143 53.55 9.84 -5.37
C ALA D 143 53.23 9.80 -3.88
N THR D 144 54.26 9.64 -3.05
CA THR D 144 54.07 9.65 -1.61
C THR D 144 53.73 11.07 -1.16
N ASP D 145 54.39 12.05 -1.75
CA ASP D 145 54.17 13.48 -1.47
C ASP D 145 53.98 13.76 0.02
N THR D 146 55.02 13.47 0.77
CA THR D 146 54.98 13.63 2.21
C THR D 146 54.49 14.97 2.72
N THR D 147 54.91 16.05 2.07
CA THR D 147 54.55 17.40 2.49
C THR D 147 53.17 17.89 1.99
N HIS D 148 52.51 17.06 1.18
CA HIS D 148 51.22 17.40 0.57
C HIS D 148 51.33 18.64 -0.32
N THR D 149 52.47 18.81 -0.98
CA THR D 149 52.61 19.96 -1.88
C THR D 149 51.64 19.75 -3.05
N PRO D 150 50.97 20.82 -3.54
CA PRO D 150 50.01 20.64 -4.65
C PRO D 150 50.48 19.79 -5.81
N TYR D 151 51.65 20.09 -6.35
CA TYR D 151 52.25 19.26 -7.39
C TYR D 151 53.76 19.26 -7.13
N ILE D 152 54.47 18.31 -7.73
CA ILE D 152 55.91 18.20 -7.46
C ILE D 152 56.66 19.26 -8.25
N PRO D 153 57.41 20.14 -7.55
CA PRO D 153 58.15 21.20 -8.27
C PRO D 153 59.10 20.63 -9.32
N SER D 170 44.79 0.93 -29.77
CA SER D 170 45.86 0.90 -28.79
C SER D 170 45.42 0.11 -27.55
N THR D 171 46.32 0.01 -26.58
CA THR D 171 46.05 -0.72 -25.35
C THR D 171 45.19 0.09 -24.39
N LEU D 172 45.02 1.38 -24.70
CA LEU D 172 44.23 2.28 -23.87
C LEU D 172 42.72 2.10 -24.05
N GLN D 173 42.32 1.42 -25.12
CA GLN D 173 40.89 1.19 -25.35
C GLN D 173 40.28 0.39 -24.20
N SER D 174 41.13 -0.40 -23.54
CA SER D 174 40.69 -1.21 -22.40
C SER D 174 40.23 -0.30 -21.25
N PHE D 175 40.75 0.93 -21.23
CA PHE D 175 40.40 1.89 -20.18
C PHE D 175 39.37 2.90 -20.70
N ASP D 176 38.73 2.59 -21.82
CA ASP D 176 37.75 3.50 -22.43
C ASP D 176 38.39 4.80 -22.90
N VAL D 177 39.58 4.68 -23.48
CA VAL D 177 40.29 5.82 -24.05
C VAL D 177 40.58 5.44 -25.50
N TYR D 178 40.01 6.20 -26.44
CA TYR D 178 40.23 5.93 -27.86
C TYR D 178 40.96 7.11 -28.47
N ALA D 179 42.15 6.87 -28.98
CA ALA D 179 42.90 7.97 -29.56
C ALA D 179 42.24 8.48 -30.84
N GLU D 180 42.38 9.79 -31.07
CA GLU D 180 41.85 10.41 -32.27
C GLU D 180 43.10 11.07 -32.86
N LEU D 181 43.85 10.25 -33.60
CA LEU D 181 45.11 10.66 -34.21
C LEU D 181 45.01 11.70 -35.32
N SER D 182 43.84 11.84 -35.92
CA SER D 182 43.68 12.82 -36.98
C SER D 182 43.16 14.17 -36.45
N PHE D 183 42.91 14.25 -35.15
CA PHE D 183 42.41 15.48 -34.55
C PHE D 183 43.50 16.52 -34.40
N THR D 184 43.27 17.72 -34.93
CA THR D 184 44.24 18.79 -34.83
C THR D 184 43.63 19.94 -34.01
N PRO D 185 44.09 20.12 -32.76
CA PRO D 185 43.55 21.21 -31.92
C PRO D 185 43.72 22.54 -32.67
N ARG D 186 42.66 23.32 -32.79
CA ARG D 186 42.78 24.57 -33.52
C ARG D 186 43.69 25.54 -32.78
N THR D 187 44.44 26.33 -33.56
CA THR D 187 45.38 27.26 -32.98
C THR D 187 45.09 28.69 -33.40
N ASP D 188 43.81 29.02 -33.56
CA ASP D 188 43.40 30.36 -33.93
C ASP D 188 42.64 31.01 -32.78
N THR D 189 42.99 30.60 -31.56
CA THR D 189 42.36 31.13 -30.36
C THR D 189 42.64 32.63 -30.20
N VAL D 190 41.60 33.38 -29.87
CA VAL D 190 41.73 34.82 -29.62
C VAL D 190 40.84 35.13 -28.43
N ASN D 191 41.36 35.83 -27.42
CA ASN D 191 40.55 36.16 -26.25
C ASN D 191 39.95 34.94 -25.54
N GLY D 192 40.73 33.86 -25.50
CA GLY D 192 40.29 32.65 -24.80
C GLY D 192 39.27 31.79 -25.51
N THR D 193 39.04 32.01 -26.79
CA THR D 193 38.05 31.18 -27.50
C THR D 193 38.26 31.11 -29.02
N ALA D 194 37.68 30.06 -29.61
CA ALA D 194 37.67 29.85 -31.06
C ALA D 194 36.56 28.81 -31.27
N PRO D 195 35.77 28.94 -32.35
CA PRO D 195 35.81 29.98 -33.39
C PRO D 195 35.36 31.35 -32.88
N ALA D 196 35.50 32.36 -33.73
CA ALA D 196 35.16 33.75 -33.35
C ALA D 196 33.72 34.02 -32.95
N ASN D 197 32.77 33.30 -33.54
CA ASN D 197 31.37 33.54 -33.24
C ASN D 197 30.89 32.77 -32.01
N THR D 198 31.60 32.96 -30.91
CA THR D 198 31.25 32.30 -29.65
C THR D 198 31.25 33.35 -28.54
N VAL D 199 30.69 32.99 -27.39
CA VAL D 199 30.61 33.92 -26.28
C VAL D 199 31.41 33.35 -25.11
N TRP D 200 32.42 34.08 -24.66
CA TRP D 200 33.26 33.61 -23.57
C TRP D 200 33.71 34.77 -22.66
N HIS D 201 33.06 34.85 -21.50
CA HIS D 201 33.29 35.90 -20.50
C HIS D 201 32.81 37.25 -20.98
N THR D 202 31.99 37.23 -22.03
CA THR D 202 31.46 38.47 -22.62
C THR D 202 29.95 38.46 -22.75
N GLY D 203 29.30 37.46 -22.21
CA GLY D 203 27.86 37.38 -22.34
C GLY D 203 27.39 36.07 -21.78
N ALA D 204 26.08 35.89 -21.72
CA ALA D 204 25.52 34.66 -21.17
C ALA D 204 25.78 33.42 -22.03
N ASN D 205 25.93 32.29 -21.33
CA ASN D 205 26.14 31.00 -21.96
C ASN D 205 24.95 30.12 -21.61
N ALA D 206 24.56 29.26 -22.55
CA ALA D 206 23.45 28.35 -22.30
C ALA D 206 23.99 26.91 -22.35
N LEU D 207 23.37 26.02 -21.58
CA LEU D 207 23.75 24.62 -21.64
C LEU D 207 23.28 24.13 -23.01
N ALA D 208 23.99 23.19 -23.63
CA ALA D 208 23.59 22.67 -24.93
C ALA D 208 22.22 22.01 -24.85
N SER D 209 21.36 22.28 -25.83
CA SER D 209 20.05 21.67 -25.85
C SER D 209 20.18 20.34 -26.59
N THR D 210 21.27 20.18 -27.34
CA THR D 210 21.52 18.96 -28.12
C THR D 210 22.40 17.99 -27.33
N ALA D 211 21.86 16.83 -26.97
CA ALA D 211 22.62 15.82 -26.25
C ALA D 211 23.80 15.37 -27.10
N GLY D 212 24.93 15.09 -26.46
CA GLY D 212 26.14 14.68 -27.16
C GLY D 212 27.07 15.82 -27.57
N ASP D 213 26.60 17.06 -27.47
CA ASP D 213 27.43 18.19 -27.89
C ASP D 213 28.18 18.77 -26.71
N PRO D 214 29.43 19.17 -26.92
CA PRO D 214 30.18 19.75 -25.80
C PRO D 214 29.66 21.20 -25.65
N TYR D 215 29.95 21.82 -24.51
CA TYR D 215 29.54 23.21 -24.29
C TYR D 215 30.32 23.70 -23.09
N PHE D 216 30.38 25.02 -22.95
CA PHE D 216 31.16 25.64 -21.88
C PHE D 216 30.36 26.77 -21.22
N ILE D 217 30.59 26.96 -19.93
CA ILE D 217 29.94 27.99 -19.15
C ILE D 217 31.02 28.76 -18.40
N ALA D 218 31.13 30.05 -18.68
CA ALA D 218 32.13 30.89 -18.01
C ALA D 218 31.56 31.25 -16.64
N ASN D 219 32.43 31.41 -15.65
CA ASN D 219 32.01 31.70 -14.29
C ASN D 219 30.98 32.83 -14.15
N GLY D 220 29.79 32.45 -13.64
CA GLY D 220 28.71 33.40 -13.40
C GLY D 220 27.84 33.75 -14.60
N TRP D 221 28.17 33.21 -15.79
CA TRP D 221 27.45 33.56 -17.01
C TRP D 221 26.38 32.61 -17.50
N GLY D 222 26.22 31.48 -16.82
CA GLY D 222 25.23 30.50 -17.23
C GLY D 222 23.90 30.75 -16.54
N PRO D 223 22.89 29.93 -16.82
CA PRO D 223 21.59 30.13 -16.17
C PRO D 223 21.70 29.89 -14.67
N LYS D 224 20.94 30.68 -13.90
CA LYS D 224 20.92 30.60 -12.45
C LYS D 224 19.50 30.56 -11.90
N TYR D 225 19.35 29.95 -10.73
CA TYR D 225 18.04 29.85 -10.08
C TYR D 225 18.19 30.16 -8.61
N LEU D 226 17.30 31.00 -8.09
CA LEU D 226 17.34 31.36 -6.68
C LEU D 226 16.31 30.55 -5.90
N ASN D 227 16.75 29.83 -4.87
CA ASN D 227 15.83 29.10 -4.02
C ASN D 227 15.86 29.85 -2.68
N SER D 228 14.67 30.18 -2.17
CA SER D 228 14.58 30.95 -0.92
C SER D 228 13.89 30.20 0.20
N GLN D 229 13.87 28.88 0.08
CA GLN D 229 13.20 28.03 1.07
C GLN D 229 13.92 27.83 2.38
N TYR D 230 15.26 27.81 2.37
CA TYR D 230 16.02 27.56 3.61
C TYR D 230 17.19 28.53 3.67
N GLY D 231 16.90 29.79 3.39
CA GLY D 231 17.94 30.80 3.32
C GLY D 231 18.01 31.00 1.82
N TYR D 232 19.00 31.74 1.35
CA TYR D 232 19.13 31.97 -0.09
C TYR D 232 20.20 31.06 -0.67
N GLN D 233 19.84 30.37 -1.75
CA GLN D 233 20.77 29.48 -2.45
C GLN D 233 20.62 29.67 -3.93
N ILE D 234 21.73 29.88 -4.62
CA ILE D 234 21.66 30.09 -6.06
C ILE D 234 22.31 28.90 -6.74
N VAL D 235 21.52 28.20 -7.56
CA VAL D 235 22.02 27.04 -8.28
C VAL D 235 22.34 27.44 -9.69
N ALA D 236 23.56 27.11 -10.15
CA ALA D 236 23.99 27.40 -11.50
C ALA D 236 24.21 26.02 -12.13
N PRO D 237 23.21 25.50 -12.84
CA PRO D 237 23.34 24.17 -13.46
C PRO D 237 24.45 24.07 -14.49
N PHE D 238 25.13 22.92 -14.52
CA PHE D 238 26.17 22.68 -15.52
C PHE D 238 25.70 21.49 -16.37
N VAL D 239 25.10 20.49 -15.72
CA VAL D 239 24.56 19.30 -16.40
C VAL D 239 23.20 18.97 -15.80
N THR D 240 22.21 18.76 -16.66
CA THR D 240 20.87 18.37 -16.22
C THR D 240 20.53 17.11 -17.01
N ALA D 241 19.33 16.57 -16.80
CA ALA D 241 18.92 15.35 -17.50
C ALA D 241 19.05 15.47 -19.03
N THR D 242 18.76 16.66 -19.55
CA THR D 242 18.84 16.90 -21.00
C THR D 242 20.21 16.53 -21.55
N GLN D 243 21.26 16.92 -20.84
CA GLN D 243 22.61 16.62 -21.31
C GLN D 243 23.13 15.26 -20.83
N ALA D 244 22.76 14.85 -19.63
CA ALA D 244 23.26 13.58 -19.10
C ALA D 244 22.66 12.36 -19.79
N GLN D 245 21.38 12.48 -20.14
CA GLN D 245 20.64 11.37 -20.74
C GLN D 245 20.85 10.16 -19.83
N ASP D 246 21.19 8.98 -20.38
CA ASP D 246 21.33 7.82 -19.50
C ASP D 246 22.51 7.79 -18.53
N THR D 247 23.44 8.75 -18.60
CA THR D 247 24.54 8.72 -17.61
C THR D 247 23.92 9.09 -16.26
N ASN D 248 22.71 9.65 -16.31
CA ASN D 248 21.91 9.85 -15.12
C ASN D 248 22.55 10.55 -13.89
N TYR D 249 22.84 11.84 -14.04
CA TYR D 249 23.43 12.63 -12.96
C TYR D 249 23.20 14.11 -13.20
N THR D 250 23.53 14.92 -12.21
CA THR D 250 23.42 16.37 -12.33
C THR D 250 24.70 16.98 -11.76
N LEU D 251 25.06 18.15 -12.28
CA LEU D 251 26.27 18.84 -11.86
C LEU D 251 25.96 20.33 -11.86
N SER D 252 26.46 21.06 -10.88
CA SER D 252 26.17 22.50 -10.79
C SER D 252 27.02 23.10 -9.68
N THR D 253 26.89 24.40 -9.50
CA THR D 253 27.51 25.00 -8.32
C THR D 253 26.31 25.46 -7.48
N ILE D 254 26.48 25.48 -6.17
CA ILE D 254 25.42 25.98 -5.28
C ILE D 254 26.08 27.06 -4.41
N SER D 255 25.58 28.29 -4.51
CA SER D 255 26.08 29.41 -3.72
C SER D 255 25.06 29.52 -2.58
N MET D 256 25.56 29.80 -1.37
CA MET D 256 24.72 29.85 -0.19
C MET D 256 24.93 31.06 0.69
N SER D 257 23.82 31.49 1.29
CA SER D 257 23.87 32.58 2.26
C SER D 257 23.89 31.80 3.59
N THR D 258 23.98 32.52 4.71
CA THR D 258 23.92 31.87 6.02
C THR D 258 22.44 31.49 6.17
N THR D 259 22.12 30.70 7.17
CA THR D 259 20.73 30.29 7.39
C THR D 259 20.07 31.26 8.37
N PRO D 260 18.96 31.90 7.96
CA PRO D 260 18.27 32.86 8.85
C PRO D 260 17.92 32.18 10.17
N SER D 261 17.93 32.96 11.25
CA SER D 261 17.61 32.43 12.58
C SER D 261 16.21 31.86 12.64
N THR D 262 15.37 32.29 11.72
CA THR D 262 13.98 31.84 11.66
C THR D 262 13.78 30.60 10.77
N VAL D 263 14.87 30.06 10.24
CA VAL D 263 14.80 28.89 9.37
C VAL D 263 15.44 27.68 10.04
N THR D 264 14.79 26.53 9.91
CA THR D 264 15.35 25.30 10.46
C THR D 264 16.19 24.69 9.35
N VAL D 265 17.47 24.42 9.61
CA VAL D 265 18.33 23.80 8.58
C VAL D 265 17.67 22.48 8.22
N PRO D 266 17.31 22.29 6.94
CA PRO D 266 16.66 21.04 6.56
C PRO D 266 17.54 19.79 6.53
N THR D 267 16.88 18.64 6.66
CA THR D 267 17.55 17.35 6.59
C THR D 267 17.18 16.75 5.25
N TRP D 268 18.19 16.31 4.50
CA TRP D 268 17.98 15.76 3.18
C TRP D 268 18.32 14.28 3.08
N SER D 269 17.76 13.63 2.06
CA SER D 269 18.04 12.24 1.77
C SER D 269 17.61 12.03 0.33
N PHE D 270 18.52 11.54 -0.51
CA PHE D 270 18.20 11.29 -1.92
C PHE D 270 18.63 9.88 -2.27
N PRO D 271 18.02 9.29 -3.32
CA PRO D 271 18.33 7.91 -3.77
C PRO D 271 19.79 7.69 -4.17
N GLY D 272 20.32 8.65 -4.93
CA GLY D 272 21.69 8.53 -5.40
C GLY D 272 22.72 9.26 -4.56
N ALA D 273 23.95 8.76 -4.63
CA ALA D 273 25.04 9.38 -3.90
C ALA D 273 25.26 10.80 -4.43
N CYS D 274 25.84 11.65 -3.60
CA CYS D 274 26.15 12.99 -4.09
C CYS D 274 27.37 13.49 -3.35
N ALA D 275 27.98 14.55 -3.85
CA ALA D 275 29.18 15.07 -3.19
C ALA D 275 29.37 16.51 -3.56
N PHE D 276 30.14 17.22 -2.75
CA PHE D 276 30.46 18.58 -3.14
C PHE D 276 31.85 18.96 -2.68
N GLN D 277 32.46 19.87 -3.44
CA GLN D 277 33.77 20.42 -3.11
C GLN D 277 33.58 21.91 -2.91
N VAL D 278 33.98 22.42 -1.75
CA VAL D 278 33.86 23.85 -1.50
C VAL D 278 34.84 24.59 -2.40
N GLN D 279 34.36 25.65 -3.05
CA GLN D 279 35.21 26.48 -3.90
C GLN D 279 35.59 27.73 -3.12
N GLU D 280 34.58 28.36 -2.51
CA GLU D 280 34.78 29.57 -1.73
C GLU D 280 33.94 29.46 -0.47
N GLY D 281 34.48 29.90 0.66
CA GLY D 281 33.67 29.88 1.87
C GLY D 281 33.94 28.81 2.90
N ARG D 282 32.96 28.64 3.78
CA ARG D 282 33.08 27.69 4.88
C ARG D 282 31.70 27.07 5.05
N VAL D 283 31.64 25.76 4.83
CA VAL D 283 30.38 25.04 4.87
C VAL D 283 30.44 23.89 5.86
N VAL D 284 29.45 23.82 6.73
CA VAL D 284 29.40 22.75 7.72
C VAL D 284 28.50 21.64 7.18
N VAL D 285 28.97 20.41 7.25
CA VAL D 285 28.17 19.29 6.80
C VAL D 285 28.02 18.28 7.94
N GLN D 286 26.84 17.67 8.01
CA GLN D 286 26.52 16.65 9.02
C GLN D 286 25.88 15.51 8.22
N ILE D 287 26.51 14.35 8.26
CA ILE D 287 26.04 13.21 7.50
C ILE D 287 25.81 12.01 8.41
N GLY D 288 24.62 11.41 8.32
CA GLY D 288 24.34 10.26 9.15
C GLY D 288 24.63 10.49 10.63
N ASP D 289 25.32 9.55 11.26
CA ASP D 289 25.62 9.68 12.68
C ASP D 289 27.01 10.21 12.98
N TYR D 290 27.68 10.76 11.97
CA TYR D 290 29.01 11.28 12.22
C TYR D 290 28.96 12.71 12.76
N ALA D 291 30.04 13.11 13.41
CA ALA D 291 30.17 14.45 13.95
C ALA D 291 30.23 15.43 12.77
N ALA D 292 29.64 16.61 12.97
CA ALA D 292 29.63 17.64 11.94
C ALA D 292 31.05 18.14 11.70
N THR D 293 31.34 18.52 10.46
CA THR D 293 32.67 19.01 10.11
C THR D 293 32.52 20.26 9.26
N GLU D 294 33.42 21.24 9.46
CA GLU D 294 33.39 22.46 8.67
C GLU D 294 34.44 22.35 7.57
N LEU D 295 33.99 22.51 6.33
CA LEU D 295 34.84 22.41 5.16
C LEU D 295 35.29 23.78 4.69
N GLY D 296 36.53 23.83 4.19
CA GLY D 296 37.11 25.06 3.65
C GLY D 296 37.44 24.86 2.17
N SER D 297 38.23 25.75 1.57
CA SER D 297 38.47 25.59 0.14
C SER D 297 39.08 24.28 -0.30
N GLY D 298 38.45 23.71 -1.31
CA GLY D 298 38.91 22.47 -1.90
C GLY D 298 38.55 21.21 -1.15
N ASP D 299 38.00 21.34 0.05
CA ASP D 299 37.60 20.18 0.85
C ASP D 299 36.39 19.54 0.18
N VAL D 300 36.29 18.21 0.27
CA VAL D 300 35.20 17.45 -0.37
C VAL D 300 34.39 16.61 0.63
N ALA D 301 33.06 16.65 0.49
CA ALA D 301 32.15 15.85 1.33
C ALA D 301 31.45 14.86 0.42
N PHE D 302 31.36 13.60 0.87
CA PHE D 302 30.70 12.56 0.09
C PHE D 302 29.55 12.00 0.89
N ILE D 303 28.35 11.97 0.30
CA ILE D 303 27.14 11.47 0.98
C ILE D 303 26.53 10.26 0.25
N PRO D 304 26.58 9.07 0.87
CA PRO D 304 26.00 7.88 0.20
C PRO D 304 24.51 8.08 -0.10
N GLY D 305 24.04 7.44 -1.17
CA GLY D 305 22.62 7.54 -1.49
C GLY D 305 21.83 6.99 -0.30
N GLY D 306 20.68 7.58 -0.03
CA GLY D 306 19.85 7.12 1.08
C GLY D 306 20.29 7.55 2.47
N VAL D 307 21.42 8.23 2.58
CA VAL D 307 21.89 8.66 3.88
C VAL D 307 21.45 10.11 4.14
N GLU D 308 20.93 10.39 5.33
CA GLU D 308 20.48 11.74 5.67
C GLU D 308 21.63 12.68 5.93
N PHE D 309 21.48 13.92 5.51
CA PHE D 309 22.52 14.92 5.73
C PHE D 309 21.95 16.32 5.85
N LYS D 310 22.73 17.19 6.46
CA LYS D 310 22.36 18.59 6.65
C LYS D 310 23.60 19.41 6.35
N TYR D 311 23.42 20.61 5.81
CA TYR D 311 24.56 21.47 5.57
C TYR D 311 24.11 22.92 5.69
N TYR D 312 25.05 23.79 6.04
CA TYR D 312 24.76 25.21 6.12
C TYR D 312 26.07 25.98 6.00
N SER D 313 25.97 27.22 5.54
CA SER D 313 27.15 28.06 5.37
C SER D 313 27.46 28.86 6.62
N GLU D 314 28.69 28.76 7.08
CA GLU D 314 29.17 29.49 8.25
C GLU D 314 29.68 30.82 7.69
N ALA D 315 30.20 30.79 6.47
CA ALA D 315 30.67 32.04 5.84
C ALA D 315 29.41 32.79 5.35
N TYR D 316 29.50 34.12 5.22
CA TYR D 316 28.36 34.89 4.77
C TYR D 316 27.95 34.54 3.35
N PHE D 317 28.89 33.98 2.59
CA PHE D 317 28.66 33.54 1.21
C PHE D 317 29.62 32.39 0.95
N SER D 318 29.09 31.28 0.46
CA SER D 318 29.90 30.13 0.12
C SER D 318 29.45 29.63 -1.25
N LYS D 319 30.36 28.98 -1.97
CA LYS D 319 30.03 28.42 -3.28
C LYS D 319 30.70 27.05 -3.34
N VAL D 320 29.93 26.03 -3.70
CA VAL D 320 30.46 24.67 -3.83
C VAL D 320 30.14 24.10 -5.21
N LEU D 321 30.95 23.14 -5.64
CA LEU D 321 30.74 22.42 -6.89
C LEU D 321 29.98 21.19 -6.40
N PHE D 322 28.83 20.91 -7.02
CA PHE D 322 27.98 19.81 -6.58
C PHE D 322 27.68 18.77 -7.65
N VAL D 323 27.80 17.48 -7.29
CA VAL D 323 27.51 16.40 -8.24
C VAL D 323 26.57 15.40 -7.57
N SER D 324 25.60 14.90 -8.34
CA SER D 324 24.64 13.95 -7.80
C SER D 324 24.27 12.86 -8.80
N SER D 325 24.17 11.63 -8.31
CA SER D 325 23.75 10.50 -9.15
C SER D 325 22.22 10.53 -9.11
N GLY D 326 21.60 10.44 -10.29
CA GLY D 326 20.15 10.49 -10.38
C GLY D 326 19.74 11.76 -11.13
N SER D 327 18.44 11.91 -11.40
CA SER D 327 17.98 13.09 -12.13
C SER D 327 17.40 14.16 -11.21
N ASP D 328 17.15 13.81 -9.96
CA ASP D 328 16.54 14.74 -9.03
C ASP D 328 17.19 14.88 -7.67
N GLY D 329 18.51 15.07 -7.67
CA GLY D 329 19.23 15.25 -6.42
C GLY D 329 19.04 16.67 -5.88
N LEU D 330 19.82 17.00 -4.86
CA LEU D 330 19.74 18.31 -4.22
C LEU D 330 19.68 19.53 -5.14
N ASP D 331 20.56 19.61 -6.12
CA ASP D 331 20.53 20.80 -6.97
C ASP D 331 19.26 20.95 -7.80
N GLN D 332 18.79 19.86 -8.38
CA GLN D 332 17.56 19.91 -9.18
C GLN D 332 16.37 20.22 -8.28
N ASN D 333 16.42 19.71 -7.05
CA ASN D 333 15.37 19.95 -6.08
C ASN D 333 15.27 21.45 -5.74
N LEU D 334 16.42 22.07 -5.50
CA LEU D 334 16.45 23.49 -5.19
C LEU D 334 16.01 24.31 -6.40
N VAL D 335 16.38 23.87 -7.61
CA VAL D 335 15.96 24.59 -8.82
C VAL D 335 14.43 24.53 -8.97
N ASN D 336 13.88 23.32 -8.86
CA ASN D 336 12.42 23.16 -9.01
C ASN D 336 11.62 23.98 -7.98
N GLY D 337 12.16 24.11 -6.77
CA GLY D 337 11.47 24.89 -5.75
C GLY D 337 11.86 26.36 -5.74
N GLY D 338 12.60 26.79 -6.75
CA GLY D 338 13.03 28.18 -6.84
C GLY D 338 12.49 28.96 -8.03
N GLU D 339 13.24 29.97 -8.46
CA GLU D 339 12.85 30.82 -9.57
C GLU D 339 14.06 31.24 -10.38
N GLU D 340 13.83 31.62 -11.64
CA GLU D 340 14.89 32.08 -12.51
C GLU D 340 15.52 33.29 -11.83
N TRP D 341 16.84 33.39 -11.87
CA TRP D 341 17.51 34.50 -11.20
C TRP D 341 18.66 34.98 -12.09
N SER D 342 18.80 36.29 -12.23
CA SER D 342 19.83 36.82 -13.12
C SER D 342 21.06 37.45 -12.46
N SER D 343 21.42 36.99 -11.27
CA SER D 343 22.59 37.51 -10.57
C SER D 343 23.30 36.40 -9.79
N VAL D 344 24.60 36.59 -9.55
CA VAL D 344 25.36 35.62 -8.75
C VAL D 344 25.21 35.95 -7.25
N SER D 345 24.60 37.09 -6.95
CA SER D 345 24.36 37.53 -5.57
C SER D 345 22.89 37.34 -5.23
N PHE D 346 22.60 37.02 -3.97
CA PHE D 346 21.21 36.84 -3.54
C PHE D 346 20.67 38.18 -2.98
N PRO D 347 19.36 38.27 -2.70
CA PRO D 347 18.79 39.51 -2.17
C PRO D 347 19.47 40.04 -0.91
N ALA D 348 19.46 41.37 -0.73
CA ALA D 348 20.08 41.99 0.43
C ALA D 348 19.21 41.92 1.68
N ASP D 349 17.95 41.54 1.48
CA ASP D 349 17.00 41.43 2.60
C ASP D 349 16.38 40.05 2.62
N TRP D 350 16.05 39.59 3.82
CA TRP D 350 15.43 38.29 4.00
C TRP D 350 13.95 38.32 3.59
#